data_3W0L
#
_entry.id   3W0L
#
_cell.length_a   109.318
_cell.length_b   130.030
_cell.length_c   175.117
_cell.angle_alpha   90.00
_cell.angle_beta   90.00
_cell.angle_gamma   90.00
#
_symmetry.space_group_name_H-M   'P 21 21 21'
#
loop_
_entity.id
_entity.type
_entity.pdbx_description
1 polymer Glucokinase
2 polymer 'Glucokinase regulatory protein'
3 non-polymer 'SULFATE ION'
4 non-polymer 'SODIUM ION'
5 non-polymer 'FRUCTOSE -6-PHOSPHATE'
6 water water
#
loop_
_entity_poly.entity_id
_entity_poly.type
_entity_poly.pdbx_seq_one_letter_code
_entity_poly.pdbx_strand_id
1 'polypeptide(L)'
;METFDQNEVDQILSEFHLQEEDLHVLMCRMQAEMERGLHLETNEEASVKMLPTYVRSTPDGSEVGDFLALDLGGTNFRVM
LVKVGEDLEGQWKVETKHKMYSIPVDAMTGTAEMLFDYIAECISDYLDQQNMKHKKLPLGFTFSFPVRHEDIDKGILLNW
TKGFKASGAEGNNVVGLLRDAIKRRGDFEMDVVAMVNDTVATMISCYYEDHHCEVGLIVGTGCNACYMEEMSNVELVEGE
EGRMCVNTEWGAFGDTGELEDFRLEYDRVVDEASLNPGQQLYEKMIGGKYMGELVRLVLIKMVNENLLFGGESSEKLKTR
GAFETQFVSQIEADTSDFKQTLNILRTLGVQATIGDCHAVRLACESVSTRAAIMCSAGLAGILNRMRQSRREELLRITVG
VDGSVYKLHPSFKDKFHATVLKLTSGCEITFIQSEEGSGRGAALISAVAYKMAVMIGH
;
A,C
2 'polypeptide(L)'
;MRGTRKYQHVIETPDPGKWELAGYEESLPISEKSNPMTRELDKADPSQLVQLLRDCDAEIFQEEDENLIHYHRLYSESVL
KTMGDVAKRVQEVLKNPDDSLVVLSGCGTSGRLALLLANSFNGLLKGLHKTPCYCYIMSGGDRSIVTSQESSEDNPQLGA
QELEKVCEGKKNVLFIGISCGLSAPFIAGQLDFCMRHLDVYLPVLVGFNPVSMARNERIEGWHSSFRQVAERLQTLHDSQ
KGFILNPAVGPEGVSGSSRMKGGSATKILLETLLLVAHKAESNVPVTEKCLLEILRTYERAHKVTYSQSKKIAALMKQTA
TSLQKKGHLYILGWGTLGLVGIMDAVECVPTYQADWRDVRGFITGGYHSIENKEGDLSSLGPQFSISHEDFVKNVLPSVS
ETDTVLLIFTLDDDLNQIEKLVALVKEKTSNIQVICHATAGQYLPNSLKKTIPSIIGLTWPILFLEYEGAFIQKFQRELS
TKWILDTVTSGAYTLRGKIFRNFMVDFKINNSKLFHRATSVLQRLTGQSQQRCTEVLLQSIYGEQTLSEQIRNTTIAGHV
EAAASQDKVLPVAIVSLLRSCTIQDSRSRINSSLSIRSAIESSMNVPGRKRGAEDSESR
;
B,D
#
# COMPACT_ATOMS: atom_id res chain seq x y z
N GLN A 6 -56.56 5.62 24.31
CA GLN A 6 -56.59 6.94 23.71
C GLN A 6 -55.69 7.91 24.47
N ASN A 7 -56.13 8.31 25.65
CA ASN A 7 -55.35 9.21 26.49
C ASN A 7 -54.26 8.44 27.22
N GLU A 8 -54.47 7.14 27.38
CA GLU A 8 -53.50 6.27 28.05
C GLU A 8 -52.22 6.14 27.23
N VAL A 9 -52.36 6.03 25.92
CA VAL A 9 -51.20 5.92 25.03
C VAL A 9 -50.54 7.28 24.83
N ASP A 10 -51.30 8.34 25.05
CA ASP A 10 -50.76 9.69 24.96
C ASP A 10 -49.94 10.01 26.20
N GLN A 11 -50.28 9.39 27.32
CA GLN A 11 -49.57 9.60 28.58
C GLN A 11 -48.28 8.79 28.61
N ILE A 12 -48.27 7.67 27.91
CA ILE A 12 -47.08 6.82 27.82
C ILE A 12 -46.04 7.45 26.90
N LEU A 13 -46.49 7.99 25.78
CA LEU A 13 -45.59 8.57 24.79
C LEU A 13 -45.20 10.01 25.12
N SER A 14 -45.79 10.56 26.18
CA SER A 14 -45.51 11.94 26.57
C SER A 14 -44.19 12.07 27.32
N GLU A 15 -43.66 10.95 27.80
CA GLU A 15 -42.38 10.94 28.51
C GLU A 15 -41.23 11.32 27.57
N PHE A 16 -41.44 11.13 26.27
CA PHE A 16 -40.43 11.45 25.27
C PHE A 16 -40.49 12.92 24.87
N HIS A 17 -41.62 13.56 25.16
CA HIS A 17 -41.82 14.96 24.80
C HIS A 17 -40.89 15.88 25.59
N LEU A 18 -40.39 16.92 24.93
CA LEU A 18 -39.54 17.92 25.56
C LEU A 18 -39.92 19.31 25.07
N GLN A 19 -40.10 20.23 26.01
CA GLN A 19 -40.47 21.60 25.67
C GLN A 19 -39.24 22.40 25.22
N GLU A 20 -39.48 23.59 24.69
CA GLU A 20 -38.41 24.44 24.18
C GLU A 20 -37.45 24.84 25.29
N GLU A 21 -37.97 24.96 26.50
CA GLU A 21 -37.17 25.31 27.66
C GLU A 21 -36.22 24.16 28.04
N ASP A 22 -36.70 22.93 27.88
CA ASP A 22 -35.90 21.74 28.19
C ASP A 22 -34.76 21.56 27.20
N LEU A 23 -34.99 21.94 25.94
CA LEU A 23 -33.96 21.84 24.92
C LEU A 23 -32.86 22.86 25.19
N HIS A 24 -33.20 23.93 25.87
CA HIS A 24 -32.25 25.00 26.17
C HIS A 24 -31.20 24.55 27.20
N VAL A 25 -31.66 23.90 28.26
CA VAL A 25 -30.75 23.39 29.28
C VAL A 25 -29.89 22.26 28.72
N LEU A 26 -30.45 21.49 27.79
CA LEU A 26 -29.73 20.40 27.17
C LEU A 26 -28.54 20.90 26.37
N MET A 27 -28.72 22.00 25.65
CA MET A 27 -27.66 22.54 24.82
C MET A 27 -26.63 23.31 25.65
N CYS A 28 -27.09 23.87 26.78
CA CYS A 28 -26.19 24.59 27.68
C CYS A 28 -25.34 23.61 28.47
N ARG A 29 -25.92 22.45 28.80
CA ARG A 29 -25.20 21.41 29.52
C ARG A 29 -24.20 20.73 28.58
N MET A 30 -24.52 20.75 27.29
CA MET A 30 -23.62 20.25 26.28
C MET A 30 -22.39 21.16 26.17
N GLN A 31 -22.65 22.47 26.14
CA GLN A 31 -21.58 23.46 26.06
C GLN A 31 -20.61 23.36 27.23
N ALA A 32 -21.15 23.04 28.40
CA ALA A 32 -20.33 22.90 29.61
C ALA A 32 -19.38 21.71 29.50
N GLU A 33 -19.88 20.61 28.95
CA GLU A 33 -19.05 19.41 28.77
C GLU A 33 -18.01 19.61 27.68
N MET A 34 -18.31 20.48 26.73
CA MET A 34 -17.36 20.81 25.67
C MET A 34 -16.19 21.60 26.25
N GLU A 35 -16.51 22.61 27.06
CA GLU A 35 -15.50 23.43 27.72
C GLU A 35 -14.65 22.58 28.68
N ARG A 36 -15.28 21.62 29.32
CA ARG A 36 -14.61 20.77 30.30
C ARG A 36 -13.62 19.83 29.61
N GLY A 37 -13.97 19.40 28.39
CA GLY A 37 -13.12 18.50 27.63
C GLY A 37 -11.97 19.23 26.95
N LEU A 38 -12.18 20.49 26.64
CA LEU A 38 -11.16 21.31 25.99
C LEU A 38 -10.03 21.69 26.95
N HIS A 39 -10.35 21.73 28.24
CA HIS A 39 -9.35 22.08 29.25
C HIS A 39 -8.46 20.89 29.61
N LEU A 40 -7.16 21.13 29.64
CA LEU A 40 -6.18 20.08 29.91
C LEU A 40 -6.32 19.51 31.32
N GLU A 41 -6.77 20.36 32.25
CA GLU A 41 -6.92 19.96 33.65
C GLU A 41 -7.96 18.86 33.83
N THR A 42 -9.13 19.05 33.24
CA THR A 42 -10.27 18.17 33.48
C THR A 42 -10.66 17.31 32.27
N ASN A 43 -9.75 17.20 31.30
CA ASN A 43 -10.00 16.39 30.12
C ASN A 43 -10.05 14.89 30.45
N GLU A 44 -9.32 14.51 31.49
CA GLU A 44 -9.22 13.11 31.89
C GLU A 44 -10.55 12.54 32.36
N GLU A 45 -11.29 13.34 33.14
CA GLU A 45 -12.51 12.87 33.76
C GLU A 45 -13.76 13.35 33.01
N ALA A 46 -13.56 14.16 31.98
CA ALA A 46 -14.67 14.69 31.19
C ALA A 46 -15.31 13.60 30.34
N SER A 47 -16.63 13.68 30.19
CA SER A 47 -17.36 12.70 29.38
C SER A 47 -17.16 12.96 27.89
N VAL A 48 -17.04 14.23 27.53
CA VAL A 48 -16.79 14.62 26.14
C VAL A 48 -15.32 14.99 25.99
N LYS A 49 -14.58 14.17 25.25
CA LYS A 49 -13.12 14.32 25.16
C LYS A 49 -12.65 15.53 24.37
N MET A 50 -13.42 15.92 23.35
CA MET A 50 -13.05 17.02 22.47
C MET A 50 -11.67 16.80 21.85
N LEU A 51 -11.48 15.63 21.26
CA LEU A 51 -10.17 15.24 20.73
C LEU A 51 -9.71 16.11 19.56
N PRO A 52 -8.48 16.63 19.65
CA PRO A 52 -7.84 17.39 18.58
C PRO A 52 -7.47 16.49 17.41
N THR A 53 -7.39 17.06 16.21
CA THR A 53 -7.05 16.28 15.01
C THR A 53 -5.86 16.90 14.29
N TYR A 54 -5.58 16.40 13.10
CA TYR A 54 -4.52 16.97 12.26
C TYR A 54 -5.10 17.96 11.26
N VAL A 55 -6.42 18.00 11.18
CA VAL A 55 -7.10 18.95 10.30
C VAL A 55 -7.03 20.35 10.91
N ARG A 56 -6.20 21.21 10.33
CA ARG A 56 -5.91 22.51 10.93
C ARG A 56 -5.59 23.59 9.91
N SER A 57 -5.87 24.84 10.28
CA SER A 57 -5.46 25.98 9.49
C SER A 57 -4.46 26.81 10.31
N THR A 58 -3.20 26.40 10.26
CA THR A 58 -2.15 27.00 11.07
C THR A 58 -1.23 27.86 10.22
N PRO A 59 -0.49 28.79 10.84
CA PRO A 59 0.45 29.64 10.09
C PRO A 59 1.67 28.88 9.57
N ASP A 60 1.80 27.60 9.90
CA ASP A 60 2.95 26.82 9.45
C ASP A 60 2.76 26.29 8.03
N GLY A 61 1.65 26.67 7.40
CA GLY A 61 1.38 26.29 6.03
C GLY A 61 0.20 25.36 5.86
N SER A 62 -0.17 24.67 6.94
CA SER A 62 -1.26 23.70 6.89
C SER A 62 -2.62 24.37 6.70
N GLU A 63 -3.50 23.70 5.95
CA GLU A 63 -4.83 24.21 5.68
C GLU A 63 -5.87 23.10 5.82
N VAL A 64 -7.13 23.48 6.04
CA VAL A 64 -8.21 22.52 6.06
C VAL A 64 -8.40 21.95 4.66
N GLY A 65 -8.34 20.62 4.54
CA GLY A 65 -8.44 19.97 3.25
C GLY A 65 -7.16 19.24 2.90
N ASP A 66 -6.08 19.57 3.60
CA ASP A 66 -4.83 18.85 3.45
C ASP A 66 -5.01 17.44 3.99
N PHE A 67 -4.67 16.44 3.19
CA PHE A 67 -4.95 15.05 3.55
C PHE A 67 -4.01 14.07 2.85
N LEU A 68 -3.67 13.00 3.57
CA LEU A 68 -2.93 11.89 3.00
C LEU A 68 -3.82 10.66 2.96
N ALA A 69 -4.28 10.31 1.76
CA ALA A 69 -5.19 9.19 1.60
C ALA A 69 -4.45 7.89 1.29
N LEU A 70 -4.82 6.82 1.99
CA LEU A 70 -4.19 5.53 1.80
C LEU A 70 -5.22 4.49 1.35
N ASP A 71 -4.88 3.75 0.30
CA ASP A 71 -5.81 2.79 -0.28
C ASP A 71 -5.11 1.49 -0.68
N LEU A 72 -5.46 0.40 0.02
CA LEU A 72 -4.91 -0.91 -0.30
C LEU A 72 -5.94 -1.73 -1.07
N GLY A 73 -5.50 -2.41 -2.12
CA GLY A 73 -6.37 -3.24 -2.92
C GLY A 73 -5.63 -4.38 -3.60
N GLY A 74 -5.78 -5.58 -3.04
CA GLY A 74 -5.08 -6.74 -3.57
C GLY A 74 -3.61 -6.71 -3.22
N THR A 75 -2.79 -6.27 -4.17
CA THR A 75 -1.37 -6.09 -3.92
C THR A 75 -0.93 -4.69 -4.31
N ASN A 76 -1.91 -3.81 -4.50
CA ASN A 76 -1.65 -2.42 -4.86
C ASN A 76 -1.89 -1.47 -3.69
N PHE A 77 -0.98 -0.52 -3.52
CA PHE A 77 -1.09 0.46 -2.46
C PHE A 77 -0.94 1.87 -3.02
N ARG A 78 -1.96 2.70 -2.81
CA ARG A 78 -1.98 4.04 -3.37
C ARG A 78 -1.94 5.12 -2.30
N VAL A 79 -0.84 5.86 -2.26
CA VAL A 79 -0.73 7.02 -1.39
C VAL A 79 -1.13 8.27 -2.16
N MET A 80 -2.05 9.06 -1.58
CA MET A 80 -2.51 10.26 -2.26
C MET A 80 -2.28 11.52 -1.42
N LEU A 81 -1.55 12.47 -1.98
CA LEU A 81 -1.26 13.72 -1.29
C LEU A 81 -2.23 14.81 -1.75
N VAL A 82 -3.02 15.31 -0.81
CA VAL A 82 -3.97 16.38 -1.11
C VAL A 82 -3.54 17.66 -0.40
N LYS A 83 -3.32 18.72 -1.16
CA LYS A 83 -2.90 20.00 -0.60
C LYS A 83 -3.76 21.14 -1.13
N VAL A 84 -4.29 21.95 -0.21
CA VAL A 84 -5.11 23.09 -0.61
C VAL A 84 -4.42 24.41 -0.24
N GLY A 85 -4.76 25.47 -0.96
CA GLY A 85 -4.18 26.77 -0.74
C GLY A 85 -4.58 27.76 -1.82
N GLU A 86 -3.82 28.84 -1.94
CA GLU A 86 -4.11 29.87 -2.93
C GLU A 86 -3.21 29.74 -4.15
N ASP A 87 -3.67 30.27 -5.28
CA ASP A 87 -2.88 30.31 -6.49
C ASP A 87 -2.25 31.69 -6.66
N LEU A 88 -1.97 32.08 -7.90
CA LEU A 88 -1.38 33.38 -8.17
C LEU A 88 -2.35 34.51 -7.88
N GLU A 89 -3.61 34.30 -8.24
CA GLU A 89 -4.66 35.30 -8.03
C GLU A 89 -5.05 35.37 -6.56
N GLY A 90 -4.71 34.32 -5.81
CA GLY A 90 -5.04 34.25 -4.40
C GLY A 90 -6.37 33.55 -4.16
N GLN A 91 -6.93 33.01 -5.23
CA GLN A 91 -8.19 32.27 -5.16
C GLN A 91 -7.98 30.87 -4.60
N TRP A 92 -9.04 30.30 -4.04
CA TRP A 92 -8.97 28.98 -3.43
C TRP A 92 -8.63 27.91 -4.46
N LYS A 93 -7.79 26.95 -4.05
CA LYS A 93 -7.32 25.91 -4.95
C LYS A 93 -6.87 24.67 -4.20
N VAL A 94 -7.17 23.49 -4.76
CA VAL A 94 -6.76 22.23 -4.16
C VAL A 94 -6.01 21.37 -5.19
N GLU A 95 -4.93 20.73 -4.75
CA GLU A 95 -4.12 19.90 -5.63
C GLU A 95 -4.12 18.44 -5.20
N THR A 96 -3.83 17.56 -6.14
CA THR A 96 -3.81 16.12 -5.86
C THR A 96 -2.64 15.42 -6.54
N LYS A 97 -1.91 14.61 -5.77
CA LYS A 97 -0.80 13.84 -6.30
C LYS A 97 -0.84 12.42 -5.72
N HIS A 98 -0.29 11.45 -6.44
CA HIS A 98 -0.28 10.08 -5.96
C HIS A 98 0.87 9.24 -6.50
N LYS A 99 0.98 8.01 -6.00
CA LYS A 99 2.02 7.08 -6.40
C LYS A 99 1.61 5.65 -6.03
N MET A 100 1.86 4.71 -6.93
CA MET A 100 1.45 3.33 -6.71
C MET A 100 2.58 2.47 -6.14
N TYR A 101 2.19 1.45 -5.37
CA TYR A 101 3.15 0.54 -4.76
C TYR A 101 2.70 -0.91 -4.89
N SER A 102 3.66 -1.84 -4.90
CA SER A 102 3.35 -3.25 -4.99
C SER A 102 3.73 -3.98 -3.71
N ILE A 103 2.72 -4.47 -2.99
CA ILE A 103 2.95 -5.20 -1.75
C ILE A 103 3.65 -6.52 -2.04
N PRO A 104 4.76 -6.78 -1.35
CA PRO A 104 5.48 -8.07 -1.48
C PRO A 104 4.57 -9.23 -1.10
N VAL A 105 4.75 -10.37 -1.74
CA VAL A 105 3.94 -11.56 -1.47
C VAL A 105 4.13 -12.03 -0.03
N ASP A 106 5.33 -11.83 0.51
CA ASP A 106 5.65 -12.22 1.87
C ASP A 106 4.87 -11.36 2.87
N ALA A 107 4.76 -10.07 2.56
CA ALA A 107 4.09 -9.12 3.44
C ALA A 107 2.58 -9.35 3.48
N MET A 108 2.04 -9.87 2.39
CA MET A 108 0.60 -10.12 2.30
C MET A 108 0.20 -11.34 3.12
N THR A 109 1.05 -12.36 3.11
CA THR A 109 0.79 -13.59 3.85
C THR A 109 1.34 -13.50 5.27
N GLY A 110 2.34 -12.64 5.45
CA GLY A 110 2.95 -12.45 6.76
C GLY A 110 2.00 -11.79 7.74
N THR A 111 2.43 -11.69 9.00
CA THR A 111 1.62 -11.08 10.04
C THR A 111 1.33 -9.60 9.76
N ALA A 112 0.37 -9.05 10.49
CA ALA A 112 -0.04 -7.66 10.30
C ALA A 112 1.10 -6.67 10.53
N GLU A 113 2.06 -7.08 11.35
CA GLU A 113 3.22 -6.23 11.66
C GLU A 113 4.01 -5.88 10.40
N MET A 114 4.43 -6.91 9.65
CA MET A 114 5.24 -6.69 8.46
C MET A 114 4.44 -6.11 7.30
N LEU A 115 3.11 -6.17 7.41
CA LEU A 115 2.25 -5.51 6.43
C LEU A 115 2.32 -4.00 6.62
N PHE A 116 2.08 -3.57 7.85
CA PHE A 116 2.12 -2.15 8.19
C PHE A 116 3.55 -1.60 8.16
N ASP A 117 4.52 -2.49 8.30
CA ASP A 117 5.93 -2.11 8.16
C ASP A 117 6.21 -1.65 6.73
N TYR A 118 5.68 -2.40 5.77
CA TYR A 118 5.83 -2.05 4.37
C TYR A 118 4.98 -0.83 4.03
N ILE A 119 3.80 -0.76 4.64
CA ILE A 119 2.91 0.39 4.45
C ILE A 119 3.58 1.67 4.91
N ALA A 120 4.12 1.64 6.13
CA ALA A 120 4.82 2.79 6.68
C ALA A 120 6.05 3.14 5.85
N GLU A 121 6.65 2.12 5.25
CA GLU A 121 7.81 2.31 4.39
C GLU A 121 7.45 3.09 3.13
N CYS A 122 6.29 2.76 2.55
CA CYS A 122 5.81 3.45 1.36
C CYS A 122 5.42 4.89 1.69
N ILE A 123 4.83 5.08 2.87
CA ILE A 123 4.44 6.40 3.33
C ILE A 123 5.65 7.30 3.52
N SER A 124 6.67 6.79 4.20
CA SER A 124 7.90 7.53 4.45
C SER A 124 8.59 7.89 3.15
N ASP A 125 8.55 6.97 2.19
CA ASP A 125 9.24 7.15 0.92
C ASP A 125 8.60 8.25 0.08
N TYR A 126 7.27 8.29 0.07
CA TYR A 126 6.56 9.27 -0.73
C TYR A 126 6.54 10.64 -0.06
N LEU A 127 6.55 10.65 1.28
CA LEU A 127 6.56 11.90 2.03
C LEU A 127 7.91 12.60 1.90
N ASP A 128 8.99 11.83 1.84
CA ASP A 128 10.32 12.38 1.63
C ASP A 128 10.45 12.93 0.22
N GLN A 129 9.87 12.22 -0.74
CA GLN A 129 9.89 12.63 -2.14
C GLN A 129 9.14 13.94 -2.33
N GLN A 130 8.10 14.14 -1.53
CA GLN A 130 7.30 15.37 -1.61
C GLN A 130 7.67 16.34 -0.48
N ASN A 131 8.64 15.94 0.34
CA ASN A 131 9.16 16.78 1.41
C ASN A 131 8.10 17.24 2.41
N MET A 132 7.27 16.29 2.87
CA MET A 132 6.25 16.58 3.87
C MET A 132 6.16 15.48 4.90
N LYS A 133 7.31 14.97 5.32
CA LYS A 133 7.37 13.82 6.23
C LYS A 133 6.98 14.17 7.65
N HIS A 134 7.23 15.42 8.04
CA HIS A 134 6.97 15.85 9.41
C HIS A 134 5.93 16.96 9.49
N LYS A 135 5.09 17.07 8.46
CA LYS A 135 4.06 18.10 8.43
C LYS A 135 2.80 17.66 9.20
N LYS A 136 2.79 16.40 9.63
CA LYS A 136 1.66 15.83 10.35
C LYS A 136 0.32 16.08 9.65
N LEU A 137 0.09 15.35 8.56
CA LEU A 137 -1.13 15.51 7.78
C LEU A 137 -2.21 14.54 8.26
N PRO A 138 -3.48 14.96 8.16
CA PRO A 138 -4.62 14.09 8.47
C PRO A 138 -4.56 12.80 7.66
N LEU A 139 -4.80 11.66 8.33
CA LEU A 139 -4.60 10.37 7.70
C LEU A 139 -5.90 9.59 7.55
N GLY A 140 -5.97 8.75 6.53
CA GLY A 140 -7.15 7.94 6.27
C GLY A 140 -6.82 6.66 5.53
N PHE A 141 -7.50 5.58 5.89
CA PHE A 141 -7.22 4.27 5.31
C PHE A 141 -8.43 3.66 4.63
N THR A 142 -8.20 3.08 3.45
CA THR A 142 -9.23 2.33 2.75
C THR A 142 -8.68 0.95 2.38
N PHE A 143 -9.26 -0.08 2.98
CA PHE A 143 -8.77 -1.45 2.78
C PHE A 143 -9.66 -2.26 1.84
N SER A 144 -9.05 -3.26 1.20
CA SER A 144 -9.77 -4.21 0.36
C SER A 144 -8.89 -5.43 0.07
N PHE A 145 -8.82 -6.34 1.04
CA PHE A 145 -7.98 -7.52 0.92
C PHE A 145 -8.65 -8.61 0.09
N PRO A 146 -7.84 -9.47 -0.56
CA PRO A 146 -8.37 -10.58 -1.36
C PRO A 146 -9.24 -11.52 -0.55
N VAL A 147 -10.16 -12.21 -1.22
CA VAL A 147 -11.07 -13.14 -0.56
C VAL A 147 -10.44 -14.52 -0.42
N ARG A 148 -10.36 -15.02 0.80
CA ARG A 148 -9.75 -16.31 1.08
C ARG A 148 -10.78 -17.43 1.05
N ASN A 172 -8.54 2.27 16.85
CA ASN A 172 -7.46 1.79 17.71
C ASN A 172 -6.70 0.63 17.09
N ASN A 173 -7.37 -0.12 16.21
CA ASN A 173 -6.75 -1.28 15.58
C ASN A 173 -5.81 -0.87 14.45
N VAL A 174 -6.35 -0.19 13.43
CA VAL A 174 -5.57 0.22 12.27
C VAL A 174 -4.54 1.30 12.62
N VAL A 175 -4.96 2.29 13.41
CA VAL A 175 -4.06 3.38 13.79
C VAL A 175 -2.98 2.89 14.76
N GLY A 176 -3.32 1.92 15.60
CA GLY A 176 -2.37 1.35 16.53
C GLY A 176 -1.28 0.55 15.84
N LEU A 177 -1.66 -0.19 14.80
CA LEU A 177 -0.73 -1.01 14.06
C LEU A 177 0.22 -0.16 13.20
N LEU A 178 -0.30 0.95 12.70
CA LEU A 178 0.52 1.88 11.90
C LEU A 178 1.50 2.63 12.78
N ARG A 179 1.03 3.02 13.97
CA ARG A 179 1.88 3.69 14.96
C ARG A 179 3.05 2.81 15.35
N ASP A 180 2.77 1.53 15.61
CA ASP A 180 3.79 0.57 15.98
C ASP A 180 4.82 0.39 14.88
N ALA A 181 4.36 0.48 13.63
CA ALA A 181 5.23 0.36 12.47
C ALA A 181 6.16 1.56 12.37
N ILE A 182 5.62 2.73 12.65
CA ILE A 182 6.40 3.97 12.61
C ILE A 182 7.38 4.00 13.79
N LYS A 183 6.95 3.47 14.92
CA LYS A 183 7.82 3.38 16.10
C LYS A 183 9.00 2.44 15.84
N ARG A 184 8.74 1.35 15.14
CA ARG A 184 9.80 0.39 14.81
C ARG A 184 10.87 1.01 13.91
N ARG A 185 10.44 1.91 13.03
CA ARG A 185 11.38 2.67 12.21
C ARG A 185 12.06 3.72 13.09
N GLY A 186 11.36 4.81 13.35
CA GLY A 186 11.84 5.84 14.25
C GLY A 186 12.38 7.08 13.56
N ASP A 187 12.07 7.23 12.28
CA ASP A 187 12.54 8.37 11.51
C ASP A 187 11.52 9.51 11.48
N PHE A 188 10.33 9.26 12.02
CA PHE A 188 9.30 10.28 12.18
C PHE A 188 8.27 9.86 13.22
N GLU A 189 7.34 10.76 13.54
CA GLU A 189 6.39 10.53 14.62
C GLU A 189 4.93 10.71 14.19
N MET A 190 4.05 9.90 14.74
CA MET A 190 2.62 10.02 14.50
C MET A 190 1.84 9.89 15.81
N ASP A 191 0.75 10.62 15.92
CA ASP A 191 -0.08 10.57 17.12
C ASP A 191 -1.31 9.68 16.93
N VAL A 192 -1.99 9.37 18.02
CA VAL A 192 -3.16 8.50 17.97
C VAL A 192 -4.35 9.17 17.29
N VAL A 193 -4.30 10.49 17.17
CA VAL A 193 -5.39 11.25 16.59
C VAL A 193 -5.11 11.61 15.14
N ALA A 194 -4.06 11.02 14.57
CA ALA A 194 -3.66 11.30 13.20
C ALA A 194 -4.75 10.89 12.21
N MET A 195 -5.32 9.71 12.41
CA MET A 195 -6.39 9.22 11.54
C MET A 195 -7.72 9.88 11.84
N VAL A 196 -8.30 10.50 10.83
CA VAL A 196 -9.61 11.14 10.97
C VAL A 196 -10.71 10.08 10.95
N ASN A 197 -11.86 10.42 11.51
CA ASN A 197 -13.02 9.53 11.44
C ASN A 197 -13.93 9.95 10.29
N ASP A 198 -15.08 9.28 10.19
CA ASP A 198 -16.00 9.54 9.09
C ASP A 198 -16.69 10.90 9.25
N THR A 199 -16.80 11.37 10.50
CA THR A 199 -17.41 12.66 10.76
C THR A 199 -16.54 13.79 10.24
N VAL A 200 -15.25 13.74 10.56
CA VAL A 200 -14.30 14.74 10.09
C VAL A 200 -14.19 14.67 8.56
N ALA A 201 -14.24 13.45 8.03
CA ALA A 201 -14.17 13.26 6.59
C ALA A 201 -15.36 13.89 5.88
N THR A 202 -16.50 13.96 6.58
CA THR A 202 -17.69 14.61 6.03
C THR A 202 -17.46 16.12 5.93
N MET A 203 -16.83 16.68 6.95
CA MET A 203 -16.57 18.12 6.99
C MET A 203 -15.63 18.55 5.87
N ILE A 204 -14.55 17.80 5.71
CA ILE A 204 -13.56 18.10 4.67
C ILE A 204 -14.16 17.97 3.28
N SER A 205 -14.95 16.92 3.08
CA SER A 205 -15.58 16.65 1.80
C SER A 205 -16.52 17.78 1.38
N CYS A 206 -17.30 18.27 2.34
CA CYS A 206 -18.24 19.35 2.08
C CYS A 206 -17.51 20.68 1.97
N TYR A 207 -16.36 20.77 2.63
CA TYR A 207 -15.56 21.99 2.59
C TYR A 207 -14.99 22.23 1.20
N TYR A 208 -14.64 21.15 0.51
CA TYR A 208 -14.08 21.23 -0.84
C TYR A 208 -15.04 21.91 -1.81
N GLU A 209 -16.33 21.85 -1.52
CA GLU A 209 -17.35 22.41 -2.40
C GLU A 209 -17.96 23.69 -1.83
N ASP A 210 -18.07 23.76 -0.51
CA ASP A 210 -18.55 24.96 0.16
C ASP A 210 -17.61 25.29 1.33
N HIS A 211 -16.80 26.33 1.14
CA HIS A 211 -15.74 26.64 2.10
C HIS A 211 -16.26 27.29 3.38
N HIS A 212 -17.58 27.46 3.47
CA HIS A 212 -18.20 27.96 4.68
C HIS A 212 -18.50 26.80 5.63
N CYS A 213 -18.24 25.59 5.16
CA CYS A 213 -18.47 24.40 5.97
C CYS A 213 -17.37 24.23 7.02
N GLU A 214 -17.73 24.43 8.28
CA GLU A 214 -16.78 24.31 9.38
C GLU A 214 -17.35 23.42 10.48
N VAL A 215 -18.37 22.63 10.14
CA VAL A 215 -18.99 21.70 11.06
C VAL A 215 -19.35 20.40 10.35
N GLY A 216 -18.93 19.28 10.93
CA GLY A 216 -19.28 17.97 10.40
C GLY A 216 -20.18 17.22 11.36
N LEU A 217 -21.16 16.50 10.82
CA LEU A 217 -22.12 15.78 11.65
C LEU A 217 -22.61 14.49 10.99
N ILE A 218 -22.56 13.40 11.72
CA ILE A 218 -23.11 12.14 11.25
C ILE A 218 -24.14 11.59 12.24
N VAL A 219 -25.36 11.41 11.76
CA VAL A 219 -26.42 10.85 12.59
C VAL A 219 -26.90 9.54 11.96
N GLY A 220 -26.10 8.49 12.11
CA GLY A 220 -26.44 7.19 11.59
C GLY A 220 -26.65 6.20 12.71
N THR A 221 -25.99 5.04 12.62
CA THR A 221 -26.05 4.04 13.68
C THR A 221 -25.50 4.65 14.96
N GLY A 222 -24.43 5.42 14.82
CA GLY A 222 -23.89 6.21 15.92
C GLY A 222 -24.07 7.68 15.64
N CYS A 223 -23.59 8.52 16.53
CA CYS A 223 -23.70 9.97 16.33
C CYS A 223 -22.47 10.72 16.85
N ASN A 224 -21.88 11.54 15.98
CA ASN A 224 -20.71 12.32 16.35
C ASN A 224 -20.69 13.65 15.61
N ALA A 225 -19.91 14.60 16.12
CA ALA A 225 -19.81 15.92 15.51
C ALA A 225 -18.40 16.48 15.61
N CYS A 226 -18.03 17.30 14.62
CA CYS A 226 -16.74 17.97 14.63
C CYS A 226 -16.90 19.40 14.13
N TYR A 227 -16.08 20.30 14.67
CA TYR A 227 -16.18 21.72 14.31
C TYR A 227 -14.81 22.40 14.37
N MET A 228 -14.68 23.50 13.65
CA MET A 228 -13.43 24.26 13.65
C MET A 228 -13.33 25.14 14.90
N GLU A 229 -12.50 24.73 15.84
CA GLU A 229 -12.30 25.46 17.08
C GLU A 229 -11.03 26.32 17.00
N GLU A 230 -11.06 27.48 17.65
CA GLU A 230 -9.88 28.33 17.73
C GLU A 230 -8.76 27.57 18.43
N MET A 231 -7.54 27.70 17.89
CA MET A 231 -6.39 26.99 18.43
C MET A 231 -6.13 27.36 19.88
N SER A 232 -6.40 28.62 20.23
CA SER A 232 -6.17 29.11 21.58
C SER A 232 -7.12 28.46 22.59
N ASN A 233 -8.26 27.97 22.12
CA ASN A 233 -9.22 27.32 22.98
C ASN A 233 -8.88 25.84 23.22
N VAL A 234 -8.10 25.27 22.31
CA VAL A 234 -7.70 23.86 22.43
C VAL A 234 -6.42 23.73 23.25
N GLU A 235 -6.57 23.31 24.50
CA GLU A 235 -5.42 23.17 25.40
C GLU A 235 -4.70 21.84 25.20
N LEU A 236 -5.25 20.98 24.36
CA LEU A 236 -4.62 19.68 24.09
C LEU A 236 -3.68 19.77 22.90
N VAL A 237 -3.52 21.00 22.38
CA VAL A 237 -2.56 21.27 21.32
C VAL A 237 -1.74 22.49 21.67
N GLU A 238 -0.44 22.32 21.82
CA GLU A 238 0.44 23.43 22.18
C GLU A 238 0.58 24.40 21.01
N GLY A 239 -0.42 25.29 20.89
CA GLY A 239 -0.44 26.29 19.85
C GLY A 239 -1.46 27.35 20.23
N GLU A 240 -1.27 28.57 19.75
CA GLU A 240 -2.15 29.67 20.13
C GLU A 240 -2.80 30.32 18.93
N GLU A 241 -2.27 30.04 17.74
CA GLU A 241 -2.74 30.71 16.53
C GLU A 241 -3.29 29.74 15.50
N GLY A 242 -4.40 30.13 14.88
CA GLY A 242 -5.02 29.32 13.84
C GLY A 242 -6.27 28.60 14.32
N ARG A 243 -6.75 27.66 13.51
CA ARG A 243 -7.92 26.86 13.85
C ARG A 243 -7.63 25.38 13.66
N MET A 244 -8.42 24.54 14.30
CA MET A 244 -8.27 23.09 14.16
C MET A 244 -9.60 22.37 14.35
N CYS A 245 -9.83 21.35 13.54
CA CYS A 245 -11.04 20.54 13.65
C CYS A 245 -11.02 19.70 14.92
N VAL A 246 -12.04 19.87 15.76
CA VAL A 246 -12.13 19.14 17.00
C VAL A 246 -13.17 18.01 16.93
N ASN A 247 -12.69 16.78 16.98
CA ASN A 247 -13.54 15.60 17.05
C ASN A 247 -14.12 15.45 18.45
N THR A 248 -15.37 15.86 18.62
CA THR A 248 -15.98 15.96 19.95
C THR A 248 -16.13 14.61 20.67
N GLU A 249 -16.52 13.58 19.91
CA GLU A 249 -16.90 12.29 20.48
C GLU A 249 -18.02 12.51 21.50
N TRP A 250 -19.04 13.27 21.10
CA TRP A 250 -20.07 13.72 22.02
C TRP A 250 -21.12 12.65 22.32
N GLY A 251 -20.90 11.44 21.83
CA GLY A 251 -21.81 10.34 22.09
C GLY A 251 -21.75 9.93 23.56
N ALA A 252 -20.62 10.20 24.20
CA ALA A 252 -20.42 9.86 25.60
C ALA A 252 -20.97 10.96 26.52
N PHE A 253 -21.69 11.91 25.94
CA PHE A 253 -22.32 12.97 26.72
C PHE A 253 -23.34 12.35 27.69
N GLY A 254 -23.15 12.61 28.97
CA GLY A 254 -24.04 12.07 29.98
C GLY A 254 -23.45 10.90 30.75
N ASP A 255 -22.26 10.47 30.34
CA ASP A 255 -21.57 9.36 31.01
C ASP A 255 -21.21 9.70 32.45
N THR A 256 -21.14 10.99 32.76
CA THR A 256 -20.81 11.44 34.11
C THR A 256 -22.06 11.87 34.88
N GLY A 257 -23.23 11.49 34.37
CA GLY A 257 -24.47 11.68 35.10
C GLY A 257 -25.19 12.99 34.86
N GLU A 258 -24.68 13.81 33.94
CA GLU A 258 -25.30 15.10 33.67
C GLU A 258 -26.45 15.01 32.68
N LEU A 259 -26.94 13.79 32.45
CA LEU A 259 -28.02 13.58 31.51
C LEU A 259 -29.09 12.69 32.11
N GLU A 260 -28.99 12.43 33.41
CA GLU A 260 -29.86 11.47 34.08
C GLU A 260 -31.31 11.96 34.19
N ASP A 261 -31.50 13.27 34.17
CA ASP A 261 -32.85 13.84 34.23
C ASP A 261 -33.45 14.05 32.85
N PHE A 262 -32.88 13.39 31.85
CA PHE A 262 -33.41 13.40 30.50
C PHE A 262 -33.67 11.98 30.01
N ARG A 263 -33.07 11.01 30.70
CA ARG A 263 -33.18 9.61 30.32
C ARG A 263 -34.39 8.94 30.96
N LEU A 264 -35.19 8.28 30.14
CA LEU A 264 -36.38 7.59 30.61
C LEU A 264 -36.04 6.17 31.06
N GLU A 265 -37.06 5.44 31.52
CA GLU A 265 -36.85 4.07 31.99
C GLU A 265 -36.46 3.14 30.86
N TYR A 266 -36.99 3.41 29.66
CA TYR A 266 -36.67 2.60 28.49
C TYR A 266 -35.19 2.74 28.13
N ASP A 267 -34.67 3.97 28.28
CA ASP A 267 -33.28 4.24 27.99
C ASP A 267 -32.35 3.47 28.92
N ARG A 268 -32.76 3.32 30.17
CA ARG A 268 -31.94 2.62 31.17
C ARG A 268 -31.95 1.12 30.95
N VAL A 269 -33.09 0.58 30.50
CA VAL A 269 -33.20 -0.83 30.19
C VAL A 269 -32.32 -1.17 28.99
N VAL A 270 -32.34 -0.29 27.99
CA VAL A 270 -31.50 -0.44 26.81
C VAL A 270 -30.03 -0.40 27.16
N ASP A 271 -29.65 0.52 28.03
CA ASP A 271 -28.27 0.69 28.45
C ASP A 271 -27.73 -0.55 29.17
N GLU A 272 -28.47 -1.02 30.18
CA GLU A 272 -28.03 -2.14 30.98
C GLU A 272 -28.00 -3.45 30.18
N ALA A 273 -28.78 -3.50 29.11
CA ALA A 273 -28.84 -4.70 28.28
C ALA A 273 -27.81 -4.68 27.16
N SER A 274 -27.07 -3.58 27.06
CA SER A 274 -26.05 -3.43 26.02
C SER A 274 -24.72 -4.04 26.43
N LEU A 275 -23.70 -3.83 25.62
CA LEU A 275 -22.38 -4.38 25.88
C LEU A 275 -21.48 -3.39 26.63
N ASN A 276 -21.98 -2.18 26.83
CA ASN A 276 -21.25 -1.15 27.57
C ASN A 276 -22.14 -0.40 28.56
N PRO A 277 -22.46 -1.04 29.70
CA PRO A 277 -23.36 -0.50 30.72
C PRO A 277 -22.85 0.83 31.30
N GLY A 278 -23.43 1.93 30.85
CA GLY A 278 -23.09 3.23 31.41
C GLY A 278 -22.38 4.15 30.44
N GLN A 279 -21.97 3.61 29.30
CA GLN A 279 -21.22 4.38 28.31
C GLN A 279 -22.07 4.76 27.10
N GLN A 280 -21.73 5.88 26.47
CA GLN A 280 -22.38 6.35 25.26
C GLN A 280 -23.88 6.59 25.44
N LEU A 281 -24.25 7.23 26.55
CA LEU A 281 -25.66 7.44 26.87
C LEU A 281 -26.40 8.34 25.87
N TYR A 282 -25.78 9.46 25.53
CA TYR A 282 -26.37 10.42 24.59
C TYR A 282 -26.56 9.79 23.22
N GLU A 283 -25.62 8.93 22.84
CA GLU A 283 -25.64 8.28 21.53
C GLU A 283 -26.74 7.22 21.49
N LYS A 284 -27.08 6.67 22.65
CA LYS A 284 -28.10 5.63 22.74
C LYS A 284 -29.51 6.22 22.73
N MET A 285 -29.60 7.54 22.72
CA MET A 285 -30.89 8.21 22.72
C MET A 285 -31.19 8.85 21.37
N ILE A 286 -30.13 9.30 20.68
CA ILE A 286 -30.29 9.98 19.40
C ILE A 286 -29.75 9.16 18.24
N GLY A 287 -29.09 8.04 18.56
CA GLY A 287 -28.54 7.17 17.54
C GLY A 287 -29.57 6.18 17.05
N GLY A 288 -29.34 5.64 15.85
CA GLY A 288 -30.27 4.70 15.26
C GLY A 288 -30.07 3.27 15.71
N LYS A 289 -29.01 3.03 16.47
CA LYS A 289 -28.67 1.67 16.91
C LYS A 289 -29.75 1.09 17.81
N TYR A 290 -30.19 1.87 18.78
CA TYR A 290 -31.19 1.41 19.74
C TYR A 290 -32.53 2.12 19.53
N MET A 291 -32.75 2.61 18.32
CA MET A 291 -34.00 3.29 18.00
C MET A 291 -35.15 2.29 17.97
N GLY A 292 -34.93 1.17 17.30
CA GLY A 292 -35.94 0.12 17.22
C GLY A 292 -36.18 -0.55 18.56
N GLU A 293 -35.13 -0.63 19.38
CA GLU A 293 -35.23 -1.23 20.69
C GLU A 293 -36.09 -0.39 21.64
N LEU A 294 -35.96 0.93 21.52
CA LEU A 294 -36.76 1.84 22.34
C LEU A 294 -38.23 1.76 21.96
N VAL A 295 -38.50 1.68 20.66
CA VAL A 295 -39.86 1.53 20.16
C VAL A 295 -40.45 0.20 20.63
N ARG A 296 -39.63 -0.84 20.63
CA ARG A 296 -40.07 -2.16 21.06
C ARG A 296 -40.49 -2.18 22.52
N LEU A 297 -39.64 -1.59 23.38
CA LEU A 297 -39.92 -1.53 24.81
C LEU A 297 -41.23 -0.79 25.10
N VAL A 298 -41.46 0.28 24.35
CA VAL A 298 -42.69 1.06 24.48
C VAL A 298 -43.90 0.23 24.04
N LEU A 299 -43.73 -0.51 22.95
CA LEU A 299 -44.78 -1.39 22.45
C LEU A 299 -45.16 -2.44 23.49
N ILE A 300 -44.14 -3.07 24.08
CA ILE A 300 -44.37 -4.07 25.13
C ILE A 300 -45.07 -3.44 26.34
N LYS A 301 -44.68 -2.21 26.65
CA LYS A 301 -45.31 -1.47 27.75
C LYS A 301 -46.81 -1.30 27.52
N MET A 302 -47.18 -1.00 26.28
CA MET A 302 -48.58 -0.81 25.93
C MET A 302 -49.35 -2.12 25.92
N VAL A 303 -48.69 -3.19 25.48
CA VAL A 303 -49.30 -4.51 25.44
C VAL A 303 -49.65 -5.01 26.85
N ASN A 304 -48.73 -4.79 27.79
CA ASN A 304 -48.96 -5.18 29.18
C ASN A 304 -50.07 -4.36 29.83
N GLU A 305 -50.32 -3.17 29.29
CA GLU A 305 -51.37 -2.29 29.81
C GLU A 305 -52.68 -2.46 29.03
N ASN A 306 -52.75 -3.52 28.23
CA ASN A 306 -53.92 -3.81 27.40
C ASN A 306 -54.31 -2.65 26.48
N LEU A 307 -53.31 -1.98 25.92
CA LEU A 307 -53.54 -0.87 25.00
C LEU A 307 -53.15 -1.25 23.58
N LEU A 308 -52.61 -2.46 23.42
CA LEU A 308 -52.10 -2.88 22.13
C LEU A 308 -52.19 -4.39 21.93
N PHE A 309 -52.62 -4.79 20.74
CA PHE A 309 -52.62 -6.19 20.33
C PHE A 309 -53.48 -7.12 21.18
N GLY A 310 -54.43 -6.55 21.93
CA GLY A 310 -55.33 -7.34 22.74
C GLY A 310 -54.75 -7.76 24.08
N GLY A 311 -53.49 -7.40 24.31
CA GLY A 311 -52.84 -7.69 25.58
C GLY A 311 -51.82 -8.80 25.49
N GLU A 312 -51.60 -9.31 24.29
CA GLU A 312 -50.64 -10.39 24.08
C GLU A 312 -49.81 -10.16 22.82
N SER A 313 -48.50 -10.32 22.95
CA SER A 313 -47.59 -10.21 21.82
C SER A 313 -46.96 -11.55 21.52
N SER A 314 -46.42 -11.69 20.31
CA SER A 314 -45.75 -12.93 19.92
C SER A 314 -44.45 -13.08 20.69
N GLU A 315 -43.91 -14.29 20.69
CA GLU A 315 -42.65 -14.56 21.38
C GLU A 315 -41.49 -13.85 20.69
N LYS A 316 -41.68 -13.53 19.42
CA LYS A 316 -40.67 -12.83 18.64
C LYS A 316 -40.51 -11.38 19.13
N LEU A 317 -41.64 -10.70 19.33
CA LEU A 317 -41.62 -9.29 19.73
C LEU A 317 -41.03 -9.10 21.13
N LYS A 318 -41.08 -10.13 21.95
CA LYS A 318 -40.56 -10.05 23.32
C LYS A 318 -39.07 -10.36 23.39
N THR A 319 -38.43 -10.52 22.23
CA THR A 319 -37.00 -10.77 22.17
C THR A 319 -36.24 -9.49 21.81
N ARG A 320 -35.08 -9.31 22.45
CA ARG A 320 -34.28 -8.10 22.25
C ARG A 320 -33.72 -8.01 20.83
N GLY A 321 -34.02 -6.91 20.16
CA GLY A 321 -33.49 -6.66 18.82
C GLY A 321 -34.41 -7.12 17.71
N ALA A 322 -35.60 -7.57 18.07
CA ALA A 322 -36.56 -8.05 17.09
C ALA A 322 -37.15 -6.92 16.26
N PHE A 323 -37.37 -5.77 16.90
CA PHE A 323 -37.90 -4.62 16.20
C PHE A 323 -36.74 -3.79 15.65
N GLU A 324 -36.45 -3.98 14.37
CA GLU A 324 -35.34 -3.32 13.71
C GLU A 324 -35.57 -1.82 13.57
N THR A 325 -34.49 -1.07 13.39
CA THR A 325 -34.58 0.38 13.25
C THR A 325 -35.18 0.77 11.91
N GLN A 326 -34.92 -0.04 10.88
CA GLN A 326 -35.48 0.21 9.56
C GLN A 326 -37.01 0.13 9.58
N PHE A 327 -37.55 -0.67 10.49
CA PHE A 327 -38.99 -0.79 10.66
C PHE A 327 -39.57 0.58 11.04
N VAL A 328 -38.92 1.24 11.99
CA VAL A 328 -39.35 2.56 12.46
C VAL A 328 -39.39 3.57 11.33
N SER A 329 -38.39 3.54 10.46
CA SER A 329 -38.31 4.45 9.34
C SER A 329 -39.44 4.21 8.33
N GLN A 330 -39.77 2.94 8.13
CA GLN A 330 -40.79 2.57 7.16
C GLN A 330 -42.20 2.91 7.64
N ILE A 331 -42.47 2.64 8.92
CA ILE A 331 -43.76 2.93 9.51
C ILE A 331 -44.06 4.44 9.47
N GLU A 332 -43.00 5.24 9.63
CA GLU A 332 -43.15 6.69 9.64
C GLU A 332 -43.32 7.24 8.23
N ALA A 333 -43.10 6.39 7.23
CA ALA A 333 -43.23 6.78 5.84
C ALA A 333 -44.30 5.97 5.11
N ASP A 334 -45.28 5.49 5.87
CA ASP A 334 -46.32 4.65 5.31
C ASP A 334 -47.62 5.42 5.12
N THR A 335 -48.47 4.92 4.22
CA THR A 335 -49.76 5.56 3.94
C THR A 335 -50.73 5.39 5.09
N SER A 336 -51.92 5.97 4.94
CA SER A 336 -52.94 5.93 6.00
C SER A 336 -53.60 4.56 6.11
N ASP A 337 -53.41 3.73 5.08
CA ASP A 337 -53.98 2.39 5.09
C ASP A 337 -53.05 1.40 5.80
N PHE A 338 -51.89 1.90 6.21
CA PHE A 338 -50.90 1.12 6.95
C PHE A 338 -50.48 -0.16 6.22
N LYS A 339 -50.19 -0.03 4.93
CA LYS A 339 -49.79 -1.17 4.10
C LYS A 339 -48.51 -1.81 4.62
N GLN A 340 -47.46 -1.01 4.74
CA GLN A 340 -46.17 -1.49 5.19
C GLN A 340 -46.18 -1.81 6.68
N THR A 341 -46.92 -1.02 7.45
CA THR A 341 -47.02 -1.21 8.89
C THR A 341 -47.62 -2.57 9.23
N LEU A 342 -48.72 -2.92 8.56
CA LEU A 342 -49.35 -4.21 8.75
C LEU A 342 -48.44 -5.35 8.29
N ASN A 343 -47.68 -5.08 7.23
CA ASN A 343 -46.76 -6.08 6.67
C ASN A 343 -45.65 -6.43 7.65
N ILE A 344 -45.11 -5.41 8.31
CA ILE A 344 -44.03 -5.60 9.28
C ILE A 344 -44.52 -6.34 10.52
N LEU A 345 -45.65 -5.89 11.07
CA LEU A 345 -46.22 -6.48 12.26
C LEU A 345 -46.71 -7.91 12.01
N ARG A 346 -47.05 -8.20 10.76
CA ARG A 346 -47.41 -9.56 10.37
C ARG A 346 -46.20 -10.48 10.48
N THR A 347 -45.05 -9.97 10.05
CA THR A 347 -43.81 -10.73 10.09
C THR A 347 -43.38 -10.97 11.54
N LEU A 348 -43.67 -10.00 12.40
CA LEU A 348 -43.37 -10.14 13.82
C LEU A 348 -44.33 -11.11 14.50
N GLY A 349 -45.35 -11.54 13.77
CA GLY A 349 -46.28 -12.55 14.24
C GLY A 349 -47.45 -11.98 15.01
N VAL A 350 -47.96 -10.84 14.57
CA VAL A 350 -49.09 -10.20 15.23
C VAL A 350 -50.08 -9.60 14.22
N GLN A 351 -51.33 -10.03 14.29
CA GLN A 351 -52.39 -9.41 13.50
C GLN A 351 -52.84 -8.11 14.18
N ALA A 352 -52.38 -6.99 13.64
CA ALA A 352 -52.68 -5.69 14.22
C ALA A 352 -53.93 -5.07 13.60
N THR A 353 -54.66 -4.30 14.41
CA THR A 353 -55.80 -3.56 13.92
C THR A 353 -55.33 -2.22 13.38
N ILE A 354 -56.24 -1.47 12.77
CA ILE A 354 -55.92 -0.14 12.27
C ILE A 354 -55.56 0.79 13.43
N GLY A 355 -56.26 0.61 14.56
CA GLY A 355 -55.99 1.38 15.75
C GLY A 355 -54.65 1.01 16.37
N ASP A 356 -54.26 -0.25 16.22
CA ASP A 356 -52.97 -0.72 16.71
C ASP A 356 -51.83 -0.09 15.90
N CYS A 357 -51.96 -0.13 14.58
CA CYS A 357 -50.96 0.44 13.68
C CYS A 357 -50.80 1.93 13.92
N HIS A 358 -51.89 2.60 14.26
CA HIS A 358 -51.87 4.01 14.59
C HIS A 358 -51.07 4.25 15.86
N ALA A 359 -51.23 3.35 16.82
CA ALA A 359 -50.52 3.45 18.09
C ALA A 359 -49.04 3.14 17.93
N VAL A 360 -48.73 2.20 17.04
CA VAL A 360 -47.34 1.84 16.77
C VAL A 360 -46.61 2.98 16.07
N ARG A 361 -47.27 3.61 15.11
CA ARG A 361 -46.68 4.73 14.38
C ARG A 361 -46.37 5.91 15.31
N LEU A 362 -47.29 6.20 16.22
CA LEU A 362 -47.09 7.26 17.20
C LEU A 362 -45.91 6.94 18.10
N ALA A 363 -45.72 5.66 18.39
CA ALA A 363 -44.59 5.21 19.20
C ALA A 363 -43.28 5.40 18.45
N CYS A 364 -43.29 5.08 17.16
CA CYS A 364 -42.13 5.30 16.30
C CYS A 364 -41.86 6.80 16.16
N GLU A 365 -42.94 7.56 16.04
CA GLU A 365 -42.86 9.01 15.91
C GLU A 365 -42.27 9.65 17.17
N SER A 366 -42.69 9.17 18.33
CA SER A 366 -42.26 9.72 19.60
C SER A 366 -40.77 9.57 19.85
N VAL A 367 -40.25 8.37 19.58
CA VAL A 367 -38.84 8.08 19.80
C VAL A 367 -37.93 8.84 18.83
N SER A 368 -38.29 8.82 17.55
CA SER A 368 -37.48 9.48 16.53
C SER A 368 -37.48 10.99 16.70
N THR A 369 -38.58 11.54 17.21
CA THR A 369 -38.70 12.98 17.41
C THR A 369 -37.77 13.45 18.52
N ARG A 370 -37.71 12.68 19.61
CA ARG A 370 -36.82 13.00 20.72
C ARG A 370 -35.37 12.95 20.27
N ALA A 371 -35.06 11.99 19.41
CA ALA A 371 -33.73 11.84 18.86
C ALA A 371 -33.36 13.05 18.00
N ALA A 372 -34.35 13.59 17.30
CA ALA A 372 -34.13 14.71 16.40
C ALA A 372 -33.92 16.03 17.13
N ILE A 373 -34.70 16.25 18.20
CA ILE A 373 -34.62 17.50 18.94
C ILE A 373 -33.40 17.57 19.86
N MET A 374 -32.99 16.43 20.40
CA MET A 374 -31.82 16.38 21.27
C MET A 374 -30.54 16.51 20.46
N CYS A 375 -30.53 15.91 19.28
CA CYS A 375 -29.40 16.03 18.37
C CYS A 375 -29.31 17.45 17.85
N SER A 376 -30.46 18.13 17.78
CA SER A 376 -30.51 19.51 17.35
C SER A 376 -29.93 20.42 18.42
N ALA A 377 -30.25 20.14 19.67
CA ALA A 377 -29.76 20.92 20.81
C ALA A 377 -28.24 20.85 20.87
N GLY A 378 -27.70 19.66 20.65
CA GLY A 378 -26.26 19.47 20.65
C GLY A 378 -25.57 20.31 19.61
N LEU A 379 -26.06 20.24 18.38
CA LEU A 379 -25.47 20.99 17.27
C LEU A 379 -25.63 22.50 17.48
N ALA A 380 -26.78 22.90 18.02
CA ALA A 380 -27.04 24.32 18.29
C ALA A 380 -26.07 24.85 19.33
N GLY A 381 -25.72 24.00 20.31
CA GLY A 381 -24.78 24.37 21.33
C GLY A 381 -23.39 24.62 20.77
N ILE A 382 -23.02 23.85 19.74
CA ILE A 382 -21.75 24.04 19.07
C ILE A 382 -21.75 25.32 18.26
N LEU A 383 -22.81 25.51 17.46
CA LEU A 383 -22.93 26.70 16.61
C LEU A 383 -22.97 27.98 17.43
N ASN A 384 -23.69 27.95 18.55
CA ASN A 384 -23.77 29.12 19.43
C ASN A 384 -22.43 29.41 20.08
N ARG A 385 -21.65 28.36 20.32
CA ARG A 385 -20.31 28.51 20.89
C ARG A 385 -19.38 29.21 19.90
N MET A 386 -19.41 28.75 18.65
CA MET A 386 -18.59 29.33 17.59
C MET A 386 -18.94 30.80 17.37
N ARG A 387 -20.24 31.09 17.39
CA ARG A 387 -20.73 32.46 17.22
C ARG A 387 -20.20 33.36 18.34
N GLN A 388 -20.24 32.85 19.56
CA GLN A 388 -19.82 33.61 20.73
C GLN A 388 -18.29 33.74 20.77
N SER A 389 -17.60 32.77 20.20
CA SER A 389 -16.14 32.76 20.22
C SER A 389 -15.52 33.53 19.07
N ARG A 390 -16.32 33.81 18.04
CA ARG A 390 -15.81 34.52 16.87
C ARG A 390 -16.31 35.96 16.80
N ARG A 391 -17.02 36.38 17.84
CA ARG A 391 -17.45 37.77 17.98
C ARG A 391 -18.24 38.28 16.78
N GLU A 392 -19.14 37.45 16.26
CA GLU A 392 -19.98 37.84 15.13
C GLU A 392 -21.46 37.83 15.53
N GLU A 393 -22.17 38.90 15.17
CA GLU A 393 -23.59 38.99 15.46
C GLU A 393 -24.41 38.22 14.43
N LEU A 394 -23.73 37.70 13.42
CA LEU A 394 -24.37 36.87 12.41
C LEU A 394 -23.35 35.89 11.83
N LEU A 395 -23.42 34.64 12.30
CA LEU A 395 -22.46 33.62 11.89
C LEU A 395 -22.90 32.90 10.62
N ARG A 396 -22.18 33.14 9.53
CA ARG A 396 -22.44 32.46 8.26
C ARG A 396 -21.61 31.18 8.20
N ILE A 397 -22.28 30.05 8.35
CA ILE A 397 -21.60 28.76 8.44
C ILE A 397 -22.43 27.63 7.85
N THR A 398 -21.75 26.72 7.14
CA THR A 398 -22.40 25.57 6.53
C THR A 398 -22.12 24.31 7.36
N VAL A 399 -23.12 23.43 7.46
CA VAL A 399 -22.96 22.19 8.21
C VAL A 399 -23.04 20.96 7.29
N GLY A 400 -21.93 20.24 7.19
CA GLY A 400 -21.90 18.99 6.43
C GLY A 400 -22.53 17.86 7.22
N VAL A 401 -23.42 17.11 6.57
CA VAL A 401 -24.17 16.08 7.27
C VAL A 401 -24.20 14.74 6.52
N ASP A 402 -24.30 13.66 7.28
CA ASP A 402 -24.35 12.32 6.73
C ASP A 402 -25.04 11.41 7.75
N GLY A 403 -25.24 10.15 7.40
CA GLY A 403 -25.86 9.20 8.31
C GLY A 403 -27.17 8.65 7.79
N SER A 404 -27.48 7.42 8.18
CA SER A 404 -28.68 6.74 7.71
C SER A 404 -29.97 7.38 8.22
N VAL A 405 -29.98 7.77 9.49
CA VAL A 405 -31.21 8.30 10.10
C VAL A 405 -31.45 9.76 9.73
N TYR A 406 -30.40 10.45 9.26
CA TYR A 406 -30.59 11.81 8.76
C TYR A 406 -31.04 11.78 7.31
N LYS A 407 -30.37 10.96 6.51
CA LYS A 407 -30.66 10.87 5.08
C LYS A 407 -32.00 10.19 4.80
N LEU A 408 -32.17 8.98 5.33
CA LEU A 408 -33.29 8.13 4.95
C LEU A 408 -34.57 8.36 5.74
N HIS A 409 -34.45 8.52 7.06
CA HIS A 409 -35.62 8.75 7.91
C HIS A 409 -36.31 10.06 7.51
N PRO A 410 -37.61 9.98 7.18
CA PRO A 410 -38.40 11.08 6.61
C PRO A 410 -38.51 12.31 7.51
N SER A 411 -39.26 12.19 8.60
CA SER A 411 -39.59 13.32 9.44
C SER A 411 -38.42 13.85 10.28
N PHE A 412 -37.38 13.03 10.40
CA PHE A 412 -36.23 13.38 11.24
C PHE A 412 -35.54 14.65 10.78
N LYS A 413 -35.18 14.71 9.51
CA LYS A 413 -34.42 15.81 8.95
C LYS A 413 -35.10 17.18 9.10
N ASP A 414 -36.39 17.22 8.80
CA ASP A 414 -37.14 18.47 8.89
C ASP A 414 -37.31 18.93 10.33
N LYS A 415 -37.57 17.99 11.23
CA LYS A 415 -37.69 18.29 12.65
C LYS A 415 -36.34 18.74 13.18
N PHE A 416 -35.28 18.14 12.65
CA PHE A 416 -33.92 18.51 13.02
C PHE A 416 -33.63 19.95 12.62
N HIS A 417 -33.74 20.24 11.32
CA HIS A 417 -33.50 21.58 10.79
C HIS A 417 -34.29 22.68 11.49
N ALA A 418 -35.55 22.40 11.80
CA ALA A 418 -36.42 23.40 12.42
C ALA A 418 -35.95 23.74 13.83
N THR A 419 -35.50 22.70 14.54
CA THR A 419 -35.11 22.84 15.94
C THR A 419 -33.77 23.56 16.12
N VAL A 420 -32.80 23.34 15.24
CA VAL A 420 -31.57 24.11 15.32
C VAL A 420 -31.85 25.58 15.05
N LEU A 421 -32.48 25.87 13.92
CA LEU A 421 -32.83 27.23 13.53
C LEU A 421 -33.58 27.97 14.64
N LYS A 422 -34.36 27.23 15.41
CA LYS A 422 -35.08 27.77 16.56
C LYS A 422 -34.11 28.05 17.72
N LEU A 423 -33.08 27.22 17.85
CA LEU A 423 -32.13 27.35 18.96
C LEU A 423 -30.82 28.04 18.59
N THR A 424 -30.62 28.33 17.30
CA THR A 424 -29.36 28.96 16.88
C THR A 424 -29.55 30.43 16.50
N SER A 425 -30.53 31.08 17.12
CA SER A 425 -30.84 32.48 16.85
C SER A 425 -29.60 33.36 16.85
N GLY A 426 -29.28 33.90 15.67
CA GLY A 426 -28.08 34.69 15.49
C GLY A 426 -27.13 34.04 14.50
N CYS A 427 -27.57 32.93 13.92
CA CYS A 427 -26.77 32.19 12.95
C CYS A 427 -27.55 31.88 11.70
N GLU A 428 -26.89 31.99 10.54
CA GLU A 428 -27.48 31.61 9.28
C GLU A 428 -26.90 30.28 8.83
N ILE A 429 -27.66 29.21 9.04
CA ILE A 429 -27.16 27.85 8.82
C ILE A 429 -27.55 27.29 7.46
N THR A 430 -26.58 26.71 6.77
CA THR A 430 -26.83 26.01 5.51
C THR A 430 -26.46 24.54 5.67
N PHE A 431 -27.33 23.66 5.20
CA PHE A 431 -27.09 22.22 5.30
C PHE A 431 -26.84 21.58 3.94
N ILE A 432 -25.76 20.81 3.84
CA ILE A 432 -25.47 20.05 2.63
C ILE A 432 -25.09 18.61 2.96
N GLN A 433 -25.69 17.65 2.25
CA GLN A 433 -25.41 16.25 2.47
C GLN A 433 -24.15 15.84 1.71
N SER A 434 -23.53 14.75 2.15
CA SER A 434 -22.33 14.25 1.50
C SER A 434 -22.64 13.77 0.08
N GLU A 435 -21.63 13.78 -0.78
CA GLU A 435 -21.80 13.33 -2.16
C GLU A 435 -22.07 11.83 -2.21
N GLU A 436 -23.27 11.47 -2.63
CA GLU A 436 -23.68 10.07 -2.69
C GLU A 436 -22.98 9.29 -3.80
N GLY A 437 -22.47 8.12 -3.47
CA GLY A 437 -21.84 7.25 -4.44
C GLY A 437 -20.33 7.31 -4.44
N SER A 438 -19.75 7.89 -3.40
CA SER A 438 -18.30 8.01 -3.30
C SER A 438 -17.74 7.27 -2.09
N GLY A 439 -18.63 6.92 -1.16
CA GLY A 439 -18.22 6.15 0.01
C GLY A 439 -18.00 7.00 1.24
N ARG A 440 -17.27 6.43 2.20
CA ARG A 440 -16.98 7.12 3.46
C ARG A 440 -15.49 7.36 3.62
N GLY A 441 -15.12 8.16 4.62
CA GLY A 441 -13.74 8.37 4.99
C GLY A 441 -12.83 8.86 3.89
N ALA A 442 -11.67 8.20 3.75
CA ALA A 442 -10.66 8.59 2.77
C ALA A 442 -11.17 8.49 1.34
N ALA A 443 -11.99 7.49 1.07
CA ALA A 443 -12.56 7.28 -0.26
C ALA A 443 -13.43 8.46 -0.66
N LEU A 444 -14.18 9.00 0.31
CA LEU A 444 -15.02 10.16 0.07
C LEU A 444 -14.17 11.41 -0.13
N ILE A 445 -13.18 11.59 0.73
CA ILE A 445 -12.29 12.76 0.66
C ILE A 445 -11.53 12.79 -0.66
N SER A 446 -10.96 11.64 -1.04
CA SER A 446 -10.17 11.53 -2.25
C SER A 446 -10.99 11.83 -3.51
N ALA A 447 -12.22 11.32 -3.53
CA ALA A 447 -13.10 11.47 -4.68
C ALA A 447 -13.49 12.93 -4.92
N VAL A 448 -13.90 13.61 -3.85
CA VAL A 448 -14.31 15.00 -3.94
C VAL A 448 -13.13 15.90 -4.27
N ALA A 449 -11.98 15.60 -3.68
CA ALA A 449 -10.77 16.38 -3.91
C ALA A 449 -10.33 16.30 -5.37
N TYR A 450 -10.41 15.10 -5.94
CA TYR A 450 -10.04 14.90 -7.34
C TYR A 450 -11.00 15.62 -8.27
N LYS A 451 -12.26 15.74 -7.84
CA LYS A 451 -13.29 16.39 -8.64
C LYS A 451 -13.08 17.91 -8.68
N MET A 452 -12.61 18.47 -7.56
CA MET A 452 -12.39 19.90 -7.47
C MET A 452 -11.10 20.32 -8.18
N ALA A 453 -10.17 19.38 -8.31
CA ALA A 453 -8.90 19.65 -8.96
C ALA A 453 -9.06 19.76 -10.48
N VAL A 454 -9.84 18.85 -11.06
CA VAL A 454 -10.05 18.83 -12.50
C VAL A 454 -11.00 19.94 -12.93
N THR B 4 6.79 39.06 33.62
CA THR B 4 6.22 38.39 32.46
C THR B 4 5.73 39.41 31.43
N ARG B 5 6.34 40.59 31.43
CA ARG B 5 5.92 41.67 30.53
C ARG B 5 6.69 41.65 29.21
N LYS B 6 7.99 41.39 29.28
CA LYS B 6 8.84 41.41 28.09
C LYS B 6 8.42 40.34 27.10
N TYR B 7 8.52 39.08 27.50
CA TYR B 7 8.14 37.98 26.64
C TYR B 7 6.82 37.34 27.06
N GLN B 8 6.22 36.59 26.15
CA GLN B 8 4.97 35.90 26.42
C GLN B 8 5.21 34.61 27.18
N HIS B 9 4.59 34.48 28.35
CA HIS B 9 4.76 33.30 29.19
C HIS B 9 3.44 32.56 29.40
N VAL B 10 3.52 31.30 29.80
CA VAL B 10 2.34 30.49 30.03
C VAL B 10 2.25 30.00 31.47
N ILE B 11 3.09 30.57 32.33
CA ILE B 11 3.11 30.21 33.74
C ILE B 11 3.41 31.44 34.60
N GLU B 12 2.72 31.55 35.73
CA GLU B 12 2.92 32.68 36.63
C GLU B 12 4.07 32.42 37.60
N THR B 13 5.10 33.26 37.51
CA THR B 13 6.27 33.14 38.38
C THR B 13 6.15 34.09 39.56
N PRO B 14 6.76 33.75 40.70
CA PRO B 14 6.74 34.63 41.86
C PRO B 14 7.42 35.96 41.57
N ASP B 15 6.95 37.03 42.20
CA ASP B 15 7.56 38.34 42.04
C ASP B 15 8.90 38.37 42.73
N PRO B 16 9.84 39.17 42.20
CA PRO B 16 11.15 39.33 42.86
C PRO B 16 10.96 39.98 44.23
N GLY B 17 11.80 39.62 45.20
CA GLY B 17 12.93 38.71 44.98
C GLY B 17 14.14 39.26 45.69
N LYS B 18 14.19 39.04 47.00
CA LYS B 18 15.22 39.63 47.85
C LYS B 18 16.62 39.16 47.51
N TRP B 19 16.73 37.98 46.91
CA TRP B 19 18.03 37.42 46.55
C TRP B 19 18.66 38.17 45.37
N GLU B 20 17.85 38.92 44.64
CA GLU B 20 18.36 39.69 43.51
C GLU B 20 19.09 40.96 43.96
N LEU B 21 19.03 41.24 45.25
CA LEU B 21 19.75 42.38 45.82
C LEU B 21 21.14 41.96 46.26
N ALA B 22 22.11 42.82 46.00
CA ALA B 22 23.50 42.53 46.33
C ALA B 22 23.74 42.50 47.84
N GLY B 23 22.87 43.15 48.58
CA GLY B 23 22.99 43.22 50.03
C GLY B 23 22.49 41.97 50.73
N TYR B 24 21.84 41.08 49.99
CA TYR B 24 21.29 39.85 50.56
C TYR B 24 22.33 38.73 50.55
N GLU B 25 22.91 38.47 51.73
CA GLU B 25 23.90 37.42 51.90
C GLU B 25 25.05 37.55 50.90
N GLU B 26 25.70 38.71 50.90
CA GLU B 26 26.76 39.01 49.94
C GLU B 26 27.99 38.12 50.13
N SER B 27 28.11 37.53 51.32
CA SER B 27 29.21 36.63 51.64
C SER B 27 29.19 35.40 50.73
N LEU B 28 27.99 34.90 50.44
CA LEU B 28 27.83 33.70 49.65
C LEU B 28 27.42 34.03 48.22
N PRO B 29 27.85 33.21 47.25
CA PRO B 29 27.37 33.35 45.88
C PRO B 29 25.91 32.88 45.78
N ILE B 30 25.24 33.21 44.69
CA ILE B 30 23.81 32.91 44.54
C ILE B 30 23.47 31.44 44.79
N SER B 31 24.29 30.54 44.23
CA SER B 31 24.03 29.11 44.34
C SER B 31 24.12 28.59 45.77
N GLU B 32 24.73 29.36 46.65
CA GLU B 32 24.90 28.95 48.04
C GLU B 32 24.00 29.72 49.00
N LYS B 33 23.33 30.74 48.48
CA LYS B 33 22.43 31.55 49.29
C LYS B 33 21.20 30.77 49.71
N SER B 34 20.50 31.27 50.73
CA SER B 34 19.27 30.65 51.18
C SER B 34 18.07 31.34 50.53
N ASN B 35 17.16 30.55 49.97
CA ASN B 35 15.96 31.09 49.34
C ASN B 35 14.99 31.64 50.37
N PRO B 36 14.66 32.94 50.26
CA PRO B 36 13.81 33.64 51.22
C PRO B 36 12.37 33.12 51.25
N MET B 37 11.92 32.49 50.17
CA MET B 37 10.57 31.96 50.12
C MET B 37 10.39 30.77 51.06
N THR B 38 11.46 30.03 51.26
CA THR B 38 11.41 28.82 52.07
C THR B 38 12.12 29.00 53.42
N ARG B 39 12.00 30.19 54.00
CA ARG B 39 12.64 30.51 55.28
C ARG B 39 12.23 29.56 56.40
N GLU B 40 11.04 28.96 56.27
CA GLU B 40 10.55 28.01 57.25
C GLU B 40 10.01 26.74 56.59
N LEU B 41 10.88 26.08 55.84
CA LEU B 41 10.53 24.86 55.13
C LEU B 41 10.53 23.65 56.05
N ASP B 42 11.27 23.75 57.16
CA ASP B 42 11.40 22.64 58.10
C ASP B 42 10.09 22.33 58.82
N LYS B 43 9.18 23.32 58.85
CA LYS B 43 7.90 23.14 59.52
C LYS B 43 6.73 23.34 58.56
N ALA B 44 6.69 22.53 57.51
CA ALA B 44 5.62 22.61 56.52
C ALA B 44 5.05 21.24 56.21
N ASP B 45 3.73 21.14 56.19
CA ASP B 45 3.07 19.88 55.83
C ASP B 45 3.27 19.59 54.34
N PRO B 46 3.19 18.32 53.94
CA PRO B 46 3.37 17.82 52.56
C PRO B 46 2.93 18.78 51.45
N SER B 47 1.69 19.26 51.51
CA SER B 47 1.17 20.13 50.46
C SER B 47 1.86 21.49 50.41
N GLN B 48 2.28 21.98 51.57
CA GLN B 48 3.01 23.24 51.63
C GLN B 48 4.39 23.10 51.01
N LEU B 49 5.03 21.95 51.24
CA LEU B 49 6.33 21.68 50.68
C LEU B 49 6.28 21.63 49.16
N VAL B 50 5.19 21.08 48.62
CA VAL B 50 4.99 21.04 47.18
C VAL B 50 4.90 22.45 46.61
N GLN B 51 4.11 23.29 47.27
CA GLN B 51 3.94 24.68 46.86
C GLN B 51 5.26 25.45 46.85
N LEU B 52 6.03 25.29 47.92
CA LEU B 52 7.31 26.00 48.05
C LEU B 52 8.29 25.62 46.94
N LEU B 53 8.49 24.32 46.74
CA LEU B 53 9.41 23.84 45.72
C LEU B 53 8.91 24.14 44.32
N ARG B 54 7.59 24.20 44.15
CA ARG B 54 7.00 24.53 42.86
C ARG B 54 7.24 25.99 42.53
N ASP B 55 7.41 26.80 43.57
CA ASP B 55 7.69 28.23 43.39
C ASP B 55 9.17 28.47 43.10
N CYS B 56 10.02 27.65 43.72
CA CYS B 56 11.47 27.73 43.48
C CYS B 56 11.78 27.37 42.04
N ASP B 57 11.13 26.31 41.55
CA ASP B 57 11.32 25.87 40.17
C ASP B 57 10.71 26.87 39.19
N ALA B 58 9.75 27.66 39.68
CA ALA B 58 9.13 28.69 38.85
C ALA B 58 10.06 29.89 38.69
N GLU B 59 10.96 30.08 39.66
CA GLU B 59 11.93 31.17 39.60
C GLU B 59 12.89 31.00 38.42
N ILE B 60 12.99 29.78 37.92
CA ILE B 60 13.85 29.48 36.78
C ILE B 60 13.43 30.27 35.54
N PHE B 61 12.13 30.44 35.37
CA PHE B 61 11.60 31.08 34.17
C PHE B 61 11.36 32.58 34.36
N GLN B 62 11.83 33.14 35.46
CA GLN B 62 11.73 34.57 35.70
C GLN B 62 12.60 35.36 34.73
N GLU B 63 12.09 36.50 34.28
CA GLU B 63 12.86 37.39 33.43
C GLU B 63 13.37 38.58 34.24
N GLU B 64 14.46 39.19 33.79
CA GLU B 64 15.08 40.28 34.53
C GLU B 64 14.44 41.62 34.21
N ASP B 65 14.49 42.54 35.18
CA ASP B 65 14.09 43.91 34.94
C ASP B 65 15.34 44.73 34.62
N GLU B 66 15.44 45.17 33.37
CA GLU B 66 16.64 45.83 32.87
C GLU B 66 16.97 47.11 33.62
N ASN B 67 15.94 47.84 34.04
CA ASN B 67 16.11 49.13 34.68
C ASN B 67 16.70 49.06 36.09
N LEU B 68 16.47 47.94 36.77
CA LEU B 68 16.93 47.79 38.15
C LEU B 68 18.41 47.40 38.22
N ILE B 69 18.94 46.90 37.11
CA ILE B 69 20.32 46.41 37.04
C ILE B 69 20.60 45.38 38.14
N HIS B 70 20.18 44.14 37.90
CA HIS B 70 20.42 43.05 38.82
C HIS B 70 21.17 41.93 38.11
N TYR B 71 20.77 40.69 38.40
CA TYR B 71 21.40 39.53 37.78
C TYR B 71 20.74 39.22 36.43
N HIS B 72 21.52 38.63 35.53
CA HIS B 72 20.97 38.17 34.25
C HIS B 72 20.17 36.90 34.45
N ARG B 73 18.93 36.91 33.97
CA ARG B 73 18.04 35.76 34.13
C ARG B 73 17.96 34.93 32.87
N LEU B 74 17.12 33.90 32.89
CA LEU B 74 16.94 33.02 31.74
C LEU B 74 16.46 33.78 30.51
N TYR B 75 15.54 34.71 30.72
CA TYR B 75 15.01 35.52 29.63
C TYR B 75 15.69 36.88 29.55
N SER B 76 16.99 36.87 29.22
CA SER B 76 17.74 38.10 29.03
C SER B 76 18.35 38.12 27.64
N GLU B 77 18.57 39.32 27.10
CA GLU B 77 19.11 39.45 25.75
C GLU B 77 20.47 38.76 25.59
N SER B 78 21.34 38.95 26.57
CA SER B 78 22.69 38.38 26.53
C SER B 78 22.66 36.85 26.65
N VAL B 79 21.79 36.34 27.52
CA VAL B 79 21.70 34.90 27.75
C VAL B 79 21.14 34.17 26.52
N LEU B 80 20.09 34.72 25.95
CA LEU B 80 19.49 34.15 24.74
C LEU B 80 20.46 34.21 23.57
N LYS B 81 21.20 35.32 23.47
CA LYS B 81 22.16 35.52 22.40
C LYS B 81 23.32 34.54 22.52
N THR B 82 23.75 34.29 23.76
CA THR B 82 24.83 33.34 24.02
C THR B 82 24.42 31.94 23.60
N MET B 83 23.17 31.58 23.90
CA MET B 83 22.63 30.28 23.51
C MET B 83 22.61 30.10 22.00
N GLY B 84 22.32 31.19 21.28
CA GLY B 84 22.28 31.16 19.84
C GLY B 84 23.68 31.04 19.24
N ASP B 85 24.66 31.66 19.89
CA ASP B 85 26.03 31.61 19.40
C ASP B 85 26.63 30.22 19.58
N VAL B 86 26.39 29.61 20.72
CA VAL B 86 26.89 28.26 20.99
C VAL B 86 26.22 27.26 20.05
N ALA B 87 24.94 27.47 19.79
CA ALA B 87 24.19 26.61 18.88
C ALA B 87 24.79 26.62 17.48
N LYS B 88 25.18 27.80 17.02
CA LYS B 88 25.81 27.93 15.70
C LYS B 88 27.16 27.23 15.66
N ARG B 89 27.82 27.13 16.81
CA ARG B 89 29.08 26.41 16.92
C ARG B 89 28.84 24.89 16.88
N VAL B 90 27.74 24.47 17.47
CA VAL B 90 27.37 23.06 17.48
C VAL B 90 27.12 22.57 16.05
N GLN B 91 26.55 23.45 15.22
CA GLN B 91 26.28 23.12 13.83
C GLN B 91 27.55 22.71 13.09
N GLU B 92 28.59 23.52 13.20
CA GLU B 92 29.88 23.24 12.56
C GLU B 92 30.42 21.87 12.97
N VAL B 93 30.13 21.47 14.21
CA VAL B 93 30.51 20.14 14.68
C VAL B 93 29.69 19.08 13.96
N LEU B 94 28.42 19.39 13.72
CA LEU B 94 27.50 18.44 13.09
C LEU B 94 27.69 18.39 11.58
N LYS B 95 28.19 19.47 10.99
CA LYS B 95 28.46 19.51 9.56
C LYS B 95 29.62 18.56 9.22
N ASN B 96 30.51 18.36 10.17
CA ASN B 96 31.68 17.50 9.97
C ASN B 96 31.70 16.37 11.00
N PRO B 97 30.80 15.39 10.86
CA PRO B 97 30.62 14.34 11.87
C PRO B 97 31.84 13.41 11.98
N ASP B 98 32.74 13.46 10.99
CA ASP B 98 33.89 12.58 10.96
C ASP B 98 34.96 12.98 11.98
N ASP B 99 35.36 14.24 11.94
CA ASP B 99 36.48 14.72 12.76
C ASP B 99 36.06 15.59 13.93
N SER B 100 34.76 15.82 14.06
CA SER B 100 34.25 16.70 15.11
C SER B 100 33.57 15.94 16.24
N LEU B 101 33.35 16.62 17.36
CA LEU B 101 32.79 15.98 18.55
C LEU B 101 32.30 17.00 19.57
N VAL B 102 31.07 16.83 20.04
CA VAL B 102 30.53 17.65 21.13
C VAL B 102 30.68 16.89 22.44
N VAL B 103 31.33 17.52 23.42
CA VAL B 103 31.56 16.85 24.70
C VAL B 103 30.89 17.58 25.87
N LEU B 104 30.12 16.83 26.64
CA LEU B 104 29.45 17.36 27.83
C LEU B 104 30.11 16.81 29.08
N SER B 105 30.45 17.69 30.02
CA SER B 105 31.13 17.26 31.24
C SER B 105 30.57 17.94 32.49
N GLY B 106 30.53 17.18 33.59
CA GLY B 106 30.05 17.69 34.86
C GLY B 106 30.36 16.75 36.01
N CYS B 107 30.08 17.21 37.23
CA CYS B 107 30.29 16.40 38.42
C CYS B 107 28.95 16.10 39.09
N GLY B 108 28.82 14.90 39.65
CA GLY B 108 27.60 14.51 40.34
C GLY B 108 26.39 14.52 39.44
N THR B 109 25.40 15.36 39.79
CA THR B 109 24.19 15.49 39.01
C THR B 109 24.49 16.04 37.62
N SER B 110 25.36 17.05 37.56
CA SER B 110 25.77 17.65 36.30
C SER B 110 26.37 16.60 35.37
N GLY B 111 27.16 15.69 35.95
CA GLY B 111 27.78 14.63 35.18
C GLY B 111 26.76 13.66 34.62
N ARG B 112 25.83 13.25 35.47
CA ARG B 112 24.76 12.33 35.05
C ARG B 112 23.86 12.96 34.00
N LEU B 113 23.60 14.26 34.14
CA LEU B 113 22.81 14.99 33.16
C LEU B 113 23.53 15.07 31.82
N ALA B 114 24.85 15.22 31.87
CA ALA B 114 25.67 15.24 30.67
C ALA B 114 25.51 13.95 29.89
N LEU B 115 25.48 12.84 30.61
CA LEU B 115 25.27 11.53 30.01
C LEU B 115 23.90 11.43 29.36
N LEU B 116 22.88 11.93 30.07
CA LEU B 116 21.50 11.88 29.61
C LEU B 116 21.31 12.64 28.30
N LEU B 117 21.84 13.86 28.25
CA LEU B 117 21.71 14.69 27.06
C LEU B 117 22.56 14.20 25.91
N ALA B 118 23.69 13.58 26.23
CA ALA B 118 24.58 13.03 25.21
C ALA B 118 23.88 11.90 24.45
N ASN B 119 23.29 10.98 25.20
CA ASN B 119 22.57 9.87 24.60
C ASN B 119 21.30 10.32 23.88
N SER B 120 20.65 11.35 24.42
CA SER B 120 19.42 11.87 23.85
C SER B 120 19.64 12.42 22.44
N PHE B 121 20.67 13.23 22.27
CA PHE B 121 20.96 13.82 20.97
C PHE B 121 21.73 12.86 20.05
N ASN B 122 22.31 11.82 20.63
CA ASN B 122 22.87 10.74 19.81
C ASN B 122 21.74 9.96 19.17
N GLY B 123 20.67 9.75 19.93
CA GLY B 123 19.50 9.05 19.42
C GLY B 123 18.70 9.91 18.47
N LEU B 124 18.85 11.22 18.60
CA LEU B 124 18.20 12.16 17.69
C LEU B 124 18.85 12.07 16.31
N LEU B 125 20.17 12.01 16.30
CA LEU B 125 20.92 11.87 15.05
C LEU B 125 20.71 10.50 14.44
N LYS B 126 20.58 9.49 15.30
CA LYS B 126 20.39 8.11 14.85
C LYS B 126 19.06 7.97 14.11
N GLY B 127 18.08 8.77 14.51
CA GLY B 127 16.78 8.76 13.85
C GLY B 127 16.85 9.27 12.43
N LEU B 128 17.82 10.15 12.17
CA LEU B 128 18.03 10.70 10.83
C LEU B 128 19.15 9.96 10.11
N HIS B 129 19.48 8.76 10.60
CA HIS B 129 20.54 7.93 10.05
C HIS B 129 21.89 8.67 10.02
N LYS B 130 22.17 9.41 11.09
CA LYS B 130 23.42 10.14 11.21
C LYS B 130 24.34 9.47 12.23
N THR B 131 25.63 9.81 12.18
CA THR B 131 26.60 9.28 13.12
C THR B 131 26.63 10.09 14.41
N PRO B 132 26.83 9.41 15.55
CA PRO B 132 26.90 10.05 16.86
C PRO B 132 28.00 11.10 16.94
N CYS B 133 27.71 12.23 17.58
CA CYS B 133 28.67 13.32 17.71
C CYS B 133 28.79 13.79 19.15
N TYR B 134 28.14 13.08 20.07
CA TYR B 134 28.09 13.49 21.46
C TYR B 134 28.78 12.50 22.39
N CYS B 135 29.62 13.02 23.28
CA CYS B 135 30.28 12.21 24.30
C CYS B 135 30.12 12.85 25.67
N TYR B 136 30.18 12.03 26.71
CA TYR B 136 30.00 12.53 28.07
C TYR B 136 31.22 12.21 28.93
N ILE B 137 31.50 13.10 29.88
CA ILE B 137 32.59 12.90 30.83
C ILE B 137 32.11 13.26 32.24
N MET B 138 32.29 12.35 33.19
CA MET B 138 31.87 12.61 34.55
C MET B 138 32.87 12.10 35.58
N SER B 139 32.96 12.80 36.70
CA SER B 139 33.86 12.42 37.78
C SER B 139 33.44 11.07 38.37
N GLY B 140 34.29 10.07 38.24
CA GLY B 140 33.97 8.74 38.71
C GLY B 140 34.81 7.62 38.12
N GLY B 141 34.54 7.26 36.87
CA GLY B 141 33.55 7.92 36.05
C GLY B 141 32.17 7.29 36.09
N ASP B 142 31.98 6.22 35.32
CA ASP B 142 30.68 5.58 35.19
C ASP B 142 30.22 4.87 36.47
N ARG B 143 31.13 4.74 37.43
CA ARG B 143 30.76 4.17 38.72
C ARG B 143 29.97 5.20 39.51
N SER B 144 30.00 6.44 39.04
CA SER B 144 29.29 7.54 39.70
C SER B 144 27.87 7.73 39.19
N ILE B 145 27.42 6.81 38.34
CA ILE B 145 26.06 6.83 37.85
C ILE B 145 25.14 6.12 38.85
N VAL B 146 25.74 5.28 39.69
CA VAL B 146 25.01 4.51 40.67
C VAL B 146 25.41 4.89 42.11
N THR B 147 26.64 5.37 42.26
CA THR B 147 27.17 5.75 43.57
C THR B 147 27.65 7.19 43.56
N SER B 148 27.58 7.86 44.70
CA SER B 148 28.00 9.25 44.79
C SER B 148 29.47 9.37 45.21
N GLN B 149 30.31 9.75 44.24
CA GLN B 149 31.74 9.93 44.50
C GLN B 149 32.10 11.41 44.52
N GLU B 150 31.71 12.10 45.59
CA GLU B 150 31.90 13.54 45.70
C GLU B 150 33.38 13.94 45.78
N SER B 151 34.22 13.01 46.24
CA SER B 151 35.63 13.30 46.44
C SER B 151 36.39 13.49 45.13
N SER B 152 35.87 12.90 44.05
CA SER B 152 36.53 12.95 42.75
C SER B 152 36.25 14.25 42.00
N GLU B 153 35.87 15.29 42.74
CA GLU B 153 35.51 16.56 42.14
C GLU B 153 36.67 17.56 42.20
N ASP B 154 37.59 17.33 43.15
CA ASP B 154 38.66 18.29 43.40
C ASP B 154 39.95 18.00 42.63
N ASN B 155 39.85 17.34 41.49
CA ASN B 155 41.04 16.98 40.72
C ASN B 155 41.06 17.60 39.32
N PRO B 156 41.71 18.76 39.18
CA PRO B 156 41.79 19.47 37.90
C PRO B 156 42.66 18.75 36.88
N GLN B 157 43.64 18.00 37.36
CA GLN B 157 44.54 17.27 36.46
C GLN B 157 43.80 16.13 35.76
N LEU B 158 43.16 15.28 36.55
CA LEU B 158 42.49 14.09 36.03
C LEU B 158 41.32 14.46 35.10
N GLY B 159 40.80 15.67 35.27
CA GLY B 159 39.75 16.17 34.39
C GLY B 159 40.28 16.51 33.02
N ALA B 160 41.41 17.20 32.99
CA ALA B 160 42.03 17.62 31.73
C ALA B 160 42.53 16.42 30.93
N GLN B 161 42.96 15.38 31.63
CA GLN B 161 43.49 14.18 30.99
C GLN B 161 42.39 13.37 30.31
N GLU B 162 41.28 13.17 31.00
CA GLU B 162 40.17 12.38 30.46
C GLU B 162 39.57 13.05 29.23
N LEU B 163 39.56 14.38 29.25
CA LEU B 163 39.07 15.15 28.12
C LEU B 163 39.96 14.96 26.89
N GLU B 164 41.26 14.92 27.13
CA GLU B 164 42.23 14.69 26.07
C GLU B 164 42.13 13.28 25.54
N LYS B 165 41.87 12.33 26.44
CA LYS B 165 41.78 10.92 26.10
C LYS B 165 40.58 10.63 25.21
N VAL B 166 39.49 11.37 25.43
CA VAL B 166 38.27 11.17 24.66
C VAL B 166 38.37 11.77 23.25
N CYS B 167 38.86 13.00 23.18
CA CYS B 167 38.93 13.73 21.91
C CYS B 167 40.18 13.39 21.09
N GLU B 168 40.74 12.20 21.35
CA GLU B 168 41.95 11.78 20.64
C GLU B 168 41.67 11.55 19.15
N GLY B 169 42.30 12.35 18.31
CA GLY B 169 42.15 12.22 16.87
C GLY B 169 41.14 13.18 16.28
N LYS B 170 40.44 13.91 17.14
CA LYS B 170 39.42 14.85 16.68
C LYS B 170 40.02 16.21 16.34
N LYS B 171 39.53 16.82 15.26
CA LYS B 171 40.06 18.09 14.77
C LYS B 171 39.24 19.26 15.28
N ASN B 172 37.98 19.02 15.61
CA ASN B 172 37.10 20.06 16.11
C ASN B 172 36.29 19.58 17.32
N VAL B 173 36.50 20.22 18.47
CA VAL B 173 35.82 19.81 19.69
C VAL B 173 35.10 20.98 20.37
N LEU B 174 33.82 20.80 20.62
CA LEU B 174 33.06 21.78 21.40
C LEU B 174 32.83 21.24 22.79
N PHE B 175 33.51 21.82 23.77
CA PHE B 175 33.43 21.35 25.15
C PHE B 175 32.45 22.16 25.97
N ILE B 176 31.53 21.47 26.64
CA ILE B 176 30.58 22.12 27.53
C ILE B 176 30.75 21.63 28.96
N GLY B 177 31.50 22.40 29.76
CA GLY B 177 31.72 22.07 31.15
C GLY B 177 30.62 22.62 32.02
N ILE B 178 30.12 21.80 32.95
CA ILE B 178 28.98 22.18 33.77
C ILE B 178 29.34 22.27 35.25
N SER B 179 29.17 23.45 35.82
CA SER B 179 29.32 23.66 37.25
C SER B 179 28.31 24.72 37.69
N CYS B 180 27.40 24.32 38.57
CA CYS B 180 26.19 25.10 38.88
C CYS B 180 26.28 26.61 39.18
N GLY B 181 27.14 27.05 40.11
CA GLY B 181 28.13 26.24 40.79
C GLY B 181 29.44 26.99 40.74
N LEU B 182 30.14 26.85 39.62
CA LEU B 182 31.43 27.51 39.37
C LEU B 182 32.41 27.29 40.52
N SER B 183 32.59 26.02 40.88
CA SER B 183 33.43 25.67 42.01
C SER B 183 34.25 24.41 41.76
N ALA B 184 33.74 23.54 40.90
CA ALA B 184 34.35 22.23 40.65
C ALA B 184 35.70 22.34 39.93
N PRO B 185 36.78 21.94 40.63
CA PRO B 185 38.13 21.95 40.06
C PRO B 185 38.25 21.02 38.86
N PHE B 186 37.44 19.96 38.85
CA PHE B 186 37.42 19.01 37.75
C PHE B 186 37.05 19.71 36.44
N ILE B 187 36.00 20.52 36.48
CA ILE B 187 35.56 21.27 35.31
C ILE B 187 36.54 22.41 35.01
N ALA B 188 37.10 22.99 36.06
CA ALA B 188 38.06 24.08 35.93
C ALA B 188 39.28 23.64 35.13
N GLY B 189 39.80 22.46 35.46
CA GLY B 189 40.97 21.94 34.77
C GLY B 189 40.69 21.63 33.32
N GLN B 190 39.46 21.24 33.02
CA GLN B 190 39.07 20.92 31.65
C GLN B 190 38.96 22.18 30.80
N LEU B 191 38.39 23.24 31.37
CA LEU B 191 38.30 24.51 30.68
C LEU B 191 39.68 25.10 30.44
N ASP B 192 40.56 24.92 31.42
CA ASP B 192 41.94 25.38 31.30
C ASP B 192 42.66 24.64 30.18
N PHE B 193 42.44 23.34 30.09
CA PHE B 193 43.04 22.51 29.06
C PHE B 193 42.52 22.90 27.67
N CYS B 194 41.26 23.30 27.62
CA CYS B 194 40.65 23.72 26.36
C CYS B 194 41.25 25.01 25.85
N MET B 195 41.50 25.94 26.77
CA MET B 195 42.00 27.27 26.40
C MET B 195 43.48 27.24 26.02
N ARG B 196 44.16 26.14 26.32
CA ARG B 196 45.55 25.96 25.93
C ARG B 196 45.65 25.21 24.61
N HIS B 197 44.51 24.80 24.10
CA HIS B 197 44.44 24.14 22.80
C HIS B 197 43.25 24.66 22.01
N LEU B 198 43.23 25.97 21.78
CA LEU B 198 42.11 26.64 21.12
C LEU B 198 42.03 26.31 19.63
N ASP B 199 43.06 25.67 19.10
CA ASP B 199 43.08 25.28 17.69
C ASP B 199 42.05 24.19 17.39
N VAL B 200 41.70 23.41 18.41
CA VAL B 200 40.75 22.31 18.24
C VAL B 200 39.62 22.34 19.27
N TYR B 201 39.89 22.93 20.43
CA TYR B 201 38.89 22.99 21.50
C TYR B 201 38.18 24.34 21.57
N LEU B 202 36.86 24.30 21.70
CA LEU B 202 36.09 25.50 21.96
C LEU B 202 35.34 25.36 23.29
N PRO B 203 35.83 26.05 24.32
CA PRO B 203 35.31 25.91 25.69
C PRO B 203 33.99 26.63 25.91
N VAL B 204 33.05 25.95 26.56
CA VAL B 204 31.78 26.54 26.95
C VAL B 204 31.47 26.21 28.41
N LEU B 205 31.29 27.23 29.23
CA LEU B 205 30.98 27.02 30.64
C LEU B 205 29.49 27.21 30.90
N VAL B 206 28.88 26.24 31.59
CA VAL B 206 27.48 26.34 31.97
C VAL B 206 27.35 26.40 33.49
N GLY B 207 26.79 27.50 33.98
CA GLY B 207 26.60 27.69 35.40
C GLY B 207 25.47 28.67 35.65
N PHE B 208 25.26 29.03 36.91
CA PHE B 208 24.19 29.94 37.27
C PHE B 208 24.64 30.94 38.33
N ASN B 209 25.96 31.14 38.39
CA ASN B 209 26.55 32.20 39.18
C ASN B 209 27.32 33.15 38.27
N PRO B 210 27.36 34.44 38.64
CA PRO B 210 28.19 35.40 37.91
C PRO B 210 29.65 34.99 38.00
N VAL B 211 30.44 35.36 36.99
CA VAL B 211 31.86 35.01 36.95
C VAL B 211 32.58 35.55 38.19
N SER B 212 32.13 36.69 38.67
CA SER B 212 32.73 37.33 39.84
C SER B 212 32.31 36.67 41.15
N MET B 213 31.54 35.60 41.07
CA MET B 213 31.09 34.88 42.26
C MET B 213 31.65 33.45 42.31
N ALA B 214 32.48 33.10 41.34
CA ALA B 214 33.14 31.80 41.34
C ALA B 214 34.15 31.75 42.47
N ARG B 215 34.58 30.53 42.84
CA ARG B 215 35.54 30.38 43.92
C ARG B 215 36.90 30.97 43.54
N ASN B 216 37.38 31.91 44.36
CA ASN B 216 38.66 32.55 44.10
C ASN B 216 39.79 31.93 44.91
N GLU B 217 39.48 30.85 45.62
CA GLU B 217 40.48 30.13 46.39
C GLU B 217 41.34 29.28 45.48
N ARG B 218 42.66 29.35 45.65
CA ARG B 218 43.60 28.60 44.84
C ARG B 218 43.34 27.10 44.96
N ILE B 219 43.02 26.47 43.84
CA ILE B 219 42.81 25.03 43.81
C ILE B 219 44.11 24.31 44.19
N GLU B 220 44.07 23.62 45.33
CA GLU B 220 45.26 22.96 45.88
C GLU B 220 45.88 21.98 44.89
N GLY B 221 47.20 22.09 44.73
CA GLY B 221 47.93 21.26 43.80
C GLY B 221 47.72 21.73 42.37
N TRP B 222 47.44 23.01 42.21
CA TRP B 222 47.21 23.59 40.89
C TRP B 222 47.57 25.08 40.86
N HIS B 223 47.50 25.68 39.68
CA HIS B 223 48.02 27.04 39.48
C HIS B 223 46.98 28.15 39.63
N SER B 224 45.72 27.85 39.34
CA SER B 224 44.68 28.88 39.35
C SER B 224 43.48 28.50 40.20
N SER B 225 42.63 29.49 40.47
CA SER B 225 41.34 29.26 41.12
C SER B 225 40.29 29.12 40.03
N PHE B 226 39.07 28.79 40.41
CA PHE B 226 38.00 28.66 39.43
C PHE B 226 37.69 30.01 38.80
N ARG B 227 37.64 31.05 39.64
CA ARG B 227 37.33 32.40 39.18
C ARG B 227 38.35 32.89 38.16
N GLN B 228 39.62 32.58 38.42
CA GLN B 228 40.69 32.98 37.51
C GLN B 228 40.59 32.28 36.16
N VAL B 229 40.28 30.99 36.18
CA VAL B 229 40.07 30.23 34.96
C VAL B 229 38.82 30.74 34.24
N ALA B 230 37.80 31.10 35.02
CA ALA B 230 36.57 31.62 34.46
C ALA B 230 36.78 32.99 33.82
N GLU B 231 37.52 33.85 34.51
CA GLU B 231 37.83 35.18 33.99
C GLU B 231 38.66 35.10 32.71
N ARG B 232 39.46 34.04 32.60
CA ARG B 232 40.21 33.79 31.38
C ARG B 232 39.25 33.47 30.23
N LEU B 233 38.28 32.62 30.51
CA LEU B 233 37.28 32.26 29.51
C LEU B 233 36.40 33.47 29.16
N GLN B 234 36.26 34.38 30.12
CA GLN B 234 35.44 35.57 29.91
C GLN B 234 36.11 36.54 28.94
N THR B 235 37.44 36.55 28.93
CA THR B 235 38.19 37.38 27.99
C THR B 235 38.08 36.77 26.59
N LEU B 236 38.07 35.44 26.52
CA LEU B 236 37.84 34.74 25.27
C LEU B 236 36.38 34.89 24.84
N HIS B 237 35.51 35.11 25.81
CA HIS B 237 34.08 35.24 25.56
C HIS B 237 33.75 36.50 24.77
N ASP B 238 34.38 37.61 25.15
CA ASP B 238 34.15 38.90 24.50
C ASP B 238 34.69 38.89 23.08
N SER B 239 35.62 37.97 22.80
CA SER B 239 36.23 37.87 21.48
C SER B 239 35.67 36.68 20.69
N GLN B 240 34.55 36.14 21.16
CA GLN B 240 33.88 35.02 20.51
C GLN B 240 34.73 33.75 20.41
N LYS B 241 35.79 33.69 21.21
CA LYS B 241 36.69 32.54 21.20
C LYS B 241 36.15 31.44 22.12
N GLY B 242 35.50 31.85 23.20
CA GLY B 242 34.87 30.92 24.11
C GLY B 242 33.52 31.47 24.52
N PHE B 243 32.79 30.72 25.35
CA PHE B 243 31.45 31.16 25.77
C PHE B 243 31.13 30.81 27.22
N ILE B 244 30.52 31.76 27.92
CA ILE B 244 30.06 31.53 29.28
C ILE B 244 28.54 31.70 29.34
N LEU B 245 27.85 30.60 29.62
CA LEU B 245 26.40 30.63 29.71
C LEU B 245 25.96 30.53 31.17
N ASN B 246 25.86 31.70 31.83
CA ASN B 246 25.55 31.73 33.24
C ASN B 246 24.37 32.62 33.64
N PRO B 247 23.15 32.22 33.26
CA PRO B 247 21.98 32.97 33.73
C PRO B 247 21.69 32.68 35.19
N ALA B 248 21.42 33.71 35.98
CA ALA B 248 21.10 33.52 37.38
C ALA B 248 19.71 32.91 37.51
N VAL B 249 19.61 31.85 38.32
CA VAL B 249 18.36 31.11 38.43
C VAL B 249 17.76 31.23 39.83
N GLY B 250 18.57 31.70 40.77
CA GLY B 250 18.11 31.89 42.14
C GLY B 250 18.50 30.75 43.06
N PRO B 251 18.47 31.00 44.38
CA PRO B 251 18.81 30.00 45.39
C PRO B 251 17.91 28.78 45.33
N GLU B 252 18.38 27.66 45.87
CA GLU B 252 17.61 26.43 45.90
C GLU B 252 16.62 26.44 47.06
N GLY B 253 15.61 25.58 46.98
CA GLY B 253 14.64 25.42 48.06
C GLY B 253 15.36 25.09 49.34
N VAL B 254 16.20 24.06 49.29
CA VAL B 254 17.17 23.79 50.33
C VAL B 254 18.56 24.15 49.78
N SER B 255 19.21 25.12 50.41
CA SER B 255 20.43 25.72 49.87
C SER B 255 21.56 24.71 49.68
N GLY B 256 22.24 24.82 48.54
CA GLY B 256 23.33 23.94 48.21
C GLY B 256 22.93 22.81 47.28
N SER B 257 21.70 22.33 47.45
CA SER B 257 21.18 21.24 46.64
C SER B 257 21.03 21.64 45.18
N SER B 258 22.15 21.63 44.46
CA SER B 258 22.17 22.04 43.05
C SER B 258 21.56 20.98 42.14
N ARG B 259 21.13 19.86 42.72
CA ARG B 259 20.49 18.79 41.97
C ARG B 259 19.09 19.19 41.54
N MET B 260 18.58 20.27 42.10
CA MET B 260 17.22 20.71 41.84
C MET B 260 17.16 21.76 40.73
N LYS B 261 17.12 23.03 41.13
CA LYS B 261 17.04 24.12 40.16
C LYS B 261 18.24 24.13 39.23
N GLY B 262 19.43 23.91 39.78
CA GLY B 262 20.65 23.87 39.00
C GLY B 262 20.61 22.76 37.97
N GLY B 263 20.16 21.58 38.40
CA GLY B 263 20.03 20.45 37.50
C GLY B 263 18.95 20.68 36.45
N SER B 264 17.80 21.15 36.89
CA SER B 264 16.67 21.40 36.01
C SER B 264 17.00 22.45 34.95
N ALA B 265 17.60 23.55 35.40
CA ALA B 265 17.96 24.64 34.49
C ALA B 265 19.02 24.20 33.48
N THR B 266 19.97 23.39 33.94
CA THR B 266 21.03 22.87 33.07
C THR B 266 20.42 22.06 31.94
N LYS B 267 19.44 21.23 32.29
CA LYS B 267 18.74 20.39 31.31
C LYS B 267 17.95 21.26 30.33
N ILE B 268 17.24 22.24 30.87
CA ILE B 268 16.46 23.16 30.05
C ILE B 268 17.36 23.97 29.12
N LEU B 269 18.41 24.52 29.69
CA LEU B 269 19.31 25.42 28.97
C LEU B 269 20.00 24.74 27.78
N LEU B 270 20.60 23.58 28.03
CA LEU B 270 21.37 22.89 27.01
C LEU B 270 20.51 22.24 25.92
N GLU B 271 19.44 21.57 26.34
CA GLU B 271 18.54 20.92 25.39
C GLU B 271 17.94 21.93 24.42
N THR B 272 17.48 23.06 24.95
CA THR B 272 16.94 24.14 24.13
C THR B 272 18.00 24.63 23.15
N LEU B 273 19.23 24.75 23.63
CA LEU B 273 20.35 25.21 22.83
C LEU B 273 20.66 24.24 21.69
N LEU B 274 20.78 22.96 22.04
CA LEU B 274 21.11 21.93 21.07
C LEU B 274 19.98 21.69 20.07
N LEU B 275 18.74 21.78 20.55
CA LEU B 275 17.56 21.61 19.68
C LEU B 275 17.56 22.63 18.55
N VAL B 276 17.93 23.87 18.87
CA VAL B 276 18.02 24.93 17.88
C VAL B 276 19.09 24.61 16.83
N ALA B 277 20.21 24.04 17.29
CA ALA B 277 21.30 23.67 16.40
C ALA B 277 20.85 22.67 15.34
N HIS B 278 20.15 21.61 15.78
CA HIS B 278 19.66 20.59 14.86
C HIS B 278 18.51 21.10 14.00
N LYS B 279 17.81 22.11 14.48
CA LYS B 279 16.69 22.64 13.73
C LYS B 279 17.18 23.49 12.56
N ALA B 280 18.19 24.32 12.82
CA ALA B 280 18.73 25.22 11.80
C ALA B 280 19.68 24.49 10.84
N GLU B 281 19.89 23.20 11.08
CA GLU B 281 20.81 22.39 10.30
C GLU B 281 20.28 22.17 8.89
N VAL B 286 19.54 31.01 12.98
CA VAL B 286 19.15 30.97 14.39
C VAL B 286 18.55 32.29 14.83
N THR B 287 17.27 32.26 15.21
CA THR B 287 16.57 33.45 15.66
C THR B 287 16.22 33.35 17.14
N GLU B 288 15.86 34.48 17.75
CA GLU B 288 15.43 34.50 19.13
C GLU B 288 14.05 33.87 19.25
N LYS B 289 13.30 33.92 18.15
CA LYS B 289 11.96 33.33 18.08
C LYS B 289 12.03 31.84 18.35
N CYS B 290 13.09 31.21 17.89
CA CYS B 290 13.30 29.78 18.02
C CYS B 290 13.40 29.33 19.46
N LEU B 291 14.26 29.99 20.23
CA LEU B 291 14.48 29.65 21.62
C LEU B 291 13.22 29.77 22.46
N LEU B 292 12.48 30.85 22.24
CA LEU B 292 11.28 31.12 23.01
C LEU B 292 10.18 30.09 22.77
N GLU B 293 10.17 29.49 21.59
CA GLU B 293 9.22 28.42 21.28
C GLU B 293 9.54 27.19 22.10
N ILE B 294 10.83 26.88 22.24
CA ILE B 294 11.27 25.70 22.98
C ILE B 294 11.12 25.92 24.49
N LEU B 295 11.49 27.12 24.95
CA LEU B 295 11.40 27.44 26.37
C LEU B 295 9.97 27.44 26.87
N ARG B 296 9.04 27.81 25.99
CA ARG B 296 7.62 27.84 26.32
C ARG B 296 7.12 26.44 26.64
N THR B 297 7.65 25.45 25.92
CA THR B 297 7.28 24.06 26.14
C THR B 297 7.75 23.56 27.50
N TYR B 298 8.86 24.12 27.97
CA TYR B 298 9.38 23.77 29.29
C TYR B 298 8.55 24.41 30.38
N GLU B 299 7.98 25.58 30.09
CA GLU B 299 7.07 26.24 31.00
C GLU B 299 5.78 25.43 31.06
N ARG B 300 5.38 24.91 29.90
CA ARG B 300 4.22 24.03 29.81
C ARG B 300 4.46 22.78 30.65
N ALA B 301 5.70 22.32 30.66
CA ALA B 301 6.08 21.15 31.44
C ALA B 301 5.96 21.42 32.94
N HIS B 302 6.22 22.66 33.34
CA HIS B 302 6.13 23.05 34.74
C HIS B 302 4.68 23.11 35.20
N LYS B 303 3.82 23.66 34.35
CA LYS B 303 2.41 23.83 34.68
C LYS B 303 1.71 22.48 34.80
N VAL B 304 1.95 21.61 33.83
CA VAL B 304 1.36 20.27 33.82
C VAL B 304 1.79 19.48 35.05
N THR B 305 3.07 19.55 35.38
CA THR B 305 3.63 18.81 36.50
C THR B 305 2.96 19.19 37.83
N TYR B 306 2.89 20.48 38.10
CA TYR B 306 2.36 20.94 39.38
C TYR B 306 0.85 21.19 39.39
N SER B 307 0.17 20.69 38.35
CA SER B 307 -1.28 20.67 38.34
C SER B 307 -1.74 19.41 39.06
N GLN B 308 -0.78 18.53 39.34
CA GLN B 308 -1.02 17.30 40.06
C GLN B 308 -0.40 17.39 41.46
N SER B 309 -0.41 18.60 42.02
CA SER B 309 0.20 18.86 43.32
C SER B 309 -0.38 18.01 44.44
N LYS B 310 -1.67 17.74 44.35
CA LYS B 310 -2.35 16.90 45.33
C LYS B 310 -1.74 15.50 45.35
N LYS B 311 -1.58 14.94 44.15
CA LYS B 311 -1.02 13.60 43.99
C LYS B 311 0.44 13.54 44.41
N ILE B 312 1.19 14.59 44.08
CA ILE B 312 2.60 14.68 44.44
C ILE B 312 2.76 14.74 45.96
N ALA B 313 1.85 15.46 46.61
CA ALA B 313 1.87 15.58 48.07
C ALA B 313 1.63 14.24 48.74
N ALA B 314 0.75 13.44 48.14
CA ALA B 314 0.44 12.11 48.67
C ALA B 314 1.64 11.18 48.57
N LEU B 315 2.29 11.19 47.41
CA LEU B 315 3.47 10.37 47.19
C LEU B 315 4.61 10.76 48.14
N MET B 316 4.69 12.05 48.46
CA MET B 316 5.71 12.54 49.38
C MET B 316 5.50 11.97 50.79
N LYS B 317 4.30 12.13 51.31
CA LYS B 317 3.97 11.64 52.65
C LYS B 317 4.06 10.12 52.71
N GLN B 318 3.72 9.46 51.61
CA GLN B 318 3.81 8.00 51.56
C GLN B 318 5.25 7.52 51.71
N THR B 319 6.16 8.19 50.99
CA THR B 319 7.58 7.88 51.08
C THR B 319 8.13 8.23 52.46
N ALA B 320 7.55 9.26 53.07
CA ALA B 320 7.97 9.71 54.38
C ALA B 320 7.59 8.69 55.44
N THR B 321 6.37 8.17 55.35
CA THR B 321 5.90 7.16 56.28
C THR B 321 6.70 5.87 56.13
N SER B 322 7.12 5.58 54.90
CA SER B 322 7.93 4.40 54.63
C SER B 322 9.29 4.51 55.29
N LEU B 323 9.93 5.67 55.15
CA LEU B 323 11.23 5.91 55.77
C LEU B 323 11.13 5.84 57.29
N GLN B 324 9.98 6.26 57.83
CA GLN B 324 9.77 6.24 59.26
C GLN B 324 9.70 4.81 59.80
N LYS B 325 9.08 3.93 59.03
CA LYS B 325 8.92 2.53 59.43
C LYS B 325 10.10 1.67 58.98
N LYS B 326 11.26 2.32 58.80
CA LYS B 326 12.48 1.64 58.36
C LYS B 326 12.30 0.94 57.01
N GLY B 327 11.48 1.54 56.15
CA GLY B 327 11.19 0.96 54.84
C GLY B 327 12.01 1.58 53.73
N HIS B 328 11.70 1.20 52.48
CA HIS B 328 12.47 1.66 51.33
C HIS B 328 11.57 2.14 50.20
N LEU B 329 12.11 3.02 49.37
CA LEU B 329 11.43 3.47 48.16
C LEU B 329 12.12 2.90 46.93
N TYR B 330 11.38 2.11 46.16
CA TYR B 330 11.95 1.49 44.96
C TYR B 330 11.36 2.10 43.69
N ILE B 331 12.19 2.83 42.97
CA ILE B 331 11.76 3.54 41.77
C ILE B 331 12.01 2.73 40.51
N LEU B 332 10.93 2.26 39.89
CA LEU B 332 11.01 1.51 38.64
C LEU B 332 10.60 2.38 37.47
N GLY B 333 11.54 2.65 36.57
CA GLY B 333 11.27 3.52 35.43
C GLY B 333 11.40 2.81 34.09
N TRP B 334 10.59 3.24 33.13
CA TRP B 334 10.61 2.67 31.80
C TRP B 334 11.28 3.61 30.81
N GLY B 335 12.28 3.11 30.10
CA GLY B 335 13.01 3.92 29.13
C GLY B 335 13.93 4.92 29.80
N THR B 336 14.01 6.12 29.24
CA THR B 336 14.86 7.16 29.77
C THR B 336 14.37 7.64 31.13
N LEU B 337 13.09 7.42 31.41
CA LEU B 337 12.51 7.79 32.69
C LEU B 337 13.09 6.93 33.81
N GLY B 338 13.67 5.80 33.44
CA GLY B 338 14.34 4.94 34.40
C GLY B 338 15.66 5.55 34.86
N LEU B 339 16.35 6.19 33.92
CA LEU B 339 17.62 6.85 34.25
C LEU B 339 17.38 8.06 35.14
N VAL B 340 16.30 8.77 34.87
CA VAL B 340 15.90 9.91 35.69
C VAL B 340 15.55 9.45 37.10
N GLY B 341 15.03 8.23 37.20
CA GLY B 341 14.72 7.64 38.48
C GLY B 341 15.96 7.36 39.30
N ILE B 342 17.04 7.00 38.61
CA ILE B 342 18.30 6.70 39.27
C ILE B 342 18.99 7.98 39.76
N MET B 343 18.90 9.04 38.96
CA MET B 343 19.53 10.31 39.28
C MET B 343 19.04 10.90 40.61
N ASP B 344 17.80 10.59 40.97
CA ASP B 344 17.23 11.07 42.22
C ASP B 344 17.49 10.11 43.37
N ALA B 345 17.81 8.87 43.05
CA ALA B 345 18.09 7.86 44.07
C ALA B 345 19.53 7.96 44.54
N VAL B 346 20.43 8.27 43.62
CA VAL B 346 21.86 8.34 43.93
C VAL B 346 22.22 9.54 44.80
N GLU B 347 21.40 10.58 44.75
CA GLU B 347 21.67 11.81 45.50
C GLU B 347 21.02 11.81 46.87
N CYS B 348 20.50 10.67 47.30
CA CYS B 348 19.91 10.55 48.63
C CYS B 348 20.98 10.17 49.65
N VAL B 349 22.01 9.48 49.19
CA VAL B 349 23.13 9.09 50.05
C VAL B 349 23.97 10.29 50.53
N PRO B 350 24.43 11.17 49.62
CA PRO B 350 25.25 12.26 50.13
C PRO B 350 24.45 13.41 50.74
N THR B 351 23.30 13.72 50.17
CA THR B 351 22.52 14.88 50.59
C THR B 351 21.85 14.68 51.94
N TYR B 352 21.21 13.54 52.13
CA TYR B 352 20.42 13.31 53.33
C TYR B 352 20.99 12.20 54.22
N GLN B 353 22.27 11.89 54.03
CA GLN B 353 22.98 10.88 54.81
C GLN B 353 22.21 9.56 54.90
N ALA B 354 21.73 9.09 53.76
CA ALA B 354 20.94 7.86 53.73
C ALA B 354 21.75 6.67 53.24
N ASP B 355 21.34 5.48 53.67
CA ASP B 355 21.94 4.25 53.18
C ASP B 355 21.52 4.08 51.73
N TRP B 356 22.37 3.43 50.93
CA TRP B 356 22.07 3.23 49.52
C TRP B 356 20.90 2.26 49.33
N ARG B 357 20.56 1.55 50.40
CA ARG B 357 19.43 0.61 50.37
C ARG B 357 18.10 1.34 50.51
N ASP B 358 18.13 2.53 51.12
CA ASP B 358 16.91 3.29 51.39
C ASP B 358 16.16 3.68 50.13
N VAL B 359 16.86 4.29 49.18
CA VAL B 359 16.24 4.69 47.92
C VAL B 359 17.01 4.12 46.74
N ARG B 360 16.33 3.31 45.93
CA ARG B 360 16.97 2.67 44.78
C ARG B 360 16.18 2.88 43.49
N GLY B 361 16.90 2.98 42.38
CA GLY B 361 16.27 3.18 41.09
C GLY B 361 16.62 2.10 40.10
N PHE B 362 15.71 1.79 39.19
CA PHE B 362 15.91 0.75 38.19
C PHE B 362 15.41 1.19 36.82
N ILE B 363 16.00 0.64 35.77
CA ILE B 363 15.70 1.08 34.41
C ILE B 363 15.43 -0.10 33.47
N THR B 364 14.57 0.13 32.48
CA THR B 364 14.27 -0.87 31.46
C THR B 364 15.07 -0.59 30.20
N GLY B 365 16.08 -1.41 29.93
CA GLY B 365 16.42 -2.53 30.79
C GLY B 365 17.91 -2.65 31.02
N GLY B 366 18.35 -2.28 32.22
CA GLY B 366 19.75 -2.39 32.59
C GLY B 366 20.64 -1.33 31.98
N TYR B 367 21.93 -1.61 31.97
CA TYR B 367 22.92 -0.66 31.45
C TYR B 367 22.84 -0.52 29.94
N HIS B 368 22.17 -1.47 29.29
CA HIS B 368 22.00 -1.44 27.84
C HIS B 368 21.15 -0.24 27.43
N SER B 369 20.31 0.22 28.35
CA SER B 369 19.46 1.37 28.10
C SER B 369 20.12 2.66 28.58
N ILE B 370 20.98 2.54 29.58
CA ILE B 370 21.72 3.69 30.10
C ILE B 370 22.78 4.13 29.10
N GLU B 371 23.30 3.17 28.34
CA GLU B 371 24.27 3.41 27.28
C GLU B 371 25.59 4.01 27.80
N ASN B 372 25.99 3.62 29.00
CA ASN B 372 27.25 4.09 29.56
C ASN B 372 28.45 3.44 28.86
N LYS B 373 29.52 4.22 28.68
CA LYS B 373 30.65 3.79 27.87
C LYS B 373 31.47 2.66 28.48
N GLU B 374 31.29 2.42 29.78
CA GLU B 374 32.02 1.36 30.46
C GLU B 374 31.20 0.07 30.54
N GLY B 375 30.09 0.04 29.80
CA GLY B 375 29.24 -1.14 29.73
C GLY B 375 28.58 -1.53 31.05
N ASP B 376 28.35 -2.82 31.22
CA ASP B 376 27.73 -3.34 32.43
C ASP B 376 28.63 -3.14 33.64
N LEU B 377 28.03 -2.83 34.78
CA LEU B 377 28.77 -2.63 36.01
C LEU B 377 28.21 -3.51 37.12
N SER B 378 27.30 -4.41 36.75
CA SER B 378 26.60 -5.26 37.72
C SER B 378 27.54 -6.11 38.57
N SER B 379 28.73 -6.38 38.05
CA SER B 379 29.69 -7.21 38.75
C SER B 379 30.42 -6.45 39.86
N LEU B 380 30.21 -5.13 39.90
CA LEU B 380 30.90 -4.28 40.87
C LEU B 380 30.30 -4.37 42.28
N GLY B 381 29.16 -5.05 42.39
CA GLY B 381 28.50 -5.20 43.67
C GLY B 381 27.00 -5.37 43.55
N PRO B 382 26.32 -5.48 44.71
CA PRO B 382 24.87 -5.67 44.76
C PRO B 382 24.10 -4.45 44.28
N GLN B 383 24.58 -3.25 44.62
CA GLN B 383 23.88 -2.02 44.30
C GLN B 383 23.94 -1.65 42.82
N PHE B 384 24.82 -2.32 42.08
CA PHE B 384 25.00 -2.02 40.68
C PHE B 384 24.06 -2.83 39.78
N SER B 385 23.29 -3.73 40.39
CA SER B 385 22.25 -4.44 39.68
C SER B 385 21.01 -3.57 39.61
N ILE B 386 20.81 -2.93 38.45
CA ILE B 386 19.82 -1.85 38.36
C ILE B 386 18.77 -2.01 37.25
N SER B 387 18.43 -3.24 36.89
CA SER B 387 17.37 -3.47 35.91
C SER B 387 16.13 -4.02 36.60
N HIS B 388 15.03 -4.10 35.85
CA HIS B 388 13.78 -4.64 36.38
C HIS B 388 13.94 -6.12 36.73
N GLU B 389 14.69 -6.84 35.91
CA GLU B 389 14.96 -8.25 36.16
C GLU B 389 15.72 -8.41 37.47
N ASP B 390 16.66 -7.50 37.71
CA ASP B 390 17.45 -7.52 38.92
C ASP B 390 16.59 -7.18 40.14
N PHE B 391 15.60 -6.33 39.93
CA PHE B 391 14.68 -5.94 40.98
C PHE B 391 13.79 -7.11 41.40
N VAL B 392 13.30 -7.85 40.41
CA VAL B 392 12.45 -9.00 40.66
C VAL B 392 13.24 -10.14 41.28
N LYS B 393 14.43 -10.40 40.74
CA LYS B 393 15.30 -11.48 41.23
C LYS B 393 15.75 -11.27 42.67
N ASN B 394 16.26 -10.09 42.97
CA ASN B 394 16.90 -9.84 44.27
C ASN B 394 16.04 -9.06 45.26
N VAL B 395 15.55 -7.90 44.83
CA VAL B 395 14.86 -6.98 45.72
C VAL B 395 13.45 -7.45 46.11
N LEU B 396 12.66 -7.80 45.10
CA LEU B 396 11.24 -8.16 45.30
C LEU B 396 10.94 -9.18 46.41
N PRO B 397 11.68 -10.30 46.48
CA PRO B 397 11.32 -11.29 47.51
C PRO B 397 11.68 -10.90 48.94
N SER B 398 11.90 -9.60 49.20
CA SER B 398 12.29 -9.17 50.54
C SER B 398 11.54 -7.92 51.00
N VAL B 399 10.81 -7.27 50.10
CA VAL B 399 10.07 -6.06 50.45
C VAL B 399 8.87 -6.40 51.33
N SER B 400 8.57 -5.51 52.28
CA SER B 400 7.45 -5.72 53.19
C SER B 400 6.33 -4.72 52.91
N GLU B 401 5.36 -4.66 53.82
CA GLU B 401 4.23 -3.75 53.67
C GLU B 401 4.66 -2.30 53.82
N THR B 402 5.72 -2.08 54.60
CA THR B 402 6.20 -0.72 54.88
C THR B 402 6.96 -0.11 53.70
N ASP B 403 7.25 -0.92 52.69
CA ASP B 403 7.97 -0.45 51.52
C ASP B 403 7.04 0.25 50.53
N THR B 404 7.60 1.15 49.72
CA THR B 404 6.83 1.85 48.70
C THR B 404 7.47 1.69 47.33
N VAL B 405 6.72 1.10 46.41
CA VAL B 405 7.22 0.87 45.06
C VAL B 405 6.59 1.84 44.07
N LEU B 406 7.44 2.62 43.40
CA LEU B 406 6.98 3.63 42.45
C LEU B 406 7.25 3.18 41.01
N LEU B 407 6.31 3.47 40.12
CA LEU B 407 6.44 3.11 38.71
C LEU B 407 6.29 4.33 37.80
N ILE B 408 7.27 4.55 36.94
CA ILE B 408 7.21 5.65 35.99
C ILE B 408 7.26 5.14 34.56
N PHE B 409 6.19 5.36 33.82
CA PHE B 409 6.12 4.92 32.43
C PHE B 409 5.19 5.82 31.62
N THR B 410 5.09 5.53 30.32
CA THR B 410 4.18 6.25 29.45
C THR B 410 3.07 5.32 28.98
N LEU B 411 2.15 5.85 28.19
CA LEU B 411 1.05 5.05 27.66
C LEU B 411 1.44 4.38 26.35
N ASP B 412 2.72 4.49 26.01
CA ASP B 412 3.25 3.87 24.79
C ASP B 412 4.22 2.74 25.13
N ASP B 413 4.32 2.43 26.41
CA ASP B 413 5.16 1.31 26.86
C ASP B 413 4.35 0.02 26.89
N ASP B 414 5.04 -1.10 27.10
CA ASP B 414 4.37 -2.39 27.19
C ASP B 414 3.46 -2.42 28.41
N LEU B 415 2.19 -2.10 28.21
CA LEU B 415 1.22 -2.03 29.29
C LEU B 415 0.94 -3.39 29.91
N ASN B 416 1.32 -4.45 29.19
CA ASN B 416 1.12 -5.81 29.67
C ASN B 416 2.13 -6.20 30.73
N GLN B 417 3.41 -5.95 30.46
CA GLN B 417 4.47 -6.29 31.42
C GLN B 417 4.40 -5.41 32.66
N ILE B 418 3.76 -4.26 32.53
CA ILE B 418 3.55 -3.37 33.67
C ILE B 418 2.43 -3.91 34.53
N GLU B 419 1.38 -4.39 33.87
CA GLU B 419 0.20 -4.93 34.56
C GLU B 419 0.56 -6.14 35.41
N LYS B 420 1.39 -7.04 34.85
CA LYS B 420 1.81 -8.23 35.56
C LYS B 420 2.74 -7.88 36.71
N LEU B 421 3.50 -6.80 36.55
CA LEU B 421 4.45 -6.37 37.56
C LEU B 421 3.73 -5.87 38.80
N VAL B 422 2.58 -5.23 38.60
CA VAL B 422 1.76 -4.75 39.70
C VAL B 422 1.28 -5.92 40.56
N ALA B 423 0.96 -7.03 39.90
CA ALA B 423 0.50 -8.23 40.58
C ALA B 423 1.56 -8.80 41.52
N LEU B 424 2.82 -8.75 41.08
CA LEU B 424 3.92 -9.24 41.89
C LEU B 424 4.17 -8.33 43.09
N VAL B 425 4.07 -7.02 42.87
CA VAL B 425 4.31 -6.05 43.92
C VAL B 425 3.19 -6.07 44.96
N LYS B 426 1.96 -6.23 44.49
CA LYS B 426 0.81 -6.32 45.39
C LYS B 426 0.91 -7.53 46.30
N GLU B 427 1.60 -8.57 45.84
CA GLU B 427 1.81 -9.77 46.63
C GLU B 427 2.69 -9.46 47.84
N LYS B 428 3.52 -8.43 47.72
CA LYS B 428 4.46 -8.08 48.78
C LYS B 428 4.06 -6.81 49.53
N THR B 429 3.55 -5.81 48.81
CA THR B 429 3.15 -4.56 49.44
C THR B 429 1.96 -3.90 48.74
N SER B 430 1.22 -3.09 49.49
CA SER B 430 0.04 -2.41 48.97
C SER B 430 0.40 -1.00 48.47
N ASN B 431 1.50 -0.46 48.97
CA ASN B 431 1.91 0.89 48.62
C ASN B 431 2.51 0.99 47.21
N ILE B 432 1.64 0.98 46.21
CA ILE B 432 2.08 1.14 44.82
C ILE B 432 1.67 2.50 44.28
N GLN B 433 2.66 3.28 43.86
CA GLN B 433 2.41 4.60 43.30
C GLN B 433 2.83 4.60 41.83
N VAL B 434 2.11 5.33 40.99
CA VAL B 434 2.39 5.34 39.56
C VAL B 434 2.41 6.75 38.95
N ILE B 435 3.52 7.07 38.31
CA ILE B 435 3.63 8.30 37.53
C ILE B 435 3.47 7.94 36.06
N CYS B 436 2.36 8.34 35.47
CA CYS B 436 2.05 7.96 34.09
C CYS B 436 1.97 9.17 33.16
N HIS B 437 2.71 9.09 32.06
CA HIS B 437 2.68 10.14 31.04
C HIS B 437 1.82 9.71 29.86
N ALA B 438 1.20 10.67 29.19
CA ALA B 438 0.35 10.37 28.05
C ALA B 438 0.25 11.56 27.10
N THR B 439 0.16 11.26 25.81
CA THR B 439 -0.02 12.27 24.78
C THR B 439 -1.51 12.47 24.50
N ALA B 440 -1.94 13.72 24.43
CA ALA B 440 -3.33 14.02 24.10
C ALA B 440 -3.67 13.57 22.68
N GLY B 441 -4.65 12.69 22.55
CA GLY B 441 -5.40 12.21 23.70
C GLY B 441 -5.51 10.69 23.75
N GLN B 442 -4.52 10.06 24.39
CA GLN B 442 -4.59 8.63 24.69
C GLN B 442 -4.95 8.48 26.17
N TYR B 443 -5.71 7.45 26.49
CA TYR B 443 -6.24 7.33 27.85
C TYR B 443 -5.89 6.01 28.54
N LEU B 444 -5.75 6.09 29.86
CA LEU B 444 -5.40 4.93 30.67
C LEU B 444 -6.50 3.89 30.66
N PRO B 445 -6.17 2.65 30.28
CA PRO B 445 -7.12 1.53 30.26
C PRO B 445 -7.67 1.25 31.66
N ASN B 446 -8.90 0.76 31.74
CA ASN B 446 -9.52 0.43 33.02
C ASN B 446 -8.77 -0.66 33.76
N SER B 447 -7.96 -1.43 33.04
CA SER B 447 -7.14 -2.48 33.61
C SER B 447 -6.20 -1.90 34.66
N LEU B 448 -5.33 -1.00 34.22
CA LEU B 448 -4.37 -0.35 35.12
C LEU B 448 -5.07 0.62 36.07
N LYS B 449 -6.12 1.27 35.58
CA LYS B 449 -6.80 2.32 36.32
C LYS B 449 -7.54 1.78 37.55
N LYS B 450 -8.09 0.57 37.43
CA LYS B 450 -8.82 -0.05 38.53
C LYS B 450 -7.89 -0.88 39.40
N THR B 451 -6.73 -1.21 38.87
CA THR B 451 -5.74 -2.00 39.61
C THR B 451 -4.90 -1.09 40.50
N ILE B 452 -4.61 0.10 40.00
CA ILE B 452 -3.80 1.06 40.74
C ILE B 452 -4.64 1.88 41.72
N PRO B 453 -4.09 2.13 42.92
CA PRO B 453 -4.77 2.97 43.93
C PRO B 453 -4.89 4.41 43.46
N SER B 454 -3.84 5.20 43.67
CA SER B 454 -3.81 6.58 43.20
C SER B 454 -2.67 6.75 42.19
N ILE B 455 -2.95 7.47 41.11
CA ILE B 455 -1.97 7.62 40.03
C ILE B 455 -1.73 9.08 39.65
N ILE B 456 -0.46 9.47 39.61
CA ILE B 456 -0.08 10.79 39.14
C ILE B 456 -0.02 10.78 37.62
N GLY B 457 -1.14 11.13 36.98
CA GLY B 457 -1.23 11.10 35.53
C GLY B 457 -0.99 12.47 34.91
N LEU B 458 -0.17 12.48 33.85
CA LEU B 458 0.17 13.73 33.18
C LEU B 458 -0.13 13.66 31.68
N THR B 459 -0.94 14.59 31.20
CA THR B 459 -1.33 14.61 29.80
C THR B 459 -0.60 15.72 29.05
N TRP B 460 -0.01 15.37 27.90
CA TRP B 460 0.80 16.32 27.14
C TRP B 460 0.15 16.73 25.82
N PRO B 461 0.05 18.05 25.59
CA PRO B 461 -0.53 18.61 24.36
C PRO B 461 0.23 18.16 23.11
N ILE B 462 -0.48 18.09 21.99
CA ILE B 462 0.13 17.71 20.72
C ILE B 462 1.14 18.78 20.27
N LEU B 463 2.28 18.33 19.76
CA LEU B 463 3.30 19.24 19.28
C LEU B 463 3.46 19.17 17.77
N PHE B 464 3.19 20.28 17.10
CA PHE B 464 3.44 20.38 15.66
C PHE B 464 4.75 21.11 15.42
N LEU B 465 5.84 20.50 15.89
CA LEU B 465 7.16 21.11 15.80
C LEU B 465 8.09 20.29 14.93
N GLU B 466 7.58 19.87 13.77
CA GLU B 466 8.35 19.09 12.80
C GLU B 466 8.94 17.82 13.42
N TYR B 467 10.14 17.47 12.97
CA TYR B 467 10.81 16.26 13.44
C TYR B 467 11.21 16.32 14.91
N GLU B 468 11.47 17.54 15.39
CA GLU B 468 12.01 17.72 16.73
C GLU B 468 10.96 17.62 17.84
N GLY B 469 9.69 17.68 17.46
CA GLY B 469 8.60 17.66 18.41
C GLY B 469 8.62 16.45 19.33
N ALA B 470 8.96 15.29 18.77
CA ALA B 470 8.98 14.04 19.53
C ALA B 470 9.99 14.07 20.66
N PHE B 471 11.12 14.73 20.44
CA PHE B 471 12.17 14.80 21.44
C PHE B 471 11.86 15.84 22.52
N ILE B 472 11.21 16.92 22.12
CA ILE B 472 10.73 17.92 23.07
C ILE B 472 9.70 17.28 24.00
N GLN B 473 8.92 16.35 23.44
CA GLN B 473 7.97 15.57 24.23
C GLN B 473 8.70 14.73 25.27
N LYS B 474 9.78 14.07 24.85
CA LYS B 474 10.56 13.23 25.75
C LYS B 474 11.21 14.07 26.84
N PHE B 475 11.74 15.23 26.45
CA PHE B 475 12.38 16.14 27.40
C PHE B 475 11.38 16.66 28.41
N GLN B 476 10.16 16.91 27.95
CA GLN B 476 9.08 17.35 28.83
C GLN B 476 8.80 16.29 29.89
N ARG B 477 8.71 15.03 29.45
CA ARG B 477 8.43 13.92 30.36
C ARG B 477 9.58 13.68 31.34
N GLU B 478 10.80 13.80 30.84
CA GLU B 478 11.99 13.63 31.68
C GLU B 478 12.08 14.72 32.75
N LEU B 479 11.89 15.96 32.33
CA LEU B 479 11.95 17.09 33.26
C LEU B 479 10.82 17.03 34.27
N SER B 480 9.64 16.65 33.80
CA SER B 480 8.46 16.51 34.66
C SER B 480 8.71 15.48 35.75
N THR B 481 9.25 14.33 35.35
CA THR B 481 9.52 13.24 36.28
C THR B 481 10.57 13.67 37.31
N LYS B 482 11.58 14.41 36.84
CA LYS B 482 12.64 14.90 37.71
C LYS B 482 12.08 15.80 38.82
N TRP B 483 11.28 16.79 38.42
CA TRP B 483 10.65 17.70 39.36
C TRP B 483 9.83 16.97 40.42
N ILE B 484 9.07 15.97 39.97
CA ILE B 484 8.28 15.15 40.89
C ILE B 484 9.20 14.41 41.85
N LEU B 485 10.19 13.71 41.31
CA LEU B 485 11.15 12.98 42.13
C LEU B 485 11.98 13.89 43.00
N ASP B 486 12.34 15.08 42.47
CA ASP B 486 13.06 16.07 43.25
C ASP B 486 12.24 16.47 44.47
N THR B 487 10.96 16.76 44.25
CA THR B 487 10.08 17.23 45.31
C THR B 487 9.71 16.11 46.29
N VAL B 488 9.50 14.91 45.76
CA VAL B 488 9.13 13.76 46.59
C VAL B 488 10.26 13.37 47.53
N THR B 489 11.46 13.19 46.98
CA THR B 489 12.61 12.79 47.79
C THR B 489 13.00 13.85 48.80
N SER B 490 13.15 15.09 48.32
CA SER B 490 13.54 16.20 49.19
C SER B 490 12.47 16.48 50.24
N GLY B 491 11.21 16.38 49.83
CA GLY B 491 10.09 16.63 50.73
C GLY B 491 9.97 15.58 51.81
N ALA B 492 10.23 14.33 51.44
CA ALA B 492 10.13 13.22 52.39
C ALA B 492 11.17 13.34 53.50
N TYR B 493 12.41 13.61 53.11
CA TYR B 493 13.49 13.77 54.09
C TYR B 493 13.34 15.06 54.88
N THR B 494 12.61 16.02 54.33
CA THR B 494 12.29 17.25 55.05
C THR B 494 11.31 16.92 56.17
N LEU B 495 10.33 16.07 55.87
CA LEU B 495 9.37 15.62 56.85
C LEU B 495 10.03 14.71 57.89
N ARG B 496 11.15 14.11 57.52
CA ARG B 496 11.90 13.25 58.43
C ARG B 496 12.77 14.07 59.39
N GLY B 497 12.91 15.35 59.10
CA GLY B 497 13.69 16.24 59.95
C GLY B 497 15.18 16.24 59.62
N LYS B 498 15.48 16.43 58.34
CA LYS B 498 16.87 16.48 57.89
C LYS B 498 17.28 17.91 57.52
N ILE B 499 16.36 18.85 57.67
CA ILE B 499 16.61 20.25 57.32
C ILE B 499 16.37 21.17 58.51
N PHE B 500 17.33 22.04 58.81
CA PHE B 500 17.22 22.97 59.92
C PHE B 500 16.21 24.07 59.64
N ARG B 501 16.45 24.85 58.59
CA ARG B 501 15.51 25.86 58.14
C ARG B 501 15.28 25.69 56.65
N ASN B 502 16.26 26.14 55.86
CA ASN B 502 16.27 25.89 54.43
C ASN B 502 17.69 25.55 53.97
N PHE B 503 18.50 25.10 54.92
CA PHE B 503 19.86 24.65 54.63
C PHE B 503 20.20 23.40 55.43
N MET B 504 21.16 22.63 54.94
CA MET B 504 21.56 21.39 55.60
C MET B 504 22.59 21.68 56.69
N VAL B 505 22.44 20.99 57.83
CA VAL B 505 23.38 21.14 58.93
C VAL B 505 24.28 19.92 59.04
N ASP B 506 23.68 18.74 58.98
CA ASP B 506 24.45 17.51 59.13
C ASP B 506 24.70 16.85 57.77
N PHE B 507 25.96 16.87 57.34
CA PHE B 507 26.35 16.18 56.12
C PHE B 507 27.84 15.84 56.17
N LYS B 508 28.21 14.72 55.54
CA LYS B 508 29.60 14.29 55.52
C LYS B 508 30.42 15.13 54.55
N ILE B 509 31.42 15.82 55.10
CA ILE B 509 32.31 16.65 54.30
C ILE B 509 33.18 15.79 53.39
N ASN B 510 32.74 15.63 52.15
CA ASN B 510 33.40 14.72 51.21
C ASN B 510 34.23 15.43 50.13
N ASN B 511 34.15 16.75 50.09
CA ASN B 511 34.99 17.54 49.18
C ASN B 511 35.26 18.96 49.69
N SER B 512 36.00 19.73 48.89
CA SER B 512 36.39 21.08 49.28
C SER B 512 35.19 22.00 49.40
N LYS B 513 34.26 21.86 48.48
CA LYS B 513 33.06 22.70 48.46
C LYS B 513 32.21 22.47 49.70
N LEU B 514 32.14 21.22 50.14
CA LEU B 514 31.38 20.87 51.33
C LEU B 514 32.07 21.39 52.58
N PHE B 515 33.41 21.48 52.53
CA PHE B 515 34.19 22.00 53.64
C PHE B 515 33.95 23.49 53.82
N HIS B 516 33.96 24.21 52.70
CA HIS B 516 33.71 25.65 52.73
C HIS B 516 32.26 25.94 53.07
N ARG B 517 31.37 25.04 52.68
CA ARG B 517 29.95 25.17 53.00
C ARG B 517 29.74 24.98 54.49
N ALA B 518 30.43 24.00 55.06
CA ALA B 518 30.36 23.75 56.50
C ALA B 518 30.87 24.97 57.27
N THR B 519 31.88 25.62 56.71
CA THR B 519 32.39 26.87 57.28
C THR B 519 31.33 27.95 57.19
N SER B 520 30.64 28.02 56.06
CA SER B 520 29.61 29.02 55.82
C SER B 520 28.42 28.86 56.77
N VAL B 521 28.06 27.62 57.05
CA VAL B 521 26.97 27.32 57.98
C VAL B 521 27.33 27.81 59.39
N LEU B 522 28.58 27.60 59.77
CA LEU B 522 29.06 28.06 61.07
C LEU B 522 29.03 29.59 61.18
N GLN B 523 29.29 30.27 60.06
CA GLN B 523 29.35 31.72 60.05
C GLN B 523 27.97 32.37 60.20
N ARG B 524 26.92 31.68 59.73
CA ARG B 524 25.59 32.26 59.73
C ARG B 524 24.78 31.90 60.98
N LEU B 525 25.15 30.81 61.63
CA LEU B 525 24.51 30.42 62.88
C LEU B 525 25.14 31.16 64.05
N THR B 526 26.46 31.34 63.97
CA THR B 526 27.19 32.11 64.96
C THR B 526 27.45 33.51 64.41
N GLY B 527 28.27 34.29 65.12
CA GLY B 527 28.63 35.62 64.67
C GLY B 527 30.12 35.75 64.46
N GLN B 528 30.85 34.68 64.80
CA GLN B 528 32.30 34.67 64.70
C GLN B 528 32.77 34.64 63.25
N SER B 529 34.05 34.96 63.04
CA SER B 529 34.62 35.06 61.71
C SER B 529 34.96 33.70 61.11
N GLN B 530 35.43 33.71 59.88
CA GLN B 530 35.80 32.48 59.17
C GLN B 530 37.01 31.82 59.83
N GLN B 531 37.85 32.64 60.46
CA GLN B 531 39.01 32.15 61.19
C GLN B 531 38.59 31.17 62.28
N ARG B 532 37.68 31.61 63.15
CA ARG B 532 37.23 30.79 64.26
C ARG B 532 36.35 29.63 63.82
N CYS B 533 35.64 29.82 62.72
CA CYS B 533 34.77 28.77 62.19
C CYS B 533 35.58 27.59 61.66
N THR B 534 36.70 27.90 61.00
CA THR B 534 37.58 26.86 60.49
C THR B 534 38.25 26.13 61.65
N GLU B 535 38.48 26.85 62.75
CA GLU B 535 39.08 26.26 63.94
C GLU B 535 38.20 25.19 64.56
N VAL B 536 37.00 25.58 65.00
CA VAL B 536 36.07 24.67 65.65
C VAL B 536 35.66 23.51 64.74
N LEU B 537 35.73 23.74 63.43
CA LEU B 537 35.44 22.69 62.46
C LEU B 537 36.57 21.65 62.50
N LEU B 538 37.80 22.15 62.51
CA LEU B 538 38.97 21.27 62.59
C LEU B 538 39.05 20.57 63.94
N GLN B 539 38.63 21.27 64.99
CA GLN B 539 38.62 20.71 66.34
C GLN B 539 37.67 19.51 66.42
N SER B 540 36.57 19.59 65.67
CA SER B 540 35.58 18.52 65.66
C SER B 540 36.03 17.33 64.80
N ILE B 541 36.73 17.64 63.71
CA ILE B 541 37.19 16.60 62.79
C ILE B 541 38.26 15.72 63.43
N TYR B 542 39.25 16.34 64.06
CA TYR B 542 40.37 15.60 64.64
C TYR B 542 40.17 15.29 66.12
N GLY B 543 39.09 15.82 66.70
CA GLY B 543 38.75 15.52 68.07
C GLY B 543 39.56 16.28 69.10
N GLU B 544 40.83 16.51 68.80
CA GLU B 544 41.73 17.22 69.70
C GLU B 544 41.28 18.67 69.91
N GLN B 545 41.24 19.09 71.18
CA GLN B 545 40.80 20.43 71.53
C GLN B 545 41.77 21.49 71.02
N THR B 546 43.06 21.25 71.21
CA THR B 546 44.10 22.16 70.74
C THR B 546 44.79 21.59 69.51
N LEU B 547 44.49 22.16 68.34
CA LEU B 547 45.09 21.69 67.09
C LEU B 547 46.59 21.77 67.15
N SER B 548 47.26 20.72 66.67
CA SER B 548 48.72 20.68 66.65
C SER B 548 49.27 21.58 65.55
N GLU B 549 50.37 21.15 64.95
CA GLU B 549 50.99 21.92 63.87
C GLU B 549 51.05 21.09 62.59
N GLN B 550 51.05 19.78 62.76
CA GLN B 550 51.07 18.87 61.61
C GLN B 550 49.72 18.86 60.91
N ILE B 551 48.66 19.18 61.66
CA ILE B 551 47.32 19.21 61.11
C ILE B 551 46.87 20.63 60.79
N ARG B 552 47.46 21.61 61.47
CA ARG B 552 47.09 23.01 61.26
C ARG B 552 47.66 23.51 59.94
N ASN B 553 48.69 22.84 59.44
CA ASN B 553 49.29 23.18 58.15
C ASN B 553 48.95 22.16 57.07
N THR B 554 48.04 21.24 57.39
CA THR B 554 47.59 20.24 56.43
C THR B 554 46.55 20.85 55.50
N THR B 555 46.64 20.53 54.21
CA THR B 555 45.73 21.05 53.20
C THR B 555 44.28 20.61 53.46
N ILE B 556 43.34 21.31 52.84
CA ILE B 556 41.92 21.01 52.99
C ILE B 556 41.59 19.59 52.50
N ALA B 557 42.30 19.16 51.45
CA ALA B 557 42.10 17.83 50.90
C ALA B 557 42.41 16.75 51.93
N GLY B 558 43.33 17.06 52.85
CA GLY B 558 43.67 16.14 53.91
C GLY B 558 42.60 16.09 54.99
N HIS B 559 42.04 17.25 55.30
CA HIS B 559 40.97 17.36 56.29
C HIS B 559 39.74 16.59 55.83
N VAL B 560 39.45 16.66 54.54
CA VAL B 560 38.33 15.95 53.95
C VAL B 560 38.50 14.44 54.11
N GLU B 561 39.72 13.97 53.87
CA GLU B 561 40.02 12.54 53.98
C GLU B 561 39.93 12.07 55.43
N ALA B 562 40.03 13.01 56.36
CA ALA B 562 39.93 12.71 57.78
C ALA B 562 38.50 12.88 58.29
N ALA B 563 37.74 13.75 57.63
CA ALA B 563 36.37 14.03 58.04
C ALA B 563 35.38 13.14 57.30
N ALA B 564 35.88 12.36 56.36
CA ALA B 564 35.02 11.48 55.55
C ALA B 564 34.47 10.31 56.36
N SER B 565 35.18 9.96 57.44
CA SER B 565 34.78 8.84 58.28
C SER B 565 34.21 9.28 59.62
N GLN B 566 33.88 10.57 59.71
CA GLN B 566 33.33 11.13 60.95
C GLN B 566 31.85 11.43 60.82
N ASP B 567 31.08 11.14 61.86
CA ASP B 567 29.66 11.41 61.88
C ASP B 567 29.33 12.61 62.76
N LYS B 568 28.29 13.35 62.38
CA LYS B 568 27.87 14.55 63.10
C LYS B 568 29.02 15.54 63.26
N VAL B 569 29.78 15.72 62.18
CA VAL B 569 30.92 16.62 62.19
C VAL B 569 30.49 18.06 62.43
N LEU B 570 29.78 18.62 61.45
CA LEU B 570 29.30 19.99 61.54
C LEU B 570 28.38 20.30 62.74
N PRO B 571 27.42 19.41 63.06
CA PRO B 571 26.57 19.69 64.24
C PRO B 571 27.36 19.88 65.52
N VAL B 572 28.40 19.08 65.74
CA VAL B 572 29.23 19.21 66.94
C VAL B 572 29.96 20.55 66.96
N ALA B 573 30.54 20.92 65.81
CA ALA B 573 31.27 22.18 65.68
C ALA B 573 30.34 23.38 65.88
N ILE B 574 29.08 23.22 65.50
CA ILE B 574 28.08 24.28 65.65
C ILE B 574 27.77 24.55 67.12
N VAL B 575 27.51 23.49 67.88
CA VAL B 575 27.18 23.62 69.29
C VAL B 575 28.37 24.14 70.10
N SER B 576 29.57 23.67 69.77
CA SER B 576 30.78 24.06 70.49
C SER B 576 31.09 25.54 70.32
N LEU B 577 30.64 26.12 69.22
CA LEU B 577 30.86 27.54 68.95
C LEU B 577 29.68 28.36 69.45
N LEU B 578 28.47 27.83 69.25
CA LEU B 578 27.25 28.52 69.67
C LEU B 578 27.26 28.78 71.17
N ARG B 579 27.38 27.72 71.96
CA ARG B 579 27.64 27.86 73.38
C ARG B 579 29.10 27.47 73.62
N SER B 580 29.78 28.21 74.49
CA SER B 580 31.21 27.98 74.70
C SER B 580 31.45 26.72 75.53
N CYS B 581 32.01 25.70 74.88
CA CYS B 581 32.28 24.43 75.54
C CYS B 581 33.29 23.60 74.75
N THR B 582 33.78 22.54 75.39
CA THR B 582 34.71 21.61 74.76
C THR B 582 34.01 20.84 73.64
N ILE B 583 34.78 20.39 72.66
CA ILE B 583 34.23 19.58 71.57
C ILE B 583 33.60 18.30 72.12
N GLN B 584 34.23 17.74 73.16
CA GLN B 584 33.69 16.55 73.81
C GLN B 584 32.37 16.84 74.52
N ASP B 585 32.29 17.99 75.18
CA ASP B 585 31.07 18.42 75.84
C ASP B 585 29.97 18.67 74.81
N SER B 586 30.36 19.24 73.67
CA SER B 586 29.42 19.48 72.58
C SER B 586 28.94 18.16 71.99
N ARG B 587 29.81 17.16 72.03
CA ARG B 587 29.50 15.85 71.48
C ARG B 587 28.54 15.08 72.38
N SER B 588 28.69 15.27 73.69
CA SER B 588 27.83 14.60 74.66
C SER B 588 26.48 15.29 74.75
N ARG B 589 26.45 16.59 74.46
CA ARG B 589 25.22 17.36 74.51
C ARG B 589 24.29 16.96 73.36
N ILE B 590 24.89 16.52 72.25
CA ILE B 590 24.12 16.10 71.08
C ILE B 590 23.52 14.71 71.30
N ASN B 591 24.33 13.79 71.84
CA ASN B 591 23.86 12.43 72.12
C ASN B 591 22.76 12.40 73.17
N SER B 592 22.70 13.43 74.00
CA SER B 592 21.69 13.51 75.06
C SER B 592 20.44 14.24 74.58
N SER B 593 20.51 14.85 73.40
CA SER B 593 19.37 15.53 72.82
C SER B 593 18.53 14.54 72.00
N LEU B 594 17.26 14.87 71.81
CA LEU B 594 16.36 13.98 71.07
C LEU B 594 16.63 14.02 69.58
N SER B 595 17.19 15.14 69.12
CA SER B 595 17.51 15.29 67.70
C SER B 595 18.66 16.26 67.50
N ILE B 596 19.29 16.19 66.33
CA ILE B 596 20.38 17.09 65.97
C ILE B 596 19.87 18.54 65.91
N ARG B 597 18.68 18.70 65.35
CA ARG B 597 18.06 20.01 65.23
C ARG B 597 17.79 20.65 66.59
N SER B 598 17.29 19.84 67.52
CA SER B 598 16.97 20.32 68.85
C SER B 598 18.21 20.74 69.63
N ALA B 599 19.32 20.07 69.35
CA ALA B 599 20.59 20.37 70.01
C ALA B 599 21.10 21.75 69.61
N ILE B 600 20.73 22.18 68.40
CA ILE B 600 21.13 23.48 67.90
C ILE B 600 20.23 24.59 68.43
N GLU B 601 18.92 24.34 68.39
CA GLU B 601 17.93 25.31 68.83
C GLU B 601 18.06 25.62 70.31
N SER B 602 18.43 24.62 71.10
CA SER B 602 18.64 24.79 72.52
C SER B 602 19.91 25.58 72.79
N SER B 603 20.90 25.39 71.91
CA SER B 603 22.18 26.09 72.02
C SER B 603 22.12 27.43 71.29
N MET B 604 21.03 27.65 70.55
CA MET B 604 20.88 28.85 69.74
C MET B 604 20.81 30.11 70.59
N ASN B 605 20.20 30.00 71.77
CA ASN B 605 20.07 31.13 72.68
C ASN B 605 21.08 31.08 73.81
N GLN C 6 -54.39 -49.21 -21.66
CA GLN C 6 -53.32 -48.84 -20.74
C GLN C 6 -51.96 -49.29 -21.25
N ASN C 7 -51.91 -50.51 -21.77
CA ASN C 7 -50.66 -51.10 -22.26
C ASN C 7 -49.96 -50.27 -23.32
N GLU C 8 -50.71 -49.85 -24.33
CA GLU C 8 -50.13 -49.15 -25.47
C GLU C 8 -49.72 -47.72 -25.11
N VAL C 9 -50.53 -47.04 -24.31
CA VAL C 9 -50.24 -45.67 -23.93
C VAL C 9 -49.13 -45.59 -22.90
N ASP C 10 -48.91 -46.67 -22.17
CA ASP C 10 -47.84 -46.72 -21.18
C ASP C 10 -46.47 -46.84 -21.84
N GLN C 11 -46.33 -47.80 -22.75
CA GLN C 11 -45.06 -48.03 -23.43
C GLN C 11 -44.70 -46.88 -24.37
N ILE C 12 -45.71 -46.12 -24.79
CA ILE C 12 -45.48 -44.92 -25.60
C ILE C 12 -44.87 -43.82 -24.71
N LEU C 13 -45.32 -43.77 -23.46
CA LEU C 13 -44.83 -42.77 -22.51
C LEU C 13 -43.62 -43.26 -21.73
N SER C 14 -43.41 -44.58 -21.71
CA SER C 14 -42.25 -45.16 -21.04
C SER C 14 -41.01 -44.97 -21.92
N GLU C 15 -41.23 -44.46 -23.12
CA GLU C 15 -40.14 -44.14 -24.04
C GLU C 15 -39.39 -42.91 -23.54
N PHE C 16 -40.05 -42.15 -22.69
CA PHE C 16 -39.44 -40.97 -22.07
C PHE C 16 -38.76 -41.32 -20.76
N HIS C 17 -39.04 -42.51 -20.25
CA HIS C 17 -38.46 -42.98 -19.00
C HIS C 17 -36.96 -43.26 -19.15
N LEU C 18 -36.19 -42.84 -18.14
CA LEU C 18 -34.76 -43.09 -18.14
C LEU C 18 -34.35 -43.78 -16.85
N GLN C 19 -33.53 -44.83 -16.98
CA GLN C 19 -33.03 -45.56 -15.83
C GLN C 19 -32.04 -44.70 -15.04
N GLU C 20 -31.83 -45.05 -13.77
CA GLU C 20 -30.84 -44.36 -12.95
C GLU C 20 -29.46 -44.50 -13.56
N GLU C 21 -29.17 -45.70 -14.07
CA GLU C 21 -27.89 -45.97 -14.71
C GLU C 21 -27.76 -45.25 -16.04
N ASP C 22 -28.90 -44.99 -16.70
CA ASP C 22 -28.91 -44.21 -17.92
C ASP C 22 -28.62 -42.74 -17.60
N LEU C 23 -29.05 -42.31 -16.42
CA LEU C 23 -28.79 -40.95 -15.96
C LEU C 23 -27.32 -40.78 -15.60
N HIS C 24 -26.71 -41.84 -15.10
CA HIS C 24 -25.30 -41.83 -14.75
C HIS C 24 -24.44 -41.74 -16.01
N VAL C 25 -24.95 -42.28 -17.11
CA VAL C 25 -24.27 -42.20 -18.40
C VAL C 25 -24.34 -40.79 -18.94
N LEU C 26 -25.54 -40.20 -18.87
CA LEU C 26 -25.76 -38.84 -19.34
C LEU C 26 -24.85 -37.87 -18.61
N MET C 27 -24.69 -38.09 -17.31
CA MET C 27 -23.83 -37.26 -16.48
C MET C 27 -22.37 -37.34 -16.91
N CYS C 28 -21.90 -38.55 -17.16
CA CYS C 28 -20.51 -38.76 -17.54
C CYS C 28 -20.22 -38.26 -18.95
N ARG C 29 -21.20 -38.35 -19.84
CA ARG C 29 -21.05 -37.83 -21.19
C ARG C 29 -21.00 -36.30 -21.16
N MET C 30 -21.71 -35.72 -20.21
CA MET C 30 -21.66 -34.28 -19.99
C MET C 30 -20.28 -33.86 -19.52
N GLN C 31 -19.77 -34.58 -18.53
CA GLN C 31 -18.43 -34.34 -18.00
C GLN C 31 -17.38 -34.50 -19.08
N ALA C 32 -17.54 -35.52 -19.91
CA ALA C 32 -16.61 -35.79 -21.01
C ALA C 32 -16.64 -34.68 -22.04
N GLU C 33 -17.82 -34.10 -22.24
CA GLU C 33 -17.97 -33.02 -23.20
C GLU C 33 -17.51 -31.70 -22.60
N MET C 34 -17.60 -31.60 -21.28
CA MET C 34 -17.11 -30.44 -20.56
C MET C 34 -15.59 -30.38 -20.62
N GLU C 35 -14.97 -31.54 -20.50
CA GLU C 35 -13.52 -31.63 -20.57
C GLU C 35 -13.02 -31.30 -21.97
N ARG C 36 -13.83 -31.67 -22.97
CA ARG C 36 -13.47 -31.45 -24.36
C ARG C 36 -13.52 -29.97 -24.73
N GLY C 37 -14.32 -29.21 -23.99
CA GLY C 37 -14.48 -27.79 -24.25
C GLY C 37 -13.46 -26.93 -23.55
N LEU C 38 -12.84 -27.47 -22.50
CA LEU C 38 -11.86 -26.72 -21.72
C LEU C 38 -10.46 -26.75 -22.35
N HIS C 39 -10.16 -27.82 -23.08
CA HIS C 39 -8.87 -27.95 -23.74
C HIS C 39 -8.82 -27.14 -25.03
N LEU C 40 -7.66 -26.53 -25.30
CA LEU C 40 -7.49 -25.68 -26.46
C LEU C 40 -7.59 -26.44 -27.78
N GLU C 41 -7.05 -27.65 -27.80
CA GLU C 41 -6.97 -28.43 -29.03
C GLU C 41 -8.34 -28.86 -29.57
N THR C 42 -9.24 -29.19 -28.66
CA THR C 42 -10.55 -29.72 -29.05
C THR C 42 -11.69 -28.75 -28.75
N ASN C 43 -11.35 -27.48 -28.51
CA ASN C 43 -12.35 -26.48 -28.17
C ASN C 43 -13.24 -26.08 -29.35
N GLU C 44 -12.64 -25.96 -30.53
CA GLU C 44 -13.37 -25.52 -31.71
C GLU C 44 -14.35 -26.57 -32.22
N GLU C 45 -14.01 -27.84 -32.02
CA GLU C 45 -14.87 -28.94 -32.46
C GLU C 45 -15.85 -29.37 -31.37
N ALA C 46 -15.69 -28.78 -30.18
CA ALA C 46 -16.54 -29.13 -29.04
C ALA C 46 -17.91 -28.48 -29.16
N SER C 47 -18.94 -29.24 -28.79
CA SER C 47 -20.30 -28.72 -28.79
C SER C 47 -20.51 -27.77 -27.61
N VAL C 48 -20.04 -28.19 -26.44
CA VAL C 48 -20.09 -27.35 -25.25
C VAL C 48 -18.82 -26.50 -25.18
N LYS C 49 -18.94 -25.24 -25.56
CA LYS C 49 -17.78 -24.35 -25.70
C LYS C 49 -17.06 -24.05 -24.40
N MET C 50 -17.81 -23.99 -23.30
CA MET C 50 -17.26 -23.69 -21.98
C MET C 50 -16.46 -22.39 -21.98
N LEU C 51 -17.12 -21.31 -22.40
CA LEU C 51 -16.47 -20.02 -22.54
C LEU C 51 -16.11 -19.40 -21.20
N PRO C 52 -14.93 -18.76 -21.12
CA PRO C 52 -14.50 -18.06 -19.91
C PRO C 52 -15.15 -16.67 -19.82
N THR C 53 -15.17 -16.10 -18.62
CA THR C 53 -15.76 -14.79 -18.41
C THR C 53 -14.77 -13.86 -17.71
N TYR C 54 -15.31 -12.81 -17.09
CA TYR C 54 -14.48 -11.90 -16.31
C TYR C 54 -14.73 -12.08 -14.81
N VAL C 55 -15.77 -12.86 -14.49
CA VAL C 55 -16.01 -13.24 -13.11
C VAL C 55 -14.96 -14.25 -12.68
N ARG C 56 -13.97 -13.77 -11.91
CA ARG C 56 -12.80 -14.58 -11.61
C ARG C 56 -12.19 -14.23 -10.26
N SER C 57 -11.24 -15.05 -9.81
CA SER C 57 -10.49 -14.77 -8.59
C SER C 57 -8.98 -14.87 -8.85
N THR C 58 -8.50 -14.02 -9.75
CA THR C 58 -7.08 -13.98 -10.09
C THR C 58 -6.29 -13.16 -9.07
N PRO C 59 -4.95 -13.36 -9.01
CA PRO C 59 -4.12 -12.56 -8.12
C PRO C 59 -3.89 -11.14 -8.62
N ASP C 60 -4.60 -10.73 -9.66
CA ASP C 60 -4.48 -9.36 -10.17
C ASP C 60 -5.38 -8.40 -9.42
N GLY C 61 -6.06 -8.92 -8.39
CA GLY C 61 -6.94 -8.11 -7.57
C GLY C 61 -8.41 -8.42 -7.77
N SER C 62 -8.72 -9.12 -8.85
CA SER C 62 -10.11 -9.42 -9.20
C SER C 62 -10.71 -10.47 -8.27
N GLU C 63 -11.98 -10.28 -7.93
CA GLU C 63 -12.70 -11.22 -7.07
C GLU C 63 -14.12 -11.45 -7.61
N VAL C 64 -14.71 -12.59 -7.25
CA VAL C 64 -16.08 -12.88 -7.65
C VAL C 64 -17.06 -11.96 -6.95
N GLY C 65 -17.82 -11.21 -7.74
CA GLY C 65 -18.74 -10.23 -7.20
C GLY C 65 -18.41 -8.85 -7.71
N ASP C 66 -17.18 -8.68 -8.18
CA ASP C 66 -16.77 -7.44 -8.84
C ASP C 66 -17.65 -7.24 -10.06
N PHE C 67 -18.03 -5.99 -10.32
CA PHE C 67 -18.93 -5.71 -11.43
C PHE C 67 -18.93 -4.25 -11.85
N LEU C 68 -19.30 -4.00 -13.11
CA LEU C 68 -19.47 -2.65 -13.63
C LEU C 68 -20.82 -2.54 -14.32
N ALA C 69 -21.80 -1.96 -13.62
CA ALA C 69 -23.15 -1.85 -14.14
C ALA C 69 -23.36 -0.54 -14.90
N LEU C 70 -23.77 -0.65 -16.16
CA LEU C 70 -24.08 0.51 -16.97
C LEU C 70 -25.58 0.75 -16.96
N ASP C 71 -25.98 2.03 -16.96
CA ASP C 71 -27.40 2.39 -16.92
C ASP C 71 -27.67 3.56 -17.85
N LEU C 72 -28.66 3.39 -18.73
CA LEU C 72 -29.01 4.42 -19.69
C LEU C 72 -30.49 4.76 -19.62
N GLY C 73 -31.19 4.12 -18.68
CA GLY C 73 -32.60 4.36 -18.46
C GLY C 73 -32.89 5.80 -18.10
N GLY C 74 -33.29 6.59 -19.09
CA GLY C 74 -33.57 8.00 -18.90
C GLY C 74 -32.69 8.87 -19.77
N THR C 75 -32.46 10.10 -19.33
CA THR C 75 -31.62 11.03 -20.09
C THR C 75 -30.21 11.10 -19.52
N ASN C 76 -30.00 10.46 -18.38
CA ASN C 76 -28.70 10.48 -17.71
C ASN C 76 -28.06 9.09 -17.65
N PHE C 77 -26.77 9.03 -17.93
CA PHE C 77 -26.03 7.78 -17.90
C PHE C 77 -25.43 7.53 -16.52
N ARG C 78 -25.53 6.29 -16.04
CA ARG C 78 -25.07 5.95 -14.71
C ARG C 78 -24.05 4.82 -14.74
N VAL C 79 -22.85 5.08 -14.23
CA VAL C 79 -21.81 4.07 -14.13
C VAL C 79 -21.60 3.68 -12.68
N MET C 80 -21.92 2.43 -12.35
CA MET C 80 -21.77 1.93 -10.99
C MET C 80 -20.70 0.85 -10.89
N LEU C 81 -19.86 0.96 -9.88
CA LEU C 81 -18.80 -0.02 -9.66
C LEU C 81 -19.05 -0.81 -8.39
N VAL C 82 -19.02 -2.14 -8.51
CA VAL C 82 -19.18 -3.02 -7.36
C VAL C 82 -17.87 -3.75 -7.09
N LYS C 83 -17.45 -3.75 -5.84
CA LYS C 83 -16.18 -4.39 -5.46
C LYS C 83 -16.34 -5.27 -4.24
N VAL C 84 -15.77 -6.47 -4.31
CA VAL C 84 -15.86 -7.44 -3.23
C VAL C 84 -14.47 -7.79 -2.70
N GLY C 85 -14.32 -7.83 -1.38
CA GLY C 85 -13.06 -8.17 -0.76
C GLY C 85 -13.20 -8.40 0.73
N GLU C 86 -12.07 -8.31 1.44
CA GLU C 86 -12.07 -8.46 2.89
C GLU C 86 -11.38 -7.29 3.57
N ASP C 87 -11.73 -7.03 4.82
CA ASP C 87 -11.09 -5.98 5.60
C ASP C 87 -9.94 -6.54 6.42
N LEU C 88 -9.45 -5.74 7.37
CA LEU C 88 -8.36 -6.17 8.24
C LEU C 88 -8.75 -7.38 9.09
N GLU C 89 -10.01 -7.41 9.53
CA GLU C 89 -10.52 -8.49 10.35
C GLU C 89 -10.70 -9.78 9.54
N GLY C 90 -10.74 -9.63 8.22
CA GLY C 90 -10.88 -10.77 7.33
C GLY C 90 -12.32 -11.13 7.05
N GLN C 91 -13.22 -10.19 7.30
CA GLN C 91 -14.65 -10.42 7.07
C GLN C 91 -15.01 -10.08 5.62
N TRP C 92 -15.94 -10.84 5.06
CA TRP C 92 -16.39 -10.62 3.69
C TRP C 92 -17.07 -9.27 3.57
N LYS C 93 -16.70 -8.52 2.53
CA LYS C 93 -17.22 -7.17 2.35
C LYS C 93 -17.49 -6.82 0.89
N VAL C 94 -18.68 -6.30 0.64
CA VAL C 94 -19.02 -5.77 -0.68
C VAL C 94 -19.37 -4.29 -0.56
N GLU C 95 -18.85 -3.48 -1.46
CA GLU C 95 -19.13 -2.05 -1.45
C GLU C 95 -19.31 -1.51 -2.86
N THR C 96 -20.12 -0.45 -2.97
CA THR C 96 -20.50 0.08 -4.26
C THR C 96 -20.21 1.58 -4.39
N LYS C 97 -19.90 2.01 -5.60
CA LYS C 97 -19.69 3.41 -5.92
C LYS C 97 -20.29 3.71 -7.29
N HIS C 98 -20.87 4.89 -7.45
CA HIS C 98 -21.48 5.26 -8.73
C HIS C 98 -21.35 6.74 -9.04
N LYS C 99 -21.75 7.12 -10.24
CA LYS C 99 -21.67 8.52 -10.67
C LYS C 99 -22.57 8.77 -11.88
N MET C 100 -23.34 9.84 -11.84
CA MET C 100 -24.25 10.19 -12.93
C MET C 100 -23.54 11.02 -14.00
N TYR C 101 -24.04 10.92 -15.22
CA TYR C 101 -23.50 11.67 -16.34
C TYR C 101 -24.60 12.21 -17.24
N SER C 102 -24.49 13.48 -17.63
CA SER C 102 -25.48 14.12 -18.48
C SER C 102 -24.98 14.24 -19.92
N ILE C 103 -25.75 13.70 -20.86
CA ILE C 103 -25.37 13.73 -22.27
C ILE C 103 -25.89 14.97 -22.99
N PRO C 104 -24.98 15.72 -23.64
CA PRO C 104 -25.35 16.92 -24.39
C PRO C 104 -25.88 16.58 -25.79
N PHE C 116 -21.76 4.59 -27.28
CA PHE C 116 -21.25 5.42 -28.36
C PHE C 116 -19.93 6.09 -27.98
N ASP C 117 -19.54 7.10 -28.75
CA ASP C 117 -18.29 7.82 -28.52
C ASP C 117 -18.27 8.54 -27.17
N TYR C 118 -19.28 9.37 -26.93
CA TYR C 118 -19.37 10.11 -25.67
C TYR C 118 -19.54 9.17 -24.48
N ILE C 119 -20.20 8.04 -24.72
CA ILE C 119 -20.40 7.04 -23.68
C ILE C 119 -19.10 6.35 -23.32
N ALA C 120 -18.26 6.12 -24.32
CA ALA C 120 -16.97 5.47 -24.12
C ALA C 120 -15.98 6.40 -23.40
N GLU C 121 -16.19 7.70 -23.52
CA GLU C 121 -15.32 8.68 -22.89
C GLU C 121 -15.62 8.80 -21.40
N CYS C 122 -16.90 8.85 -21.06
CA CYS C 122 -17.31 9.04 -19.67
C CYS C 122 -17.07 7.80 -18.82
N ILE C 123 -17.05 6.62 -19.45
CA ILE C 123 -16.75 5.39 -18.74
C ILE C 123 -15.24 5.22 -18.56
N SER C 124 -14.48 5.68 -19.55
CA SER C 124 -13.03 5.67 -19.46
C SER C 124 -12.58 6.71 -18.43
N ASP C 125 -13.40 7.74 -18.28
CA ASP C 125 -13.14 8.79 -17.30
C ASP C 125 -13.33 8.26 -15.87
N TYR C 126 -14.43 7.55 -15.66
CA TYR C 126 -14.75 7.04 -14.33
C TYR C 126 -13.86 5.88 -13.93
N LEU C 127 -13.46 5.07 -14.90
CA LEU C 127 -12.60 3.92 -14.63
C LEU C 127 -11.16 4.35 -14.36
N ASP C 128 -10.70 5.38 -15.04
CA ASP C 128 -9.38 5.94 -14.78
C ASP C 128 -9.31 6.54 -13.38
N GLN C 129 -10.39 7.22 -13.01
CA GLN C 129 -10.50 7.85 -11.69
C GLN C 129 -10.41 6.81 -10.57
N GLN C 130 -11.00 5.63 -10.81
CA GLN C 130 -11.02 4.58 -9.81
C GLN C 130 -9.91 3.55 -10.04
N ASN C 131 -9.06 3.81 -11.02
CA ASN C 131 -7.96 2.91 -11.38
C ASN C 131 -8.46 1.51 -11.74
N MET C 132 -9.42 1.45 -12.65
CA MET C 132 -10.03 0.18 -13.04
C MET C 132 -10.18 0.06 -14.55
N LYS C 133 -9.52 0.93 -15.30
CA LYS C 133 -9.67 0.95 -16.75
C LYS C 133 -9.09 -0.30 -17.43
N HIS C 134 -8.13 -0.94 -16.76
CA HIS C 134 -7.50 -2.13 -17.32
C HIS C 134 -7.59 -3.32 -16.37
N LYS C 135 -8.65 -3.36 -15.58
CA LYS C 135 -8.82 -4.44 -14.60
C LYS C 135 -9.72 -5.57 -15.12
N LYS C 136 -10.22 -5.42 -16.34
CA LYS C 136 -11.08 -6.42 -16.98
C LYS C 136 -12.28 -6.77 -16.11
N LEU C 137 -13.16 -5.80 -15.88
CA LEU C 137 -14.34 -6.00 -15.05
C LEU C 137 -15.51 -6.57 -15.86
N PRO C 138 -16.21 -7.56 -15.29
CA PRO C 138 -17.41 -8.13 -15.92
C PRO C 138 -18.51 -7.08 -16.06
N LEU C 139 -19.04 -6.94 -17.27
CA LEU C 139 -19.90 -5.82 -17.61
C LEU C 139 -21.38 -6.18 -17.64
N GLY C 140 -22.23 -5.20 -17.38
CA GLY C 140 -23.67 -5.34 -17.49
C GLY C 140 -24.27 -4.08 -18.06
N PHE C 141 -25.42 -4.21 -18.73
CA PHE C 141 -26.01 -3.08 -19.42
C PHE C 141 -27.53 -3.11 -19.37
N THR C 142 -28.09 -2.93 -18.18
CA THR C 142 -29.54 -2.87 -18.01
C THR C 142 -30.06 -1.44 -18.11
N PHE C 143 -30.89 -1.19 -19.11
CA PHE C 143 -31.45 0.13 -19.35
C PHE C 143 -32.88 0.04 -19.85
N VAL C 174 -26.50 -4.53 -28.00
CA VAL C 174 -25.76 -3.31 -27.72
C VAL C 174 -24.32 -3.62 -27.35
N VAL C 175 -23.97 -4.90 -27.38
CA VAL C 175 -22.62 -5.34 -27.04
C VAL C 175 -21.62 -4.92 -28.11
N GLY C 176 -22.02 -5.06 -29.38
CA GLY C 176 -21.16 -4.74 -30.49
C GLY C 176 -20.85 -3.25 -30.62
N LEU C 177 -21.88 -2.42 -30.50
CA LEU C 177 -21.73 -0.97 -30.65
C LEU C 177 -20.79 -0.40 -29.59
N LEU C 178 -20.79 -1.00 -28.41
CA LEU C 178 -19.95 -0.54 -27.32
C LEU C 178 -18.48 -0.89 -27.58
N ARG C 179 -18.24 -2.11 -28.07
CA ARG C 179 -16.89 -2.56 -28.39
C ARG C 179 -16.30 -1.76 -29.54
N ASP C 180 -17.16 -1.30 -30.45
CA ASP C 180 -16.70 -0.53 -31.60
C ASP C 180 -16.21 0.86 -31.18
N ALA C 181 -16.85 1.42 -30.17
CA ALA C 181 -16.47 2.74 -29.67
C ALA C 181 -15.28 2.67 -28.72
N ILE C 182 -15.21 1.58 -27.96
CA ILE C 182 -14.14 1.38 -26.99
C ILE C 182 -12.78 1.20 -27.68
N LYS C 183 -12.73 0.32 -28.68
CA LYS C 183 -11.50 0.07 -29.42
C LYS C 183 -11.28 1.10 -30.53
N ARG C 184 -11.86 2.28 -30.34
CA ARG C 184 -11.66 3.40 -31.25
C ARG C 184 -10.79 4.45 -30.56
N ARG C 185 -10.72 4.33 -29.23
CA ARG C 185 -9.92 5.24 -28.42
C ARG C 185 -8.46 4.79 -28.40
N GLY C 186 -8.22 3.62 -27.81
CA GLY C 186 -6.88 3.05 -27.78
C GLY C 186 -6.32 2.86 -26.39
N ASP C 187 -7.12 3.17 -25.38
CA ASP C 187 -6.69 3.05 -23.99
C ASP C 187 -7.59 2.11 -23.20
N PHE C 188 -8.53 1.47 -23.89
CA PHE C 188 -9.51 0.63 -23.23
C PHE C 188 -9.66 -0.69 -23.99
N GLU C 189 -9.59 -1.79 -23.26
CA GLU C 189 -9.73 -3.13 -23.85
C GLU C 189 -10.96 -3.84 -23.28
N MET C 190 -11.78 -4.38 -24.18
CA MET C 190 -12.97 -5.12 -23.76
C MET C 190 -13.27 -6.27 -24.73
N ASP C 191 -13.27 -7.49 -24.21
CA ASP C 191 -13.54 -8.67 -25.03
C ASP C 191 -15.03 -8.91 -25.17
N VAL C 192 -15.38 -9.90 -25.99
CA VAL C 192 -16.77 -10.27 -26.21
C VAL C 192 -17.38 -10.89 -24.95
N VAL C 193 -16.57 -11.63 -24.21
CA VAL C 193 -17.03 -12.34 -23.03
C VAL C 193 -17.20 -11.43 -21.80
N ALA C 194 -17.01 -10.13 -22.02
CA ALA C 194 -17.15 -9.15 -20.95
C ALA C 194 -18.59 -9.07 -20.47
N MET C 195 -19.52 -9.10 -21.42
CA MET C 195 -20.94 -9.03 -21.11
C MET C 195 -21.43 -10.29 -20.41
N VAL C 196 -21.95 -10.12 -19.19
CA VAL C 196 -22.44 -11.22 -18.38
C VAL C 196 -23.92 -11.49 -18.66
N ASN C 197 -24.25 -12.76 -18.93
CA ASN C 197 -25.63 -13.14 -19.19
C ASN C 197 -26.44 -13.33 -17.91
N ASP C 198 -27.73 -13.62 -18.06
CA ASP C 198 -28.61 -13.77 -16.90
C ASP C 198 -28.21 -14.98 -16.04
N THR C 199 -27.62 -15.98 -16.66
CA THR C 199 -27.20 -17.19 -15.95
C THR C 199 -26.06 -16.90 -14.97
N VAL C 200 -25.01 -16.25 -15.47
CA VAL C 200 -23.87 -15.88 -14.65
C VAL C 200 -24.30 -14.84 -13.60
N ALA C 201 -25.24 -13.98 -13.99
CA ALA C 201 -25.77 -12.96 -13.09
C ALA C 201 -26.55 -13.58 -11.95
N THR C 202 -27.02 -14.80 -12.15
CA THR C 202 -27.77 -15.52 -11.12
C THR C 202 -26.88 -15.94 -9.96
N MET C 203 -25.72 -16.51 -10.28
CA MET C 203 -24.81 -16.98 -9.25
C MET C 203 -24.14 -15.83 -8.50
N ILE C 204 -23.91 -14.72 -9.20
CA ILE C 204 -23.30 -13.54 -8.58
C ILE C 204 -24.23 -12.98 -7.51
N SER C 205 -25.50 -12.80 -7.88
CA SER C 205 -26.49 -12.25 -6.96
C SER C 205 -26.69 -13.15 -5.76
N CYS C 206 -26.67 -14.46 -6.00
CA CYS C 206 -26.82 -15.43 -4.92
C CYS C 206 -25.54 -15.51 -4.09
N TYR C 207 -24.41 -15.19 -4.70
CA TYR C 207 -23.14 -15.19 -3.99
C TYR C 207 -23.08 -14.07 -2.96
N TYR C 208 -23.70 -12.94 -3.28
CA TYR C 208 -23.79 -11.82 -2.36
C TYR C 208 -24.54 -12.23 -1.09
N GLU C 209 -25.54 -13.07 -1.26
CA GLU C 209 -26.35 -13.56 -0.15
C GLU C 209 -25.69 -14.78 0.50
N ASP C 210 -25.36 -15.78 -0.33
CA ASP C 210 -24.75 -17.01 0.13
C ASP C 210 -23.38 -17.18 -0.51
N HIS C 211 -22.32 -17.08 0.30
CA HIS C 211 -20.96 -17.11 -0.20
C HIS C 211 -20.54 -18.49 -0.72
N HIS C 212 -21.26 -19.52 -0.30
CA HIS C 212 -20.98 -20.87 -0.76
C HIS C 212 -21.47 -21.11 -2.18
N CYS C 213 -22.24 -20.16 -2.71
CA CYS C 213 -22.78 -20.29 -4.06
C CYS C 213 -21.71 -20.13 -5.12
N GLU C 214 -21.43 -21.20 -5.84
CA GLU C 214 -20.42 -21.17 -6.90
C GLU C 214 -20.98 -21.70 -8.22
N VAL C 215 -22.27 -21.99 -8.25
CA VAL C 215 -22.91 -22.51 -9.45
C VAL C 215 -24.23 -21.79 -9.76
N GLY C 216 -24.34 -21.26 -10.97
CA GLY C 216 -25.56 -20.61 -11.41
C GLY C 216 -26.28 -21.41 -12.48
N LEU C 217 -27.61 -21.39 -12.45
CA LEU C 217 -28.41 -22.19 -13.36
C LEU C 217 -29.74 -21.53 -13.69
N ILE C 218 -30.06 -21.46 -14.98
CA ILE C 218 -31.37 -20.96 -15.41
C ILE C 218 -32.11 -22.00 -16.25
N VAL C 219 -33.27 -22.42 -15.76
CA VAL C 219 -34.09 -23.39 -16.47
C VAL C 219 -35.44 -22.78 -16.82
N GLY C 220 -35.52 -22.19 -18.01
CA GLY C 220 -36.75 -21.58 -18.48
C GLY C 220 -37.00 -21.87 -19.94
N THR C 221 -37.21 -20.82 -20.74
CA THR C 221 -37.40 -20.96 -22.17
C THR C 221 -36.13 -21.54 -22.80
N GLY C 222 -35.00 -21.32 -22.14
CA GLY C 222 -33.74 -21.92 -22.53
C GLY C 222 -33.03 -22.39 -21.27
N CYS C 223 -32.01 -23.23 -21.43
CA CYS C 223 -31.26 -23.73 -20.29
C CYS C 223 -29.76 -23.49 -20.43
N ASN C 224 -29.14 -23.03 -19.35
CA ASN C 224 -27.71 -22.76 -19.34
C ASN C 224 -27.17 -22.85 -17.92
N ALA C 225 -25.87 -23.12 -17.80
CA ALA C 225 -25.26 -23.25 -16.49
C ALA C 225 -23.92 -22.51 -16.41
N CYS C 226 -23.45 -22.28 -15.20
CA CYS C 226 -22.14 -21.68 -14.97
C CYS C 226 -21.62 -22.11 -13.61
N TYR C 227 -20.30 -22.23 -13.49
CA TYR C 227 -19.70 -22.70 -12.25
C TYR C 227 -18.28 -22.17 -12.07
N MET C 228 -17.78 -22.24 -10.85
CA MET C 228 -16.42 -21.79 -10.56
C MET C 228 -15.43 -22.90 -10.85
N GLU C 229 -14.66 -22.72 -11.93
CA GLU C 229 -13.66 -23.69 -12.34
C GLU C 229 -12.27 -23.21 -11.96
N GLU C 230 -11.38 -24.15 -11.64
CA GLU C 230 -9.99 -23.83 -11.38
C GLU C 230 -9.39 -23.17 -12.61
N MET C 231 -8.61 -22.11 -12.40
CA MET C 231 -8.02 -21.36 -13.50
C MET C 231 -7.05 -22.23 -14.30
N SER C 232 -6.50 -23.25 -13.65
CA SER C 232 -5.55 -24.15 -14.30
C SER C 232 -6.23 -25.09 -15.29
N ASN C 233 -7.50 -25.40 -15.05
CA ASN C 233 -8.24 -26.31 -15.91
C ASN C 233 -8.76 -25.64 -17.18
N VAL C 234 -8.96 -24.32 -17.13
CA VAL C 234 -9.37 -23.58 -18.30
C VAL C 234 -8.16 -23.09 -19.09
N GLU C 235 -7.92 -23.75 -20.22
CA GLU C 235 -6.76 -23.44 -21.06
C GLU C 235 -7.04 -22.25 -21.96
N LEU C 236 -8.28 -21.77 -21.96
CA LEU C 236 -8.66 -20.62 -22.76
C LEU C 236 -8.24 -19.33 -22.08
N VAL C 237 -7.74 -19.46 -20.85
CA VAL C 237 -7.22 -18.33 -20.11
C VAL C 237 -5.79 -18.61 -19.65
N GLU C 238 -4.87 -17.72 -20.00
CA GLU C 238 -3.48 -17.88 -19.59
C GLU C 238 -3.33 -17.65 -18.10
N GLY C 239 -2.85 -18.68 -17.39
CA GLY C 239 -2.67 -18.59 -15.95
C GLY C 239 -3.23 -19.80 -15.23
N GLU C 240 -2.44 -20.37 -14.33
CA GLU C 240 -2.85 -21.54 -13.57
C GLU C 240 -3.22 -21.21 -12.13
N GLU C 241 -3.44 -19.93 -11.85
CA GLU C 241 -3.75 -19.49 -10.50
C GLU C 241 -5.13 -18.83 -10.37
N GLY C 242 -5.90 -19.28 -9.38
CA GLY C 242 -7.19 -18.67 -9.09
C GLY C 242 -8.38 -19.50 -9.52
N ARG C 243 -9.56 -18.86 -9.50
CA ARG C 243 -10.80 -19.51 -9.92
C ARG C 243 -11.46 -18.70 -11.03
N MET C 244 -12.22 -19.39 -11.87
CA MET C 244 -12.87 -18.75 -13.02
C MET C 244 -14.30 -19.23 -13.20
N CYS C 245 -15.23 -18.29 -13.32
CA CYS C 245 -16.62 -18.64 -13.61
C CYS C 245 -16.79 -18.95 -15.09
N VAL C 246 -16.94 -20.23 -15.41
CA VAL C 246 -17.05 -20.65 -16.79
C VAL C 246 -18.51 -20.69 -17.27
N ASN C 247 -18.80 -19.90 -18.29
CA ASN C 247 -20.11 -19.93 -18.94
C ASN C 247 -20.22 -21.18 -19.81
N THR C 248 -20.89 -22.20 -19.29
CA THR C 248 -20.96 -23.51 -19.95
C THR C 248 -21.57 -23.45 -21.34
N GLU C 249 -22.76 -22.83 -21.43
CA GLU C 249 -23.56 -22.86 -22.65
C GLU C 249 -23.76 -24.31 -23.10
N TRP C 250 -24.21 -25.13 -22.17
CA TRP C 250 -24.34 -26.57 -22.41
C TRP C 250 -25.59 -26.93 -23.22
N GLY C 251 -26.27 -25.92 -23.74
CA GLY C 251 -27.44 -26.13 -24.55
C GLY C 251 -27.10 -26.88 -25.83
N ALA C 252 -25.87 -26.74 -26.27
CA ALA C 252 -25.41 -27.36 -27.51
C ALA C 252 -24.92 -28.79 -27.29
N PHE C 253 -25.03 -29.28 -26.07
CA PHE C 253 -24.61 -30.63 -25.74
C PHE C 253 -25.38 -31.68 -26.53
N GLY C 254 -24.78 -32.17 -27.61
CA GLY C 254 -25.42 -33.17 -28.45
C GLY C 254 -25.31 -32.84 -29.92
N ASP C 255 -24.75 -31.68 -30.24
CA ASP C 255 -24.63 -31.24 -31.62
C ASP C 255 -23.50 -31.95 -32.36
N THR C 256 -22.73 -32.75 -31.63
CA THR C 256 -21.67 -33.55 -32.24
C THR C 256 -22.02 -35.03 -32.25
N GLY C 257 -23.26 -35.34 -31.89
CA GLY C 257 -23.78 -36.69 -32.01
C GLY C 257 -23.57 -37.59 -30.81
N GLU C 258 -23.34 -36.99 -29.64
CA GLU C 258 -23.12 -37.76 -28.43
C GLU C 258 -24.40 -37.91 -27.61
N LEU C 259 -25.54 -37.68 -28.26
CA LEU C 259 -26.82 -37.70 -27.56
C LEU C 259 -27.91 -38.42 -28.36
N GLU C 260 -27.50 -39.06 -29.45
CA GLU C 260 -28.45 -39.72 -30.35
C GLU C 260 -29.18 -40.90 -29.71
N ASP C 261 -28.52 -41.58 -28.79
CA ASP C 261 -29.12 -42.74 -28.12
C ASP C 261 -30.00 -42.32 -26.94
N PHE C 262 -30.23 -41.02 -26.80
CA PHE C 262 -31.13 -40.50 -25.78
C PHE C 262 -32.31 -39.79 -26.42
N ARG C 263 -32.11 -39.27 -27.63
CA ARG C 263 -33.15 -38.55 -28.34
C ARG C 263 -34.22 -39.51 -28.87
N LEU C 264 -35.48 -39.11 -28.72
CA LEU C 264 -36.60 -39.92 -29.20
C LEU C 264 -37.00 -39.49 -30.62
N GLU C 265 -37.95 -40.24 -31.19
CA GLU C 265 -38.46 -39.92 -32.53
C GLU C 265 -39.12 -38.55 -32.56
N TYR C 266 -39.68 -38.14 -31.43
CA TYR C 266 -40.35 -36.85 -31.34
C TYR C 266 -39.35 -35.70 -31.38
N ASP C 267 -38.24 -35.87 -30.68
CA ASP C 267 -37.21 -34.86 -30.58
C ASP C 267 -36.60 -34.52 -31.94
N ARG C 268 -36.52 -35.53 -32.81
CA ARG C 268 -35.94 -35.34 -34.14
C ARG C 268 -36.87 -34.54 -35.04
N VAL C 269 -38.17 -34.75 -34.87
CA VAL C 269 -39.17 -34.02 -35.64
C VAL C 269 -39.16 -32.55 -35.25
N VAL C 270 -39.12 -32.29 -33.94
CA VAL C 270 -39.07 -30.93 -33.43
C VAL C 270 -37.78 -30.24 -33.87
N ASP C 271 -36.69 -31.00 -33.90
CA ASP C 271 -35.39 -30.48 -34.29
C ASP C 271 -35.37 -30.00 -35.75
N GLU C 272 -35.90 -30.84 -36.63
CA GLU C 272 -35.91 -30.53 -38.06
C GLU C 272 -36.88 -29.40 -38.42
N ALA C 273 -37.93 -29.25 -37.62
CA ALA C 273 -38.94 -28.23 -37.88
C ALA C 273 -38.67 -26.97 -37.06
N SER C 274 -37.40 -26.61 -36.94
CA SER C 274 -37.01 -25.43 -36.17
C SER C 274 -36.06 -24.52 -36.96
N LEU C 275 -35.88 -23.30 -36.48
CA LEU C 275 -35.00 -22.33 -37.13
C LEU C 275 -33.54 -22.75 -37.03
N ASN C 276 -33.23 -23.57 -36.03
CA ASN C 276 -31.87 -24.05 -35.81
C ASN C 276 -31.77 -25.56 -35.85
N PRO C 277 -31.80 -26.15 -37.06
CA PRO C 277 -31.76 -27.61 -37.22
C PRO C 277 -30.38 -28.18 -36.84
N GLY C 278 -30.38 -29.16 -35.96
CA GLY C 278 -29.14 -29.83 -35.56
C GLY C 278 -28.32 -29.05 -34.55
N GLN C 279 -28.94 -28.05 -33.92
CA GLN C 279 -28.27 -27.25 -32.92
C GLN C 279 -29.11 -27.14 -31.64
N GLN C 280 -28.44 -26.86 -30.52
CA GLN C 280 -29.11 -26.70 -29.23
C GLN C 280 -29.96 -27.90 -28.84
N LEU C 281 -29.46 -29.10 -29.15
CA LEU C 281 -30.21 -30.33 -28.92
C LEU C 281 -30.55 -30.59 -27.46
N TYR C 282 -29.59 -30.38 -26.57
CA TYR C 282 -29.81 -30.59 -25.14
C TYR C 282 -30.83 -29.60 -24.59
N GLU C 283 -30.84 -28.40 -25.14
CA GLU C 283 -31.77 -27.37 -24.70
C GLU C 283 -33.18 -27.66 -25.20
N LYS C 284 -33.26 -28.34 -26.34
CA LYS C 284 -34.56 -28.67 -26.93
C LYS C 284 -35.22 -29.87 -26.26
N MET C 285 -34.59 -30.37 -25.20
CA MET C 285 -35.13 -31.53 -24.48
C MET C 285 -35.45 -31.17 -23.03
N ILE C 286 -34.77 -30.17 -22.50
CA ILE C 286 -34.99 -29.75 -21.11
C ILE C 286 -35.50 -28.32 -21.02
N GLY C 287 -35.37 -27.56 -22.09
CA GLY C 287 -35.86 -26.20 -22.14
C GLY C 287 -37.38 -26.17 -22.26
N GLY C 288 -37.97 -25.02 -21.95
CA GLY C 288 -39.41 -24.87 -21.99
C GLY C 288 -39.92 -24.36 -23.32
N LYS C 289 -39.01 -24.09 -24.25
CA LYS C 289 -39.38 -23.56 -25.56
C LYS C 289 -40.21 -24.57 -26.36
N TYR C 290 -39.77 -25.83 -26.36
CA TYR C 290 -40.44 -26.87 -27.14
C TYR C 290 -41.08 -27.92 -26.26
N MET C 291 -41.44 -27.57 -25.04
CA MET C 291 -42.11 -28.51 -24.13
C MET C 291 -43.49 -28.89 -24.65
N GLY C 292 -44.29 -27.88 -24.97
CA GLY C 292 -45.63 -28.10 -25.49
C GLY C 292 -45.62 -28.74 -26.86
N GLU C 293 -44.67 -28.34 -27.70
CA GLU C 293 -44.50 -28.91 -29.02
C GLU C 293 -44.16 -30.39 -28.93
N LEU C 294 -43.48 -30.76 -27.84
CA LEU C 294 -43.10 -32.14 -27.61
C LEU C 294 -44.29 -32.95 -27.12
N VAL C 295 -45.04 -32.38 -26.18
CA VAL C 295 -46.25 -33.01 -25.66
C VAL C 295 -47.29 -33.18 -26.77
N ARG C 296 -47.36 -32.22 -27.67
CA ARG C 296 -48.31 -32.26 -28.77
C ARG C 296 -48.06 -33.45 -29.70
N LEU C 297 -46.80 -33.66 -30.06
CA LEU C 297 -46.45 -34.71 -31.01
C LEU C 297 -46.67 -36.12 -30.47
N VAL C 298 -46.60 -36.28 -29.15
CA VAL C 298 -46.83 -37.59 -28.54
C VAL C 298 -48.31 -37.83 -28.32
N LEU C 299 -49.10 -36.77 -28.42
CA LEU C 299 -50.55 -36.90 -28.34
C LEU C 299 -51.12 -37.36 -29.68
N ILE C 300 -50.62 -36.77 -30.77
CA ILE C 300 -51.07 -37.14 -32.10
C ILE C 300 -50.52 -38.51 -32.51
N LYS C 301 -49.45 -38.93 -31.84
CA LYS C 301 -48.88 -40.26 -32.05
C LYS C 301 -49.78 -41.27 -31.36
N MET C 302 -50.37 -40.83 -30.25
CA MET C 302 -51.26 -41.67 -29.46
C MET C 302 -52.63 -41.76 -30.11
N VAL C 303 -53.00 -40.70 -30.84
CA VAL C 303 -54.28 -40.65 -31.54
C VAL C 303 -54.30 -41.57 -32.75
N ASN C 304 -53.26 -41.47 -33.58
CA ASN C 304 -53.17 -42.28 -34.81
C ASN C 304 -53.07 -43.78 -34.54
N GLU C 305 -52.74 -44.14 -33.30
CA GLU C 305 -52.66 -45.54 -32.90
C GLU C 305 -54.00 -45.98 -32.31
N ASN C 306 -55.02 -45.13 -32.48
CA ASN C 306 -56.37 -45.38 -31.96
C ASN C 306 -56.38 -45.61 -30.45
N LEU C 307 -55.82 -44.67 -29.71
CA LEU C 307 -55.77 -44.77 -28.25
C LEU C 307 -56.35 -43.52 -27.60
N LEU C 308 -56.11 -42.37 -28.21
CA LEU C 308 -56.61 -41.11 -27.70
C LEU C 308 -57.70 -40.59 -28.63
N PHE C 309 -58.74 -40.00 -28.03
CA PHE C 309 -59.89 -39.48 -28.77
C PHE C 309 -60.56 -40.56 -29.61
N GLY C 310 -60.66 -40.32 -30.90
CA GLY C 310 -61.24 -41.29 -31.82
C GLY C 310 -60.30 -41.64 -32.94
N GLY C 311 -59.54 -40.65 -33.40
CA GLY C 311 -58.60 -40.85 -34.49
C GLY C 311 -58.37 -39.56 -35.26
N GLU C 312 -59.08 -38.52 -34.89
CA GLU C 312 -58.98 -37.23 -35.57
C GLU C 312 -58.57 -36.13 -34.59
N SER C 313 -58.02 -35.05 -35.14
CA SER C 313 -57.57 -33.92 -34.32
C SER C 313 -58.02 -32.62 -34.97
N SER C 314 -58.11 -31.56 -34.16
CA SER C 314 -58.47 -30.25 -34.67
C SER C 314 -57.37 -29.71 -35.59
N GLU C 315 -57.64 -28.58 -36.25
CA GLU C 315 -56.64 -27.96 -37.10
C GLU C 315 -55.55 -27.28 -36.27
N LYS C 316 -55.74 -27.28 -34.96
CA LYS C 316 -54.74 -26.80 -34.04
C LYS C 316 -53.80 -27.95 -33.70
N LEU C 317 -54.37 -29.07 -33.26
CA LEU C 317 -53.60 -30.22 -32.78
C LEU C 317 -52.76 -30.88 -33.88
N LYS C 318 -52.82 -30.34 -35.09
CA LYS C 318 -52.03 -30.86 -36.19
C LYS C 318 -51.12 -29.78 -36.77
N THR C 319 -51.10 -28.63 -36.11
CA THR C 319 -50.29 -27.51 -36.56
C THR C 319 -49.03 -27.35 -35.70
N ARG C 320 -47.91 -27.06 -36.35
CA ARG C 320 -46.64 -26.91 -35.66
C ARG C 320 -46.64 -25.67 -34.75
N GLY C 321 -46.67 -25.91 -33.45
CA GLY C 321 -46.65 -24.83 -32.48
C GLY C 321 -48.04 -24.43 -32.01
N ALA C 322 -48.81 -25.40 -31.55
CA ALA C 322 -50.15 -25.14 -31.07
C ALA C 322 -50.27 -25.34 -29.57
N PHE C 323 -49.96 -26.55 -29.12
CA PHE C 323 -49.98 -26.88 -27.70
C PHE C 323 -48.93 -26.03 -26.98
N GLU C 324 -49.39 -24.99 -26.28
CA GLU C 324 -48.49 -24.09 -25.58
C GLU C 324 -47.79 -24.77 -24.41
N THR C 325 -46.61 -24.26 -24.05
CA THR C 325 -45.82 -24.80 -22.94
C THR C 325 -46.56 -24.63 -21.62
N GLN C 326 -47.17 -23.46 -21.44
CA GLN C 326 -47.89 -23.14 -20.21
C GLN C 326 -49.03 -24.12 -19.91
N PHE C 327 -49.58 -24.72 -20.96
CA PHE C 327 -50.63 -25.71 -20.81
C PHE C 327 -50.14 -26.93 -20.03
N VAL C 328 -48.89 -27.31 -20.28
CA VAL C 328 -48.29 -28.47 -19.61
C VAL C 328 -48.29 -28.31 -18.10
N SER C 329 -47.96 -27.11 -17.64
CA SER C 329 -47.93 -26.83 -16.21
C SER C 329 -49.34 -26.77 -15.62
N GLN C 330 -50.28 -26.22 -16.39
CA GLN C 330 -51.66 -26.10 -15.96
C GLN C 330 -52.33 -27.45 -15.83
N ILE C 331 -52.08 -28.33 -16.80
CA ILE C 331 -52.63 -29.67 -16.79
C ILE C 331 -52.02 -30.50 -15.67
N GLU C 332 -50.71 -30.31 -15.44
CA GLU C 332 -49.99 -31.09 -14.44
C GLU C 332 -50.24 -30.56 -13.03
N ALA C 333 -50.98 -29.45 -12.93
CA ALA C 333 -51.35 -28.88 -11.64
C ALA C 333 -52.86 -28.75 -11.50
N ASP C 334 -53.58 -29.34 -12.46
CA ASP C 334 -55.04 -29.29 -12.45
C ASP C 334 -55.62 -30.25 -11.42
N THR C 335 -56.82 -29.95 -10.94
CA THR C 335 -57.46 -30.75 -9.91
C THR C 335 -57.92 -32.12 -10.44
N SER C 336 -58.57 -32.88 -9.57
CA SER C 336 -59.04 -34.23 -9.92
C SER C 336 -60.18 -34.17 -10.92
N ASP C 337 -60.82 -33.02 -11.02
CA ASP C 337 -61.97 -32.84 -11.90
C ASP C 337 -61.57 -32.75 -13.36
N PHE C 338 -60.28 -32.54 -13.60
CA PHE C 338 -59.76 -32.25 -14.94
C PHE C 338 -60.47 -31.04 -15.54
N LYS C 339 -60.79 -30.07 -14.68
CA LYS C 339 -61.55 -28.89 -15.08
C LYS C 339 -60.78 -28.02 -16.07
N GLN C 340 -59.55 -27.68 -15.72
CA GLN C 340 -58.71 -26.86 -16.59
C GLN C 340 -58.25 -27.64 -17.81
N THR C 341 -58.02 -28.93 -17.63
CA THR C 341 -57.60 -29.81 -18.73
C THR C 341 -58.69 -29.89 -19.79
N LEU C 342 -59.94 -29.93 -19.34
CA LEU C 342 -61.09 -29.97 -20.24
C LEU C 342 -61.15 -28.73 -21.11
N ASN C 343 -60.89 -27.57 -20.50
CA ASN C 343 -60.93 -26.29 -21.20
C ASN C 343 -59.95 -26.24 -22.38
N ILE C 344 -58.69 -26.54 -22.11
CA ILE C 344 -57.64 -26.47 -23.11
C ILE C 344 -57.91 -27.40 -24.30
N LEU C 345 -58.39 -28.60 -24.00
CA LEU C 345 -58.73 -29.57 -25.04
C LEU C 345 -59.96 -29.14 -25.84
N ARG C 346 -60.95 -28.59 -25.14
CA ARG C 346 -62.20 -28.16 -25.77
C ARG C 346 -62.01 -26.88 -26.59
N THR C 347 -61.22 -25.95 -26.05
CA THR C 347 -61.01 -24.66 -26.72
C THR C 347 -60.39 -24.87 -28.11
N LEU C 348 -59.13 -25.31 -28.14
CA LEU C 348 -58.46 -25.61 -29.39
C LEU C 348 -57.97 -27.06 -29.43
N GLY C 349 -58.84 -27.97 -29.86
CA GLY C 349 -60.19 -27.65 -30.27
C GLY C 349 -60.98 -28.89 -30.66
N VAL C 350 -60.81 -29.96 -29.90
CA VAL C 350 -61.52 -31.21 -30.18
C VAL C 350 -62.29 -31.67 -28.94
N GLN C 351 -63.06 -32.75 -29.09
CA GLN C 351 -63.81 -33.33 -27.98
C GLN C 351 -62.99 -34.43 -27.31
N ALA C 352 -62.99 -34.44 -25.98
CA ALA C 352 -62.22 -35.42 -25.23
C ALA C 352 -63.01 -36.00 -24.06
N THR C 353 -62.80 -37.28 -23.80
CA THR C 353 -63.49 -37.97 -22.70
C THR C 353 -62.71 -37.78 -21.40
N ILE C 354 -63.04 -38.59 -20.39
CA ILE C 354 -62.37 -38.49 -19.11
C ILE C 354 -61.13 -39.38 -19.07
N GLY C 355 -61.08 -40.35 -19.98
CA GLY C 355 -59.93 -41.23 -20.09
C GLY C 355 -58.85 -40.60 -20.95
N ASP C 356 -59.27 -39.70 -21.83
CA ASP C 356 -58.34 -38.99 -22.70
C ASP C 356 -57.57 -37.92 -21.92
N CYS C 357 -58.27 -37.25 -21.01
CA CYS C 357 -57.67 -36.21 -20.19
C CYS C 357 -56.62 -36.79 -19.24
N HIS C 358 -56.85 -38.02 -18.80
CA HIS C 358 -55.91 -38.69 -17.90
C HIS C 358 -54.65 -39.10 -18.67
N ALA C 359 -54.81 -39.39 -19.96
CA ALA C 359 -53.69 -39.76 -20.81
C ALA C 359 -52.85 -38.54 -21.19
N VAL C 360 -53.52 -37.42 -21.38
CA VAL C 360 -52.83 -36.17 -21.67
C VAL C 360 -52.06 -35.71 -20.44
N ARG C 361 -52.66 -35.88 -19.27
CA ARG C 361 -52.04 -35.53 -18.01
C ARG C 361 -50.82 -36.43 -17.75
N LEU C 362 -50.93 -37.69 -18.19
CA LEU C 362 -49.82 -38.63 -18.06
C LEU C 362 -48.72 -38.32 -19.05
N ALA C 363 -49.10 -37.82 -20.22
CA ALA C 363 -48.15 -37.47 -21.26
C ALA C 363 -47.36 -36.22 -20.88
N CYS C 364 -48.00 -35.30 -20.18
CA CYS C 364 -47.34 -34.08 -19.72
C CYS C 364 -46.35 -34.40 -18.60
N GLU C 365 -46.71 -35.35 -17.74
CA GLU C 365 -45.83 -35.76 -16.66
C GLU C 365 -44.59 -36.46 -17.18
N SER C 366 -44.73 -37.18 -18.29
CA SER C 366 -43.62 -37.91 -18.88
C SER C 366 -42.55 -36.97 -19.45
N VAL C 367 -42.99 -36.03 -20.27
CA VAL C 367 -42.09 -35.07 -20.90
C VAL C 367 -41.44 -34.16 -19.87
N SER C 368 -42.22 -33.73 -18.89
CA SER C 368 -41.73 -32.83 -17.85
C SER C 368 -40.72 -33.52 -16.93
N THR C 369 -40.96 -34.78 -16.62
CA THR C 369 -40.06 -35.54 -15.76
C THR C 369 -38.72 -35.80 -16.45
N ARG C 370 -38.77 -36.12 -17.74
CA ARG C 370 -37.56 -36.39 -18.51
C ARG C 370 -36.66 -35.16 -18.55
N ALA C 371 -37.27 -33.99 -18.68
CA ALA C 371 -36.54 -32.74 -18.72
C ALA C 371 -35.87 -32.43 -17.39
N ALA C 372 -36.53 -32.84 -16.30
CA ALA C 372 -36.02 -32.57 -14.96
C ALA C 372 -34.88 -33.48 -14.57
N ILE C 373 -34.95 -34.74 -15.00
CA ILE C 373 -33.92 -35.72 -14.67
C ILE C 373 -32.67 -35.57 -15.55
N MET C 374 -32.87 -35.06 -16.77
CA MET C 374 -31.75 -34.83 -17.67
C MET C 374 -31.00 -33.56 -17.28
N CYS C 375 -31.75 -32.57 -16.81
CA CYS C 375 -31.15 -31.33 -16.32
C CYS C 375 -30.42 -31.63 -15.03
N SER C 376 -30.93 -32.60 -14.28
CA SER C 376 -30.31 -33.03 -13.03
C SER C 376 -29.00 -33.75 -13.29
N ALA C 377 -28.96 -34.53 -14.37
CA ALA C 377 -27.77 -35.29 -14.73
C ALA C 377 -26.64 -34.37 -15.18
N GLY C 378 -27.01 -33.26 -15.83
CA GLY C 378 -26.03 -32.30 -16.30
C GLY C 378 -25.42 -31.53 -15.15
N LEU C 379 -26.25 -31.08 -14.21
CA LEU C 379 -25.80 -30.32 -13.06
C LEU C 379 -24.96 -31.20 -12.12
N ALA C 380 -25.37 -32.45 -11.99
CA ALA C 380 -24.64 -33.41 -11.16
C ALA C 380 -23.25 -33.66 -11.72
N GLY C 381 -23.14 -33.60 -13.04
CA GLY C 381 -21.86 -33.75 -13.71
C GLY C 381 -20.92 -32.61 -13.39
N ILE C 382 -21.47 -31.41 -13.30
CA ILE C 382 -20.70 -30.23 -12.96
C ILE C 382 -20.26 -30.29 -11.49
N LEU C 383 -21.21 -30.59 -10.62
CA LEU C 383 -20.94 -30.67 -9.18
C LEU C 383 -19.94 -31.75 -8.84
N ASN C 384 -20.09 -32.91 -9.48
CA ASN C 384 -19.14 -34.01 -9.26
C ASN C 384 -17.77 -33.71 -9.82
N ARG C 385 -17.71 -32.88 -10.86
CA ARG C 385 -16.44 -32.48 -11.45
C ARG C 385 -15.69 -31.53 -10.54
N MET C 386 -16.41 -30.57 -9.98
CA MET C 386 -15.81 -29.59 -9.06
C MET C 386 -15.27 -30.28 -7.83
N ARG C 387 -16.02 -31.26 -7.33
CA ARG C 387 -15.61 -32.04 -6.17
C ARG C 387 -14.34 -32.84 -6.48
N GLN C 388 -14.24 -33.33 -7.71
CA GLN C 388 -13.09 -34.10 -8.15
C GLN C 388 -11.88 -33.20 -8.34
N SER C 389 -12.12 -31.96 -8.76
CA SER C 389 -11.05 -31.02 -9.04
C SER C 389 -10.45 -30.43 -7.77
N ARG C 390 -11.28 -30.27 -6.74
CA ARG C 390 -10.83 -29.68 -5.49
C ARG C 390 -10.39 -30.73 -4.48
N ARG C 391 -10.55 -31.99 -4.85
CA ARG C 391 -10.12 -33.11 -4.03
C ARG C 391 -10.75 -33.07 -2.64
N GLU C 392 -12.02 -32.70 -2.58
CA GLU C 392 -12.74 -32.59 -1.31
C GLU C 392 -13.57 -33.83 -1.02
N GLU C 393 -13.49 -34.33 0.21
CA GLU C 393 -14.26 -35.50 0.62
C GLU C 393 -15.75 -35.20 0.59
N LEU C 394 -16.11 -33.99 1.01
CA LEU C 394 -17.50 -33.54 0.97
C LEU C 394 -17.58 -32.11 0.42
N LEU C 395 -18.27 -31.95 -0.70
CA LEU C 395 -18.41 -30.64 -1.31
C LEU C 395 -19.65 -29.91 -0.81
N ARG C 396 -19.45 -29.04 0.19
CA ARG C 396 -20.52 -28.21 0.71
C ARG C 396 -20.68 -26.99 -0.20
N ILE C 397 -21.68 -27.04 -1.07
CA ILE C 397 -21.85 -26.02 -2.10
C ILE C 397 -23.28 -25.51 -2.16
N THR C 398 -23.48 -24.39 -2.86
CA THR C 398 -24.80 -23.80 -3.04
C THR C 398 -25.03 -23.48 -4.51
N VAL C 399 -26.20 -23.83 -5.02
CA VAL C 399 -26.54 -23.58 -6.42
C VAL C 399 -27.64 -22.54 -6.55
N GLY C 400 -27.33 -21.47 -7.27
CA GLY C 400 -28.31 -20.42 -7.53
C GLY C 400 -29.12 -20.75 -8.76
N VAL C 401 -30.44 -20.85 -8.60
CA VAL C 401 -31.30 -21.26 -9.70
C VAL C 401 -32.37 -20.22 -10.03
N ASP C 402 -32.58 -19.99 -11.32
CA ASP C 402 -33.65 -19.12 -11.79
C ASP C 402 -34.33 -19.80 -12.99
N GLY C 403 -35.35 -19.17 -13.53
CA GLY C 403 -36.03 -19.69 -14.71
C GLY C 403 -37.52 -19.90 -14.53
N SER C 404 -38.25 -19.83 -15.64
CA SER C 404 -39.70 -20.00 -15.62
C SER C 404 -40.07 -21.44 -15.27
N VAL C 405 -39.41 -22.40 -15.91
CA VAL C 405 -39.71 -23.81 -15.70
C VAL C 405 -39.40 -24.26 -14.28
N TYR C 406 -38.28 -23.79 -13.73
CA TYR C 406 -37.86 -24.19 -12.40
C TYR C 406 -38.77 -23.67 -11.29
N LYS C 407 -39.37 -22.50 -11.52
CA LYS C 407 -40.19 -21.87 -10.50
C LYS C 407 -41.70 -22.11 -10.69
N LEU C 408 -42.16 -22.10 -11.94
CA LEU C 408 -43.58 -22.21 -12.23
C LEU C 408 -44.08 -23.66 -12.24
N HIS C 409 -43.37 -24.53 -12.94
CA HIS C 409 -43.77 -25.94 -13.03
C HIS C 409 -43.80 -26.62 -11.66
N PRO C 410 -44.86 -27.38 -11.38
CA PRO C 410 -45.10 -28.02 -10.08
C PRO C 410 -44.09 -29.11 -9.74
N SER C 411 -44.10 -30.18 -10.52
CA SER C 411 -43.29 -31.36 -10.20
C SER C 411 -41.86 -31.28 -10.73
N PHE C 412 -41.52 -30.17 -11.36
CA PHE C 412 -40.19 -30.01 -11.94
C PHE C 412 -39.12 -29.80 -10.87
N LYS C 413 -39.37 -28.85 -9.98
CA LYS C 413 -38.41 -28.49 -8.94
C LYS C 413 -38.11 -29.66 -7.99
N ASP C 414 -39.16 -30.34 -7.55
CA ASP C 414 -39.02 -31.44 -6.60
C ASP C 414 -38.28 -32.62 -7.19
N LYS C 415 -38.61 -32.98 -8.43
CA LYS C 415 -37.98 -34.09 -9.12
C LYS C 415 -36.53 -33.75 -9.48
N PHE C 416 -36.27 -32.47 -9.71
CA PHE C 416 -34.93 -32.00 -10.03
C PHE C 416 -34.00 -32.15 -8.84
N HIS C 417 -34.49 -31.76 -7.67
CA HIS C 417 -33.70 -31.83 -6.44
C HIS C 417 -33.37 -33.26 -6.05
N ALA C 418 -34.35 -34.15 -6.18
CA ALA C 418 -34.19 -35.53 -5.76
C ALA C 418 -33.18 -36.30 -6.60
N THR C 419 -33.13 -35.99 -7.89
CA THR C 419 -32.23 -36.69 -8.81
C THR C 419 -30.80 -36.16 -8.68
N VAL C 420 -30.67 -34.84 -8.53
CA VAL C 420 -29.37 -34.21 -8.28
C VAL C 420 -28.77 -34.77 -6.99
N LEU C 421 -29.62 -34.90 -5.97
CA LEU C 421 -29.20 -35.41 -4.67
C LEU C 421 -28.86 -36.89 -4.74
N LYS C 422 -29.40 -37.56 -5.76
CA LYS C 422 -29.20 -39.01 -5.92
C LYS C 422 -27.94 -39.29 -6.73
N LEU C 423 -27.47 -38.31 -7.48
CA LEU C 423 -26.29 -38.48 -8.33
C LEU C 423 -25.04 -37.87 -7.71
N THR C 424 -25.21 -37.16 -6.60
CA THR C 424 -24.08 -36.51 -5.93
C THR C 424 -23.96 -36.98 -4.49
N SER C 425 -23.22 -38.07 -4.28
CA SER C 425 -23.03 -38.64 -2.96
C SER C 425 -22.16 -37.75 -2.06
N GLY C 426 -21.04 -37.31 -2.59
CA GLY C 426 -20.09 -36.52 -1.82
C GLY C 426 -20.36 -35.03 -1.86
N CYS C 427 -21.64 -34.66 -1.99
CA CYS C 427 -22.02 -33.25 -2.03
C CYS C 427 -23.12 -32.92 -1.02
N GLU C 428 -23.07 -31.70 -0.50
CA GLU C 428 -24.10 -31.19 0.40
C GLU C 428 -24.65 -29.90 -0.20
N ILE C 429 -25.70 -30.04 -0.99
CA ILE C 429 -26.14 -28.95 -1.87
C ILE C 429 -27.34 -28.17 -1.35
N THR C 430 -27.25 -26.85 -1.43
CA THR C 430 -28.33 -25.96 -1.04
C THR C 430 -28.76 -25.13 -2.25
N PHE C 431 -30.07 -25.04 -2.48
CA PHE C 431 -30.59 -24.29 -3.62
C PHE C 431 -31.21 -22.96 -3.20
N ILE C 432 -30.99 -21.93 -4.00
CA ILE C 432 -31.48 -20.58 -3.69
C ILE C 432 -32.32 -20.00 -4.82
N GLN C 433 -33.49 -19.47 -4.47
CA GLN C 433 -34.38 -18.84 -5.46
C GLN C 433 -33.88 -17.45 -5.83
N SER C 434 -33.64 -17.23 -7.12
CA SER C 434 -33.17 -15.94 -7.60
C SER C 434 -34.30 -14.93 -7.69
N GLY C 437 -37.38 -13.10 -4.40
CA GLY C 437 -36.53 -12.21 -5.17
C GLY C 437 -37.16 -11.85 -6.51
N SER C 438 -36.57 -10.87 -7.19
CA SER C 438 -37.08 -10.40 -8.47
C SER C 438 -36.01 -9.67 -9.27
N GLY C 439 -36.10 -9.75 -10.60
CA GLY C 439 -35.18 -9.07 -11.48
C GLY C 439 -34.07 -9.95 -12.03
N ARG C 440 -33.56 -9.59 -13.20
CA ARG C 440 -32.46 -10.33 -13.83
C ARG C 440 -31.39 -9.41 -14.38
N GLY C 441 -30.30 -10.01 -14.86
CA GLY C 441 -29.23 -9.27 -15.50
C GLY C 441 -28.45 -8.36 -14.59
N ALA C 442 -27.96 -7.25 -15.15
CA ALA C 442 -27.18 -6.28 -14.39
C ALA C 442 -28.01 -5.60 -13.31
N ALA C 443 -29.30 -5.47 -13.57
CA ALA C 443 -30.22 -4.83 -12.64
C ALA C 443 -30.35 -5.66 -11.36
N LEU C 444 -30.33 -6.98 -11.51
CA LEU C 444 -30.38 -7.87 -10.36
C LEU C 444 -29.10 -7.75 -9.55
N ILE C 445 -27.96 -7.76 -10.24
CA ILE C 445 -26.66 -7.61 -9.59
C ILE C 445 -26.56 -6.26 -8.90
N SER C 446 -27.10 -5.23 -9.55
CA SER C 446 -27.07 -3.88 -9.01
C SER C 446 -27.85 -3.76 -7.70
N ALA C 447 -29.06 -4.29 -7.69
CA ALA C 447 -29.95 -4.18 -6.53
C ALA C 447 -29.42 -4.94 -5.32
N VAL C 448 -29.01 -6.19 -5.54
CA VAL C 448 -28.52 -7.04 -4.47
C VAL C 448 -27.21 -6.51 -3.89
N ALA C 449 -26.38 -5.91 -4.74
CA ALA C 449 -25.12 -5.31 -4.31
C ALA C 449 -25.38 -4.20 -3.30
N TYR C 450 -26.31 -3.31 -3.63
CA TYR C 450 -26.72 -2.23 -2.72
C TYR C 450 -27.27 -2.79 -1.42
N LYS C 451 -28.15 -3.79 -1.55
CA LYS C 451 -28.82 -4.40 -0.39
C LYS C 451 -27.81 -4.99 0.60
N MET C 452 -26.69 -5.48 0.08
CA MET C 452 -25.67 -6.10 0.93
C MET C 452 -24.60 -5.10 1.36
N ALA C 453 -24.36 -4.09 0.53
CA ALA C 453 -23.35 -3.08 0.83
C ALA C 453 -23.71 -2.28 2.08
N VAL C 454 -25.00 -2.08 2.30
CA VAL C 454 -25.47 -1.39 3.49
C VAL C 454 -25.45 -2.34 4.70
N MET C 455 -26.57 -3.03 4.91
CA MET C 455 -26.72 -3.99 6.00
C MET C 455 -26.33 -3.41 7.37
N THR D 4 13.67 -32.10 -15.11
CA THR D 4 14.98 -31.79 -14.58
C THR D 4 15.49 -30.43 -15.06
N ARG D 5 14.56 -29.58 -15.49
CA ARG D 5 14.91 -28.25 -15.95
C ARG D 5 14.85 -27.26 -14.79
N LYS D 6 15.40 -26.06 -15.00
CA LYS D 6 15.44 -25.05 -13.96
C LYS D 6 14.15 -24.23 -13.90
N TYR D 7 13.63 -23.86 -15.06
CA TYR D 7 12.41 -23.06 -15.13
C TYR D 7 11.23 -23.86 -15.69
N GLN D 8 10.01 -23.38 -15.42
CA GLN D 8 8.82 -24.01 -15.96
C GLN D 8 8.54 -23.52 -17.38
N HIS D 9 8.49 -24.47 -18.32
CA HIS D 9 8.24 -24.14 -19.72
C HIS D 9 6.86 -24.64 -20.16
N VAL D 10 6.27 -23.93 -21.12
CA VAL D 10 5.00 -24.34 -21.71
C VAL D 10 5.22 -25.41 -22.76
N ILE D 11 6.20 -25.18 -23.64
CA ILE D 11 6.52 -26.13 -24.69
C ILE D 11 7.68 -27.02 -24.29
N GLU D 12 7.91 -28.07 -25.07
CA GLU D 12 9.02 -28.98 -24.81
C GLU D 12 10.11 -28.79 -25.86
N THR D 13 11.23 -28.21 -25.42
CA THR D 13 12.37 -27.96 -26.29
C THR D 13 13.01 -29.25 -26.76
N PRO D 14 13.55 -29.26 -27.98
CA PRO D 14 14.21 -30.46 -28.51
C PRO D 14 15.47 -30.82 -27.72
N ASP D 15 16.01 -32.00 -27.99
CA ASP D 15 17.20 -32.49 -27.31
C ASP D 15 18.36 -31.50 -27.41
N PRO D 16 19.19 -31.42 -26.36
CA PRO D 16 20.34 -30.52 -26.29
C PRO D 16 21.21 -30.61 -27.55
N GLY D 17 21.28 -29.51 -28.29
CA GLY D 17 21.96 -29.48 -29.56
C GLY D 17 23.42 -29.90 -29.52
N LYS D 18 23.82 -30.67 -30.52
CA LYS D 18 25.20 -31.12 -30.64
C LYS D 18 26.07 -30.05 -31.29
N TRP D 19 25.47 -28.89 -31.55
CA TRP D 19 26.17 -27.75 -32.11
C TRP D 19 26.79 -26.92 -31.00
N GLU D 20 26.44 -27.25 -29.75
CA GLU D 20 26.89 -26.47 -28.60
C GLU D 20 28.35 -26.75 -28.23
N LEU D 21 28.91 -27.82 -28.77
CA LEU D 21 30.31 -28.15 -28.54
C LEU D 21 31.17 -27.43 -29.58
N ALA D 22 32.35 -26.96 -29.15
CA ALA D 22 33.21 -26.15 -30.00
C ALA D 22 33.69 -26.90 -31.25
N GLY D 23 33.74 -28.22 -31.17
CA GLY D 23 34.21 -29.06 -32.26
C GLY D 23 33.31 -29.02 -33.49
N TYR D 24 32.08 -28.54 -33.32
CA TYR D 24 31.14 -28.45 -34.43
C TYR D 24 31.35 -27.18 -35.24
N GLU D 25 32.08 -27.32 -36.35
CA GLU D 25 32.38 -26.21 -37.25
C GLU D 25 32.99 -25.02 -36.52
N GLU D 26 34.13 -25.25 -35.88
CA GLU D 26 34.79 -24.23 -35.06
C GLU D 26 35.27 -23.02 -35.87
N SER D 27 35.39 -23.19 -37.18
CA SER D 27 35.84 -22.12 -38.06
C SER D 27 34.79 -21.03 -38.20
N LEU D 28 33.52 -21.40 -38.06
CA LEU D 28 32.41 -20.48 -38.24
C LEU D 28 31.76 -20.09 -36.92
N PRO D 29 31.20 -18.87 -36.85
CA PRO D 29 30.40 -18.45 -35.69
C PRO D 29 29.05 -19.15 -35.71
N ILE D 30 28.32 -19.11 -34.59
CA ILE D 30 27.05 -19.80 -34.46
C ILE D 30 26.06 -19.40 -35.55
N SER D 31 26.00 -18.10 -35.86
CA SER D 31 25.09 -17.57 -36.86
C SER D 31 25.36 -18.12 -38.25
N GLU D 32 26.60 -18.53 -38.50
CA GLU D 32 27.00 -19.04 -39.80
C GLU D 32 27.08 -20.57 -39.83
N LYS D 33 26.97 -21.19 -38.66
CA LYS D 33 26.97 -22.64 -38.58
C LYS D 33 25.73 -23.24 -39.20
N SER D 34 25.80 -24.51 -39.59
CA SER D 34 24.64 -25.24 -40.08
C SER D 34 23.93 -25.91 -38.92
N ASN D 35 22.67 -26.28 -39.12
CA ASN D 35 21.89 -26.92 -38.06
C ASN D 35 21.85 -28.44 -38.22
N PRO D 36 22.38 -29.16 -37.23
CA PRO D 36 22.50 -30.63 -37.21
C PRO D 36 21.18 -31.36 -37.48
N MET D 37 20.08 -30.89 -36.89
CA MET D 37 18.80 -31.58 -37.03
C MET D 37 18.13 -31.34 -38.38
N THR D 38 18.80 -30.61 -39.26
CA THR D 38 18.28 -30.33 -40.59
C THR D 38 19.31 -30.59 -41.69
N ARG D 39 19.90 -31.78 -41.66
CA ARG D 39 20.89 -32.16 -42.67
C ARG D 39 20.20 -32.57 -43.97
N GLU D 40 18.99 -33.09 -43.85
CA GLU D 40 18.25 -33.58 -45.00
C GLU D 40 17.07 -32.68 -45.33
N LEU D 41 17.27 -31.37 -45.20
CA LEU D 41 16.21 -30.40 -45.45
C LEU D 41 15.85 -30.31 -46.92
N ASP D 42 16.82 -30.59 -47.78
CA ASP D 42 16.63 -30.49 -49.23
C ASP D 42 15.68 -31.55 -49.76
N LYS D 43 15.62 -32.70 -49.11
CA LYS D 43 14.74 -33.78 -49.53
C LYS D 43 13.73 -34.15 -48.44
N ALA D 44 12.74 -33.29 -48.25
CA ALA D 44 11.71 -33.53 -47.24
C ALA D 44 10.35 -32.99 -47.69
N ASP D 45 9.30 -33.75 -47.42
CA ASP D 45 7.95 -33.35 -47.75
C ASP D 45 7.53 -32.14 -46.90
N PRO D 46 6.51 -31.38 -47.36
CA PRO D 46 6.04 -30.17 -46.66
C PRO D 46 5.79 -30.38 -45.16
N SER D 47 5.25 -31.52 -44.76
CA SER D 47 4.97 -31.77 -43.36
C SER D 47 6.26 -31.83 -42.53
N GLN D 48 7.30 -32.40 -43.11
CA GLN D 48 8.60 -32.49 -42.43
C GLN D 48 9.27 -31.12 -42.35
N LEU D 49 9.03 -30.27 -43.34
CA LEU D 49 9.65 -28.95 -43.38
C LEU D 49 9.23 -28.07 -42.21
N VAL D 50 7.94 -28.01 -41.93
CA VAL D 50 7.46 -27.23 -40.79
C VAL D 50 7.88 -27.89 -39.49
N GLN D 51 7.98 -29.21 -39.50
CA GLN D 51 8.38 -29.96 -38.30
C GLN D 51 9.83 -29.66 -37.93
N LEU D 52 10.68 -29.54 -38.95
CA LEU D 52 12.09 -29.21 -38.74
C LEU D 52 12.27 -27.79 -38.25
N LEU D 53 11.65 -26.84 -38.96
CA LEU D 53 11.77 -25.43 -38.62
C LEU D 53 11.13 -25.10 -37.27
N ARG D 54 10.10 -25.87 -36.90
CA ARG D 54 9.48 -25.71 -35.59
C ARG D 54 10.47 -26.07 -34.49
N ASP D 55 11.19 -27.17 -34.69
CA ASP D 55 12.19 -27.62 -33.73
C ASP D 55 13.36 -26.64 -33.67
N CYS D 56 13.64 -26.00 -34.80
CA CYS D 56 14.68 -24.98 -34.84
C CYS D 56 14.24 -23.74 -34.07
N ASP D 57 13.02 -23.30 -34.31
CA ASP D 57 12.46 -22.15 -33.60
C ASP D 57 12.26 -22.47 -32.11
N ALA D 58 12.21 -23.75 -31.78
CA ALA D 58 12.04 -24.18 -30.40
C ALA D 58 13.36 -24.13 -29.64
N GLU D 59 14.47 -24.06 -30.38
CA GLU D 59 15.79 -23.98 -29.77
C GLU D 59 16.02 -22.64 -29.09
N ILE D 60 15.18 -21.67 -29.42
CA ILE D 60 15.25 -20.34 -28.81
C ILE D 60 14.93 -20.41 -27.33
N PHE D 61 14.06 -21.34 -26.95
CA PHE D 61 13.61 -21.44 -25.57
C PHE D 61 14.31 -22.53 -24.76
N GLN D 62 15.49 -22.94 -25.23
CA GLN D 62 16.28 -23.94 -24.51
C GLN D 62 17.00 -23.31 -23.32
N GLU D 63 17.11 -24.07 -22.24
CA GLU D 63 17.83 -23.61 -21.05
C GLU D 63 19.33 -23.85 -21.18
N GLU D 64 20.11 -23.21 -20.33
CA GLU D 64 21.55 -23.42 -20.31
C GLU D 64 21.87 -24.72 -19.59
N ASP D 65 22.89 -25.42 -20.08
CA ASP D 65 23.26 -26.71 -19.53
C ASP D 65 23.75 -26.62 -18.08
N GLU D 66 23.78 -27.75 -17.40
CA GLU D 66 24.19 -27.80 -16.01
C GLU D 66 25.67 -27.46 -15.83
N ASN D 67 26.47 -27.83 -16.83
CA ASN D 67 27.91 -27.60 -16.76
C ASN D 67 28.30 -26.14 -17.03
N LEU D 68 29.57 -25.92 -17.37
CA LEU D 68 30.12 -24.59 -17.52
C LEU D 68 30.05 -24.05 -18.94
N ILE D 69 29.26 -24.71 -19.79
CA ILE D 69 29.17 -24.32 -21.19
C ILE D 69 28.53 -22.95 -21.37
N TYR D 71 28.39 -21.24 -24.03
CA TYR D 71 27.26 -20.63 -24.72
C TYR D 71 26.17 -20.19 -23.75
N HIS D 72 26.01 -18.89 -23.57
CA HIS D 72 24.93 -18.35 -22.77
C HIS D 72 23.62 -18.44 -23.54
N ARG D 73 22.67 -19.19 -22.99
CA ARG D 73 21.40 -19.41 -23.67
C ARG D 73 20.38 -18.32 -23.33
N LEU D 74 19.13 -18.54 -23.70
CA LEU D 74 18.07 -17.57 -23.47
C LEU D 74 17.75 -17.48 -21.98
N TYR D 75 17.54 -18.64 -21.36
CA TYR D 75 17.18 -18.69 -19.95
C TYR D 75 18.41 -18.79 -19.04
N SER D 76 19.46 -18.07 -19.41
CA SER D 76 20.66 -18.00 -18.59
C SER D 76 20.49 -16.93 -17.52
N GLU D 77 21.07 -17.16 -16.35
CA GLU D 77 20.96 -16.23 -15.23
C GLU D 77 21.55 -14.86 -15.59
N SER D 78 22.67 -14.88 -16.29
CA SER D 78 23.35 -13.64 -16.67
C SER D 78 22.60 -12.90 -17.77
N VAL D 79 21.94 -13.66 -18.64
CA VAL D 79 21.16 -13.07 -19.73
C VAL D 79 19.89 -12.41 -19.21
N LEU D 80 19.20 -13.08 -18.30
CA LEU D 80 18.02 -12.51 -17.66
C LEU D 80 18.41 -11.25 -16.89
N LYS D 81 19.54 -11.32 -16.20
CA LYS D 81 20.06 -10.19 -15.44
C LYS D 81 20.45 -9.05 -16.37
N THR D 82 21.00 -9.39 -17.52
CA THR D 82 21.39 -8.39 -18.53
C THR D 82 20.16 -7.67 -19.06
N MET D 83 19.09 -8.42 -19.32
CA MET D 83 17.83 -7.83 -19.76
C MET D 83 17.22 -6.96 -18.68
N GLY D 84 17.33 -7.43 -17.43
CA GLY D 84 16.81 -6.69 -16.30
C GLY D 84 17.53 -5.37 -16.10
N ASP D 85 18.85 -5.39 -16.26
CA ASP D 85 19.67 -4.18 -16.10
C ASP D 85 19.36 -3.14 -17.16
N VAL D 86 19.22 -3.58 -18.41
CA VAL D 86 18.89 -2.69 -19.51
C VAL D 86 17.50 -2.08 -19.30
N ALA D 87 16.57 -2.91 -18.85
CA ALA D 87 15.19 -2.47 -18.59
C ALA D 87 15.16 -1.36 -17.53
N LYS D 88 16.03 -1.46 -16.53
CA LYS D 88 16.14 -0.44 -15.50
C LYS D 88 16.57 0.89 -16.11
N ARG D 89 17.44 0.79 -17.13
CA ARG D 89 17.98 1.98 -17.78
C ARG D 89 16.96 2.58 -18.75
N VAL D 90 16.21 1.72 -19.43
CA VAL D 90 15.13 2.17 -20.31
C VAL D 90 14.06 2.86 -19.46
N GLN D 91 13.85 2.32 -18.27
CA GLN D 91 12.86 2.86 -17.34
C GLN D 91 13.16 4.30 -16.95
N GLU D 92 14.45 4.63 -16.84
CA GLU D 92 14.84 5.98 -16.47
C GLU D 92 14.74 6.96 -17.64
N VAL D 93 14.55 6.42 -18.84
CA VAL D 93 14.34 7.25 -20.03
C VAL D 93 12.85 7.60 -20.14
N LEU D 94 12.00 6.64 -19.81
CA LEU D 94 10.55 6.82 -19.86
C LEU D 94 10.08 7.92 -18.90
N LYS D 95 10.83 8.12 -17.82
CA LYS D 95 10.46 9.12 -16.83
C LYS D 95 11.08 10.49 -17.14
N ASN D 96 11.82 10.56 -18.24
CA ASN D 96 12.40 11.83 -18.68
C ASN D 96 12.29 12.05 -20.19
N PRO D 97 11.07 12.29 -20.70
CA PRO D 97 10.89 12.54 -22.13
C PRO D 97 11.46 13.88 -22.55
N ASP D 99 15.54 15.54 -20.85
CA ASP D 99 15.03 15.17 -22.17
C ASP D 99 15.78 13.98 -22.73
N SER D 100 15.06 12.89 -22.97
CA SER D 100 15.68 11.64 -23.41
C SER D 100 14.84 10.93 -24.48
N LEU D 101 15.42 9.89 -25.07
CA LEU D 101 14.70 9.03 -26.01
C LEU D 101 15.42 7.70 -26.19
N VAL D 102 14.67 6.69 -26.63
CA VAL D 102 15.25 5.37 -26.89
C VAL D 102 15.36 5.12 -28.39
N VAL D 103 16.55 4.76 -28.85
CA VAL D 103 16.79 4.56 -30.27
C VAL D 103 17.26 3.13 -30.58
N LEU D 104 16.51 2.44 -31.41
CA LEU D 104 16.87 1.10 -31.85
C LEU D 104 17.36 1.14 -33.29
N SER D 105 18.36 0.33 -33.61
CA SER D 105 18.94 0.34 -34.95
C SER D 105 19.40 -1.04 -35.42
N GLY D 106 19.28 -1.28 -36.72
CA GLY D 106 19.71 -2.53 -37.32
C GLY D 106 19.70 -2.46 -38.83
N CYS D 107 20.06 -3.57 -39.48
CA CYS D 107 20.09 -3.63 -40.94
C CYS D 107 19.14 -4.69 -41.46
N GLY D 108 18.46 -4.39 -42.56
CA GLY D 108 17.52 -5.31 -43.17
C GLY D 108 16.35 -5.65 -42.26
N THR D 109 16.23 -6.93 -41.94
CA THR D 109 15.15 -7.40 -41.06
C THR D 109 15.27 -6.80 -39.67
N SER D 110 16.50 -6.77 -39.15
CA SER D 110 16.76 -6.20 -37.83
C SER D 110 16.38 -4.72 -37.78
N GLY D 111 16.60 -4.03 -38.90
CA GLY D 111 16.24 -2.63 -39.00
C GLY D 111 14.73 -2.45 -39.13
N ARG D 112 14.10 -3.36 -39.86
CA ARG D 112 12.66 -3.34 -40.02
C ARG D 112 11.95 -3.68 -38.71
N LEU D 113 12.61 -4.47 -37.88
CA LEU D 113 12.06 -4.82 -36.57
C LEU D 113 12.12 -3.62 -35.63
N ALA D 114 13.16 -2.81 -35.78
CA ALA D 114 13.31 -1.59 -34.98
C ALA D 114 12.15 -0.65 -35.23
N LEU D 115 11.72 -0.58 -36.48
CA LEU D 115 10.57 0.25 -36.86
C LEU D 115 9.30 -0.26 -36.19
N LEU D 116 9.11 -1.57 -36.23
CA LEU D 116 7.93 -2.20 -35.63
C LEU D 116 7.92 -2.02 -34.11
N LEU D 117 9.09 -2.20 -33.50
CA LEU D 117 9.21 -2.11 -32.04
C LEU D 117 9.08 -0.67 -31.55
N ALA D 118 9.55 0.28 -32.34
CA ALA D 118 9.42 1.69 -31.99
C ALA D 118 7.96 2.12 -32.05
N ASN D 119 7.28 1.72 -33.13
CA ASN D 119 5.87 2.04 -33.30
C ASN D 119 5.00 1.43 -32.21
N SER D 120 5.36 0.23 -31.78
CA SER D 120 4.60 -0.50 -30.78
C SER D 120 4.64 0.17 -29.40
N PHE D 121 5.85 0.47 -28.94
CA PHE D 121 6.01 1.04 -27.60
C PHE D 121 5.72 2.54 -27.55
N ASN D 122 5.68 3.17 -28.71
CA ASN D 122 5.17 4.54 -28.80
C ASN D 122 3.66 4.51 -28.64
N GLY D 123 3.04 3.41 -29.06
CA GLY D 123 1.62 3.22 -28.92
C GLY D 123 1.23 2.87 -27.51
N LEU D 124 2.13 2.22 -26.79
CA LEU D 124 1.91 1.88 -25.39
C LEU D 124 1.91 3.14 -24.55
N LEU D 125 2.73 4.12 -24.95
CA LEU D 125 2.78 5.40 -24.27
C LEU D 125 1.60 6.28 -24.69
N LYS D 126 1.30 6.27 -25.98
CA LYS D 126 0.22 7.07 -26.53
C LYS D 126 -1.13 6.67 -25.94
N GLY D 127 -1.27 5.40 -25.59
CA GLY D 127 -2.48 4.91 -24.95
C GLY D 127 -2.62 5.46 -23.55
N LEU D 128 -1.50 5.78 -22.92
CA LEU D 128 -1.50 6.34 -21.58
C LEU D 128 -1.38 7.85 -21.63
N HIS D 129 -1.71 8.43 -22.78
CA HIS D 129 -1.65 9.87 -23.01
C HIS D 129 -0.27 10.46 -22.76
N LYS D 130 0.77 9.67 -23.07
CA LYS D 130 2.14 10.13 -22.90
C LYS D 130 2.79 10.45 -24.24
N THR D 131 3.98 11.05 -24.19
CA THR D 131 4.69 11.45 -25.39
C THR D 131 5.64 10.35 -25.87
N PRO D 132 5.78 10.21 -27.20
CA PRO D 132 6.65 9.19 -27.80
C PRO D 132 8.12 9.46 -27.56
N CYS D 133 8.84 8.48 -27.01
CA CYS D 133 10.27 8.59 -26.82
C CYS D 133 10.99 7.35 -27.35
N TYR D 134 10.49 6.82 -28.46
CA TYR D 134 11.13 5.70 -29.16
C TYR D 134 11.38 6.09 -30.61
N CYS D 135 12.55 5.74 -31.13
CA CYS D 135 12.88 6.02 -32.52
C CYS D 135 13.66 4.87 -33.14
N TYR D 136 13.68 4.82 -34.47
CA TYR D 136 14.33 3.73 -35.19
C TYR D 136 15.36 4.25 -36.20
N ILE D 137 16.41 3.45 -36.43
CA ILE D 137 17.40 3.77 -37.44
C ILE D 137 17.73 2.54 -38.29
N MET D 138 17.29 2.54 -39.53
CA MET D 138 17.58 1.45 -40.46
C MET D 138 18.40 1.94 -41.64
N SER D 139 19.42 1.18 -42.01
CA SER D 139 20.29 1.55 -43.12
C SER D 139 19.54 1.51 -44.44
N GLY D 140 19.12 2.68 -44.91
CA GLY D 140 18.29 2.76 -46.11
C GLY D 140 18.01 4.16 -46.61
N GLY D 141 17.14 4.89 -45.91
CA GLY D 141 16.52 4.42 -44.68
C GLY D 141 15.19 3.70 -44.88
N ASP D 142 14.14 4.47 -45.15
CA ASP D 142 12.80 3.90 -45.28
C ASP D 142 12.56 3.27 -46.65
N ARG D 143 13.57 3.27 -47.50
CA ARG D 143 13.49 2.53 -48.75
C ARG D 143 13.67 1.05 -48.45
N SER D 144 14.37 0.75 -47.36
CA SER D 144 14.65 -0.61 -46.95
C SER D 144 13.41 -1.32 -46.39
N ILE D 145 12.34 -0.56 -46.19
CA ILE D 145 11.08 -1.12 -45.73
C ILE D 145 10.47 -1.98 -46.83
N VAL D 146 10.64 -1.55 -48.07
CA VAL D 146 10.02 -2.23 -49.21
C VAL D 146 11.04 -3.00 -50.06
N THR D 147 12.31 -2.59 -50.00
CA THR D 147 13.35 -3.28 -50.77
C THR D 147 14.52 -3.71 -49.90
N SER D 148 15.51 -4.36 -50.52
CA SER D 148 16.63 -4.96 -49.81
C SER D 148 17.61 -3.95 -49.22
N GLN D 149 18.32 -3.24 -50.10
CA GLN D 149 19.37 -2.30 -49.69
C GLN D 149 20.47 -2.98 -48.88
N GLU D 150 20.87 -4.18 -49.30
CA GLU D 150 21.87 -4.95 -48.59
C GLU D 150 23.27 -4.33 -48.66
N SER D 151 23.49 -3.50 -49.68
CA SER D 151 24.80 -2.90 -49.90
C SER D 151 25.12 -1.78 -48.92
N SER D 152 24.10 -1.26 -48.26
CA SER D 152 24.26 -0.14 -47.33
C SER D 152 24.61 -0.59 -45.92
N GLU D 153 25.16 -1.80 -45.80
CA GLU D 153 25.51 -2.35 -44.50
C GLU D 153 26.97 -2.07 -44.16
N ASP D 154 27.76 -1.78 -45.18
CA ASP D 154 29.21 -1.61 -45.01
C ASP D 154 29.63 -0.16 -44.81
N ASN D 155 28.80 0.62 -44.13
CA ASN D 155 29.13 2.02 -43.87
C ASN D 155 29.08 2.39 -42.39
N PRO D 156 30.24 2.36 -41.73
CA PRO D 156 30.36 2.71 -40.31
C PRO D 156 30.20 4.21 -40.08
N GLN D 157 30.59 5.01 -41.07
CA GLN D 157 30.53 6.45 -40.95
C GLN D 157 29.10 6.96 -40.98
N LEU D 158 28.35 6.56 -42.00
CA LEU D 158 26.97 7.02 -42.19
C LEU D 158 26.07 6.56 -41.05
N GLY D 159 26.42 5.45 -40.42
CA GLY D 159 25.67 4.94 -39.29
C GLY D 159 25.76 5.88 -38.10
N ALA D 160 26.98 6.31 -37.79
CA ALA D 160 27.22 7.23 -36.68
C ALA D 160 26.60 8.59 -36.95
N GLN D 161 26.50 8.96 -38.23
CA GLN D 161 25.91 10.24 -38.62
C GLN D 161 24.42 10.28 -38.31
N GLU D 162 23.70 9.24 -38.72
CA GLU D 162 22.27 9.15 -38.48
C GLU D 162 21.95 9.08 -36.99
N LEU D 163 22.80 8.40 -36.23
CA LEU D 163 22.63 8.30 -34.79
C LEU D 163 22.81 9.66 -34.12
N GLU D 164 23.72 10.45 -34.66
CA GLU D 164 23.98 11.80 -34.14
C GLU D 164 22.85 12.74 -34.50
N LYS D 165 22.30 12.58 -35.70
CA LYS D 165 21.24 13.45 -36.20
C LYS D 165 19.93 13.23 -35.43
N VAL D 166 19.61 11.98 -35.14
CA VAL D 166 18.39 11.64 -34.42
C VAL D 166 18.45 12.11 -32.97
N CYS D 167 19.57 11.84 -32.32
CA CYS D 167 19.75 12.20 -30.91
C CYS D 167 20.25 13.63 -30.75
N GLU D 168 19.95 14.48 -31.72
CA GLU D 168 20.40 15.86 -31.70
C GLU D 168 19.66 16.69 -30.66
N GLY D 169 20.35 17.03 -29.58
CA GLY D 169 19.78 17.86 -28.54
C GLY D 169 19.17 17.08 -27.39
N LYS D 170 19.58 15.82 -27.24
CA LYS D 170 19.07 14.98 -26.18
C LYS D 170 20.08 14.79 -25.05
N LYS D 171 19.58 14.87 -23.82
CA LYS D 171 20.44 14.77 -22.64
C LYS D 171 20.86 13.32 -22.37
N ASN D 172 19.90 12.41 -22.47
CA ASN D 172 20.18 11.00 -22.27
C ASN D 172 19.69 10.16 -23.44
N VAL D 173 20.51 9.22 -23.89
CA VAL D 173 20.15 8.35 -25.00
C VAL D 173 20.50 6.90 -24.72
N LEU D 174 19.52 6.01 -24.83
CA LEU D 174 19.78 4.59 -24.73
C LEU D 174 19.74 3.98 -26.12
N PHE D 175 20.91 3.68 -26.67
CA PHE D 175 21.02 3.13 -28.01
C PHE D 175 21.06 1.61 -28.00
N ILE D 176 20.20 0.99 -28.80
CA ILE D 176 20.17 -0.45 -28.94
C ILE D 176 20.46 -0.86 -30.38
N GLY D 177 21.73 -1.16 -30.65
CA GLY D 177 22.14 -1.60 -31.97
C GLY D 177 21.95 -3.09 -32.14
N ILE D 178 21.27 -3.48 -33.22
CA ILE D 178 20.96 -4.88 -33.45
C ILE D 178 21.82 -5.49 -34.56
N SER D 179 22.51 -6.57 -34.21
CA SER D 179 23.31 -7.31 -35.19
C SER D 179 23.35 -8.79 -34.80
N CYS D 180 22.53 -9.59 -35.48
CA CYS D 180 22.37 -11.00 -35.14
C CYS D 180 23.68 -11.78 -35.16
N GLY D 181 24.53 -11.50 -36.15
CA GLY D 181 25.77 -12.23 -36.31
C GLY D 181 27.00 -11.47 -35.84
N LEU D 182 26.78 -10.26 -35.31
CA LEU D 182 27.86 -9.39 -34.86
C LEU D 182 28.89 -9.15 -35.97
N SER D 183 28.45 -8.59 -37.09
CA SER D 183 29.32 -8.37 -38.23
C SER D 183 28.78 -7.27 -39.14
N ALA D 184 28.03 -6.34 -38.56
CA ALA D 184 27.43 -5.25 -39.32
C ALA D 184 28.17 -3.94 -39.06
N PRO D 185 28.96 -3.48 -40.05
CA PRO D 185 29.74 -2.24 -39.98
C PRO D 185 28.87 -1.03 -39.64
N PHE D 186 27.62 -1.06 -40.07
CA PHE D 186 26.68 0.03 -39.79
C PHE D 186 26.39 0.14 -38.30
N ILE D 187 26.37 -1.00 -37.62
CA ILE D 187 26.14 -1.04 -36.17
C ILE D 187 27.45 -0.74 -35.43
N ALA D 188 28.56 -1.16 -36.02
CA ALA D 188 29.88 -0.92 -35.44
C ALA D 188 30.16 0.56 -35.29
N GLY D 189 29.89 1.33 -36.34
CA GLY D 189 30.10 2.75 -36.33
C GLY D 189 29.19 3.48 -35.35
N GLN D 190 27.99 2.94 -35.15
CA GLN D 190 27.04 3.53 -34.23
C GLN D 190 27.43 3.30 -32.78
N LEU D 191 27.84 2.07 -32.46
CA LEU D 191 28.31 1.74 -31.12
C LEU D 191 29.60 2.49 -30.81
N ASP D 192 30.41 2.69 -31.83
CA ASP D 192 31.67 3.43 -31.68
C ASP D 192 31.41 4.88 -31.33
N PHE D 193 30.41 5.47 -31.98
CA PHE D 193 30.03 6.86 -31.72
C PHE D 193 29.46 7.01 -30.31
N CYS D 194 28.84 5.95 -29.80
CA CYS D 194 28.28 5.96 -28.45
C CYS D 194 29.39 5.99 -27.41
N MET D 195 30.50 5.32 -27.70
CA MET D 195 31.64 5.28 -26.79
C MET D 195 32.32 6.64 -26.67
N ARG D 196 32.38 7.36 -27.78
CA ARG D 196 33.03 8.67 -27.82
C ARG D 196 32.27 9.68 -26.96
N HIS D 197 30.96 9.50 -26.85
CA HIS D 197 30.11 10.41 -26.10
C HIS D 197 29.29 9.66 -25.05
N LEU D 198 29.96 9.20 -23.99
CA LEU D 198 29.30 8.46 -22.93
C LEU D 198 28.58 9.38 -21.95
N ASP D 199 28.62 10.68 -22.23
CA ASP D 199 27.93 11.67 -21.43
C ASP D 199 26.46 11.79 -21.85
N VAL D 200 26.12 11.13 -22.95
CA VAL D 200 24.75 11.16 -23.48
C VAL D 200 24.25 9.76 -23.81
N TYR D 201 25.08 9.00 -24.53
CA TYR D 201 24.67 7.70 -25.05
C TYR D 201 24.90 6.55 -24.06
N LEU D 202 23.99 5.58 -24.10
CA LEU D 202 24.14 4.35 -23.33
C LEU D 202 24.05 3.16 -24.29
N PRO D 203 25.22 2.69 -24.77
CA PRO D 203 25.32 1.68 -25.83
C PRO D 203 24.83 0.29 -25.41
N VAL D 204 23.95 -0.28 -26.23
CA VAL D 204 23.48 -1.64 -26.03
C VAL D 204 23.55 -2.43 -27.35
N LEU D 205 24.18 -3.59 -27.31
CA LEU D 205 24.29 -4.45 -28.49
C LEU D 205 23.45 -5.72 -28.36
N VAL D 206 22.68 -6.02 -29.39
CA VAL D 206 21.87 -7.23 -29.41
C VAL D 206 22.34 -8.17 -30.52
N GLY D 207 22.84 -9.33 -30.13
CA GLY D 207 23.33 -10.32 -31.09
C GLY D 207 23.15 -11.73 -30.58
N PHE D 208 23.64 -12.70 -31.32
CA PHE D 208 23.48 -14.10 -30.96
C PHE D 208 24.77 -14.89 -31.13
N ASN D 209 25.86 -14.17 -31.38
CA ASN D 209 27.19 -14.74 -31.34
C ASN D 209 27.94 -14.20 -30.12
N PRO D 210 28.79 -15.04 -29.51
CA PRO D 210 29.65 -14.57 -28.43
C PRO D 210 30.59 -13.48 -28.95
N VAL D 211 31.11 -12.66 -28.04
CA VAL D 211 32.00 -11.57 -28.43
C VAL D 211 33.24 -12.10 -29.16
N SER D 212 33.68 -13.30 -28.77
CA SER D 212 34.86 -13.92 -29.36
C SER D 212 34.60 -14.47 -30.77
N MET D 213 33.37 -14.38 -31.23
CA MET D 213 33.01 -14.88 -32.54
C MET D 213 32.63 -13.77 -33.52
N ALA D 214 32.81 -12.53 -33.09
CA ALA D 214 32.56 -11.38 -33.97
C ALA D 214 33.66 -11.28 -35.01
N ARG D 215 33.40 -10.54 -36.08
CA ARG D 215 34.37 -10.39 -37.16
C ARG D 215 35.64 -9.67 -36.69
N ASN D 216 36.74 -10.41 -36.64
CA ASN D 216 38.02 -9.85 -36.23
C ASN D 216 38.68 -9.09 -37.36
N GLU D 217 38.25 -9.35 -38.59
CA GLU D 217 38.78 -8.67 -39.76
C GLU D 217 38.39 -7.19 -39.76
N ARG D 218 39.40 -6.32 -39.83
CA ARG D 218 39.19 -4.88 -39.79
C ARG D 218 38.35 -4.40 -40.97
N ILE D 219 37.39 -3.53 -40.69
CA ILE D 219 36.52 -2.98 -41.72
C ILE D 219 37.29 -2.03 -42.63
N GLU D 220 37.32 -2.35 -43.92
CA GLU D 220 38.02 -1.53 -44.90
C GLU D 220 37.34 -0.17 -45.05
N GLY D 221 38.11 0.90 -44.92
CA GLY D 221 37.58 2.25 -44.97
C GLY D 221 37.29 2.76 -43.58
N TRP D 222 37.70 1.98 -42.57
CA TRP D 222 37.50 2.35 -41.18
C TRP D 222 38.72 1.93 -40.36
N HIS D 223 38.72 2.26 -39.07
CA HIS D 223 39.89 2.04 -38.23
C HIS D 223 39.89 0.73 -37.44
N SER D 224 38.70 0.22 -37.14
CA SER D 224 38.59 -0.98 -36.32
C SER D 224 37.75 -2.08 -36.96
N SER D 225 37.75 -3.26 -36.34
CA SER D 225 36.89 -4.36 -36.76
C SER D 225 35.65 -4.37 -35.89
N PHE D 226 34.75 -5.31 -36.14
CA PHE D 226 33.55 -5.42 -35.32
C PHE D 226 33.87 -6.05 -33.98
N ARG D 227 34.79 -7.01 -33.98
CA ARG D 227 35.19 -7.67 -32.74
C ARG D 227 35.86 -6.70 -31.78
N GLN D 228 36.68 -5.80 -32.33
CA GLN D 228 37.38 -4.81 -31.52
C GLN D 228 36.42 -3.91 -30.75
N VAL D 229 35.42 -3.37 -31.43
CA VAL D 229 34.46 -2.49 -30.81
C VAL D 229 33.50 -3.26 -29.90
N ALA D 230 33.45 -4.57 -30.08
CA ALA D 230 32.59 -5.42 -29.27
C ALA D 230 33.19 -5.67 -27.90
N GLU D 231 34.48 -6.01 -27.87
CA GLU D 231 35.16 -6.27 -26.61
C GLU D 231 35.43 -4.98 -25.84
N ARG D 232 35.31 -3.85 -26.52
CA ARG D 232 35.35 -2.54 -25.85
C ARG D 232 34.04 -2.33 -25.10
N LEU D 233 32.95 -2.73 -25.73
CA LEU D 233 31.63 -2.64 -25.13
C LEU D 233 31.51 -3.68 -24.01
N GLN D 234 32.32 -4.72 -24.09
CA GLN D 234 32.32 -5.78 -23.07
C GLN D 234 32.98 -5.28 -21.79
N THR D 235 33.99 -4.42 -21.93
CA THR D 235 34.63 -3.81 -20.79
C THR D 235 33.67 -2.86 -20.08
N LEU D 236 32.88 -2.15 -20.88
CA LEU D 236 31.84 -1.28 -20.35
C LEU D 236 30.75 -2.10 -19.69
N HIS D 237 30.54 -3.30 -20.21
CA HIS D 237 29.52 -4.21 -19.68
C HIS D 237 29.93 -4.73 -18.31
N ASP D 238 31.21 -5.04 -18.15
CA ASP D 238 31.74 -5.51 -16.87
C ASP D 238 31.74 -4.40 -15.83
N SER D 239 31.76 -3.15 -16.29
CA SER D 239 31.77 -2.00 -15.40
C SER D 239 30.39 -1.34 -15.33
N GLN D 240 29.40 -2.03 -15.88
CA GLN D 240 28.01 -1.54 -15.88
C GLN D 240 27.84 -0.20 -16.59
N LYS D 241 28.78 0.14 -17.46
CA LYS D 241 28.73 1.40 -18.19
C LYS D 241 28.08 1.19 -19.56
N GLY D 242 28.17 -0.04 -20.07
CA GLY D 242 27.52 -0.41 -21.31
C GLY D 242 26.85 -1.76 -21.15
N PHE D 243 26.19 -2.24 -22.20
CA PHE D 243 25.51 -3.53 -22.14
C PHE D 243 25.55 -4.28 -23.46
N ILE D 244 25.85 -5.57 -23.40
CA ILE D 244 25.78 -6.41 -24.58
C ILE D 244 24.88 -7.63 -24.32
N LEU D 245 23.74 -7.65 -25.02
CA LEU D 245 22.77 -8.71 -24.86
C LEU D 245 22.92 -9.74 -25.97
N ASN D 246 23.72 -10.77 -25.71
CA ASN D 246 24.01 -11.77 -26.73
C ASN D 246 23.81 -13.22 -26.28
N PRO D 247 22.56 -13.63 -26.05
CA PRO D 247 22.30 -15.03 -25.71
C PRO D 247 22.46 -15.91 -26.94
N ALA D 248 23.03 -17.09 -26.76
CA ALA D 248 23.30 -17.99 -27.88
C ALA D 248 22.03 -18.72 -28.33
N VAL D 249 21.50 -18.31 -29.47
CA VAL D 249 20.41 -19.04 -30.12
C VAL D 249 21.03 -19.87 -31.23
N GLY D 250 20.57 -21.11 -31.38
CA GLY D 250 21.14 -22.05 -32.32
C GLY D 250 21.20 -21.59 -33.76
N PRO D 251 21.96 -22.32 -34.59
CA PRO D 251 22.11 -22.01 -36.01
C PRO D 251 20.76 -22.10 -36.74
N GLU D 252 20.58 -21.30 -37.78
CA GLU D 252 19.33 -21.29 -38.54
C GLU D 252 19.09 -22.61 -39.27
N GLY D 253 17.84 -22.82 -39.67
CA GLY D 253 17.48 -23.98 -40.46
C GLY D 253 18.27 -23.98 -41.76
N VAL D 254 18.26 -22.83 -42.43
CA VAL D 254 19.16 -22.62 -43.56
C VAL D 254 20.23 -21.60 -43.16
N SER D 255 21.49 -22.00 -43.30
CA SER D 255 22.62 -21.24 -42.78
C SER D 255 22.67 -19.78 -43.22
N GLY D 256 22.69 -18.88 -42.23
CA GLY D 256 22.82 -17.46 -42.49
C GLY D 256 21.53 -16.77 -42.85
N SER D 257 20.44 -17.14 -42.19
CA SER D 257 19.15 -16.53 -42.44
C SER D 257 18.65 -15.79 -41.21
N SER D 258 19.20 -14.60 -40.99
CA SER D 258 18.94 -13.82 -39.78
C SER D 258 17.46 -13.55 -39.52
N ARG D 259 16.65 -13.58 -40.58
CA ARG D 259 15.23 -13.28 -40.46
C ARG D 259 14.44 -14.37 -39.73
N MET D 260 14.85 -15.62 -39.91
CA MET D 260 14.13 -16.75 -39.32
C MET D 260 14.25 -16.80 -37.80
N LYS D 261 15.34 -17.39 -37.31
CA LYS D 261 15.53 -17.56 -35.88
C LYS D 261 16.04 -16.30 -35.21
N GLY D 262 16.95 -15.61 -35.88
CA GLY D 262 17.54 -14.40 -35.34
C GLY D 262 16.53 -13.31 -35.08
N GLY D 263 15.85 -12.87 -36.14
CA GLY D 263 14.86 -11.82 -36.05
C GLY D 263 13.75 -12.12 -35.05
N SER D 264 13.39 -13.40 -34.97
CA SER D 264 12.38 -13.83 -34.00
C SER D 264 12.90 -13.61 -32.58
N ALA D 265 14.19 -13.87 -32.40
CA ALA D 265 14.79 -13.77 -31.07
C ALA D 265 15.01 -12.33 -30.60
N THR D 266 15.34 -11.43 -31.52
CA THR D 266 15.48 -10.02 -31.17
C THR D 266 14.12 -9.47 -30.75
N LYS D 267 13.08 -9.89 -31.45
CA LYS D 267 11.73 -9.45 -31.15
C LYS D 267 11.29 -9.94 -29.78
N ILE D 268 11.64 -11.18 -29.45
CA ILE D 268 11.31 -11.74 -28.15
C ILE D 268 12.09 -11.03 -27.03
N LEU D 269 13.41 -10.93 -27.20
CA LEU D 269 14.28 -10.32 -26.21
C LEU D 269 13.92 -8.87 -25.90
N LEU D 270 13.86 -8.04 -26.93
CA LEU D 270 13.62 -6.61 -26.75
C LEU D 270 12.23 -6.30 -26.19
N GLU D 271 11.20 -6.90 -26.77
CA GLU D 271 9.83 -6.69 -26.31
C GLU D 271 9.64 -7.15 -24.87
N THR D 272 10.46 -8.11 -24.44
CA THR D 272 10.38 -8.63 -23.08
C THR D 272 10.90 -7.60 -22.08
N LEU D 273 12.09 -7.07 -22.33
CA LEU D 273 12.70 -6.11 -21.43
C LEU D 273 11.98 -4.76 -21.48
N LEU D 274 11.54 -4.37 -22.67
CA LEU D 274 10.86 -3.08 -22.84
C LEU D 274 9.51 -3.06 -22.11
N LEU D 275 8.77 -4.16 -22.21
CA LEU D 275 7.50 -4.28 -21.49
C LEU D 275 7.71 -4.20 -19.99
N VAL D 276 8.72 -4.91 -19.50
CA VAL D 276 9.08 -4.87 -18.09
C VAL D 276 9.45 -3.45 -17.65
N ALA D 277 10.14 -2.74 -18.54
CA ALA D 277 10.54 -1.35 -18.29
C ALA D 277 9.32 -0.45 -18.11
N HIS D 278 8.33 -0.61 -18.99
CA HIS D 278 7.11 0.18 -18.93
C HIS D 278 6.24 -0.21 -17.73
N LYS D 279 6.32 -1.48 -17.34
CA LYS D 279 5.53 -1.98 -16.22
C LYS D 279 6.01 -1.39 -14.91
N ALA D 280 7.32 -1.20 -14.79
CA ALA D 280 7.91 -0.64 -13.59
C ALA D 280 7.58 0.85 -13.46
N GLU D 281 7.25 1.48 -14.58
CA GLU D 281 6.87 2.89 -14.58
C GLU D 281 5.49 3.09 -13.96
N PRO D 285 8.83 -3.03 -8.97
CA PRO D 285 10.17 -3.00 -9.55
C PRO D 285 10.33 -4.04 -10.66
N VAL D 286 11.57 -4.30 -11.06
CA VAL D 286 11.86 -5.31 -12.07
C VAL D 286 12.45 -6.56 -11.43
N THR D 287 11.74 -7.68 -11.58
CA THR D 287 12.17 -8.95 -11.00
C THR D 287 12.42 -9.99 -12.08
N GLU D 288 13.16 -11.04 -11.73
CA GLU D 288 13.45 -12.13 -12.66
C GLU D 288 12.17 -12.85 -13.04
N LYS D 289 11.23 -12.89 -12.11
CA LYS D 289 9.96 -13.57 -12.33
C LYS D 289 9.12 -12.84 -13.38
N CYS D 290 9.27 -11.52 -13.45
CA CYS D 290 8.52 -10.72 -14.41
C CYS D 290 8.97 -11.01 -15.84
N LEU D 291 10.26 -11.26 -16.00
CA LEU D 291 10.81 -11.60 -17.31
C LEU D 291 10.34 -12.97 -17.76
N LEU D 292 10.33 -13.92 -16.84
CA LEU D 292 9.96 -15.30 -17.15
C LEU D 292 8.50 -15.41 -17.57
N GLU D 293 7.66 -14.54 -17.02
CA GLU D 293 6.23 -14.56 -17.35
C GLU D 293 5.99 -14.08 -18.78
N ILE D 294 6.72 -13.05 -19.19
CA ILE D 294 6.59 -12.53 -20.54
C ILE D 294 7.13 -13.55 -21.55
N LEU D 295 8.24 -14.19 -21.20
CA LEU D 295 8.84 -15.21 -22.05
C LEU D 295 7.92 -16.41 -22.20
N ARG D 296 7.14 -16.69 -21.17
CA ARG D 296 6.18 -17.79 -21.18
C ARG D 296 5.13 -17.56 -22.26
N THR D 297 4.70 -16.31 -22.42
CA THR D 297 3.68 -15.96 -23.40
C THR D 297 4.18 -16.20 -24.82
N TYR D 298 5.48 -16.11 -25.01
CA TYR D 298 6.08 -16.37 -26.32
C TYR D 298 6.21 -17.86 -26.59
N GLU D 299 6.37 -18.64 -25.53
CA GLU D 299 6.36 -20.09 -25.66
C GLU D 299 4.98 -20.55 -26.07
N ARG D 300 3.96 -19.94 -25.47
CA ARG D 300 2.58 -20.21 -25.84
C ARG D 300 2.36 -19.84 -27.30
N ALA D 301 2.98 -18.74 -27.72
CA ALA D 301 2.89 -18.28 -29.10
C ALA D 301 3.47 -19.30 -30.06
N HIS D 302 4.43 -20.09 -29.58
CA HIS D 302 5.04 -21.13 -30.38
C HIS D 302 4.13 -22.35 -30.50
N LYS D 303 3.57 -22.75 -29.37
CA LYS D 303 2.70 -23.93 -29.32
C LYS D 303 1.41 -23.69 -30.09
N VAL D 304 0.82 -22.52 -29.89
CA VAL D 304 -0.40 -22.15 -30.60
C VAL D 304 -0.18 -22.11 -32.10
N THR D 305 0.97 -21.58 -32.50
CA THR D 305 1.31 -21.45 -33.92
C THR D 305 1.50 -22.81 -34.58
N TYR D 306 2.29 -23.67 -33.95
CA TYR D 306 2.63 -24.96 -34.55
C TYR D 306 1.67 -26.09 -34.19
N SER D 307 0.55 -25.74 -33.55
CA SER D 307 -0.52 -26.69 -33.36
C SER D 307 -1.37 -26.72 -34.62
N GLN D 308 -1.11 -25.76 -35.50
CA GLN D 308 -1.77 -25.67 -36.79
C GLN D 308 -0.78 -26.03 -37.90
N SER D 309 0.13 -26.94 -37.58
CA SER D 309 1.18 -27.37 -38.51
C SER D 309 0.61 -27.99 -39.79
N LYS D 310 -0.53 -28.65 -39.66
CA LYS D 310 -1.17 -29.29 -40.81
C LYS D 310 -1.59 -28.25 -41.84
N LYS D 311 -2.08 -27.11 -41.36
CA LYS D 311 -2.56 -26.06 -42.25
C LYS D 311 -1.40 -25.23 -42.80
N ILE D 312 -0.33 -25.11 -42.02
CA ILE D 312 0.85 -24.38 -42.45
C ILE D 312 1.52 -25.11 -43.63
N ALA D 313 1.59 -26.43 -43.52
CA ALA D 313 2.17 -27.25 -44.58
C ALA D 313 1.36 -27.15 -45.86
N ALA D 314 0.05 -26.97 -45.71
CA ALA D 314 -0.84 -26.82 -46.86
C ALA D 314 -0.57 -25.50 -47.57
N LEU D 315 -0.40 -24.44 -46.80
CA LEU D 315 -0.09 -23.11 -47.34
C LEU D 315 1.29 -23.12 -48.00
N MET D 316 2.21 -23.89 -47.42
CA MET D 316 3.56 -24.00 -47.96
C MET D 316 3.54 -24.67 -49.33
N LYS D 317 2.76 -25.72 -49.46
CA LYS D 317 2.65 -26.46 -50.72
C LYS D 317 1.99 -25.62 -51.81
N GLN D 318 0.97 -24.86 -51.43
CA GLN D 318 0.25 -24.03 -52.38
C GLN D 318 1.13 -22.90 -52.91
N THR D 319 2.02 -22.40 -52.06
CA THR D 319 2.95 -21.34 -52.46
C THR D 319 3.98 -21.88 -53.45
N ALA D 320 4.56 -23.04 -53.14
CA ALA D 320 5.54 -23.66 -54.01
C ALA D 320 4.92 -24.08 -55.34
N THR D 321 3.64 -24.42 -55.30
CA THR D 321 2.90 -24.78 -56.51
C THR D 321 2.76 -23.57 -57.43
N SER D 322 2.44 -22.42 -56.83
CA SER D 322 2.28 -21.19 -57.59
C SER D 322 3.61 -20.75 -58.23
N LEU D 323 4.71 -21.09 -57.58
CA LEU D 323 6.03 -20.69 -58.07
C LEU D 323 6.46 -21.50 -59.29
N GLN D 324 6.15 -22.79 -59.30
CA GLN D 324 6.52 -23.63 -60.44
C GLN D 324 5.63 -23.33 -61.64
N LYS D 325 4.46 -22.77 -61.38
CA LYS D 325 3.55 -22.34 -62.43
C LYS D 325 3.81 -20.89 -62.79
N LYS D 326 4.93 -20.36 -62.27
CA LYS D 326 5.34 -18.97 -62.51
C LYS D 326 4.26 -17.98 -62.08
N GLY D 327 3.67 -18.22 -60.91
CA GLY D 327 2.66 -17.33 -60.36
C GLY D 327 3.21 -16.51 -59.21
N HIS D 328 2.32 -15.79 -58.53
CA HIS D 328 2.74 -14.90 -57.45
C HIS D 328 2.04 -15.20 -56.13
N LEU D 329 2.58 -14.65 -55.06
CA LEU D 329 1.95 -14.74 -53.73
C LEU D 329 1.72 -13.34 -53.17
N TYR D 330 0.46 -12.98 -52.99
CA TYR D 330 0.12 -11.66 -52.47
C TYR D 330 -0.37 -11.75 -51.03
N ILE D 331 0.32 -11.05 -50.13
CA ILE D 331 -0.01 -11.09 -48.71
C ILE D 331 -0.71 -9.81 -48.26
N LEU D 332 -2.00 -9.91 -48.00
CA LEU D 332 -2.78 -8.77 -47.55
C LEU D 332 -3.01 -8.85 -46.04
N GLY D 333 -2.41 -7.94 -45.30
CA GLY D 333 -2.50 -7.96 -43.85
C GLY D 333 -3.22 -6.77 -43.26
N TRP D 334 -3.95 -7.00 -42.17
CA TRP D 334 -4.64 -5.95 -41.45
C TRP D 334 -3.85 -5.56 -40.21
N GLY D 335 -3.73 -4.27 -39.97
CA GLY D 335 -2.97 -3.77 -38.83
C GLY D 335 -1.49 -3.98 -39.01
N THR D 336 -0.79 -4.30 -37.93
CA THR D 336 0.65 -4.49 -37.97
C THR D 336 1.03 -5.81 -38.66
N LEU D 337 0.03 -6.69 -38.85
CA LEU D 337 0.25 -7.94 -39.55
C LEU D 337 0.61 -7.68 -41.01
N GLY D 338 0.10 -6.57 -41.54
CA GLY D 338 0.42 -6.15 -42.89
C GLY D 338 1.89 -5.81 -43.02
N LEU D 339 2.44 -5.19 -41.98
CA LEU D 339 3.86 -4.85 -41.95
C LEU D 339 4.72 -6.11 -41.83
N VAL D 340 4.22 -7.07 -41.05
CA VAL D 340 4.89 -8.35 -40.90
C VAL D 340 4.88 -9.08 -42.24
N GLY D 341 3.78 -8.96 -42.97
CA GLY D 341 3.66 -9.55 -44.29
C GLY D 341 4.67 -8.96 -45.26
N ILE D 342 4.85 -7.65 -45.19
CA ILE D 342 5.84 -6.97 -46.03
C ILE D 342 7.25 -7.35 -45.60
N MET D 343 7.46 -7.45 -44.28
CA MET D 343 8.77 -7.82 -43.73
C MET D 343 9.25 -9.19 -44.21
N ASP D 344 8.32 -10.02 -44.68
CA ASP D 344 8.66 -11.34 -45.18
C ASP D 344 8.72 -11.39 -46.71
N ALA D 345 7.96 -10.51 -47.35
CA ALA D 345 7.93 -10.44 -48.80
C ALA D 345 9.22 -9.80 -49.35
N VAL D 346 9.73 -8.81 -48.62
CA VAL D 346 10.93 -8.10 -49.04
C VAL D 346 12.16 -9.01 -49.03
N GLU D 347 12.28 -9.83 -47.99
CA GLU D 347 13.45 -10.69 -47.82
C GLU D 347 13.52 -11.84 -48.82
N CYS D 348 12.48 -11.98 -49.65
CA CYS D 348 12.47 -13.03 -50.67
C CYS D 348 13.42 -12.70 -51.82
N VAL D 349 13.55 -11.40 -52.10
CA VAL D 349 14.44 -10.94 -53.18
C VAL D 349 15.92 -11.24 -52.95
N PRO D 350 16.46 -10.95 -51.73
CA PRO D 350 17.88 -11.25 -51.56
C PRO D 350 18.15 -12.73 -51.27
N THR D 351 17.52 -13.26 -50.23
CA THR D 351 17.82 -14.60 -49.74
C THR D 351 17.53 -15.72 -50.74
N TYR D 352 16.43 -15.60 -51.48
CA TYR D 352 16.06 -16.64 -52.43
C TYR D 352 16.15 -16.16 -53.87
N GLN D 353 16.89 -15.07 -54.08
CA GLN D 353 17.13 -14.46 -55.39
C GLN D 353 15.97 -14.53 -56.38
N ALA D 354 14.82 -14.00 -55.98
CA ALA D 354 13.65 -13.97 -56.84
C ALA D 354 13.28 -12.54 -57.19
N ASP D 355 12.38 -12.37 -58.15
CA ASP D 355 11.91 -11.05 -58.54
C ASP D 355 11.02 -10.50 -57.43
N TRP D 356 10.99 -9.18 -57.31
CA TRP D 356 10.20 -8.53 -56.27
C TRP D 356 8.70 -8.68 -56.50
N ARG D 357 8.33 -9.13 -57.70
CA ARG D 357 6.94 -9.32 -58.06
C ARG D 357 6.42 -10.66 -57.54
N ASP D 358 7.32 -11.62 -57.38
CA ASP D 358 6.96 -12.98 -56.97
C ASP D 358 6.21 -13.01 -55.63
N VAL D 359 6.72 -12.30 -54.63
CA VAL D 359 6.07 -12.23 -53.34
C VAL D 359 5.95 -10.77 -52.87
N ARG D 360 4.73 -10.28 -52.76
CA ARG D 360 4.49 -8.91 -52.36
C ARG D 360 3.61 -8.82 -51.11
N GLY D 361 3.82 -7.79 -50.31
CA GLY D 361 3.04 -7.58 -49.11
C GLY D 361 2.28 -6.26 -49.15
N PHE D 362 1.10 -6.24 -48.53
CA PHE D 362 0.27 -5.05 -48.52
C PHE D 362 -0.32 -4.81 -47.13
N ILE D 363 -0.59 -3.55 -46.80
CA ILE D 363 -1.00 -3.19 -45.45
C ILE D 363 -2.08 -2.11 -45.41
N THR D 364 -2.99 -2.21 -44.46
CA THR D 364 -4.00 -1.18 -44.22
C THR D 364 -3.53 -0.24 -43.12
N GLY D 365 -3.42 1.05 -43.45
CA GLY D 365 -3.69 1.54 -44.78
C GLY D 365 -2.54 2.32 -45.35
N GLY D 366 -1.62 1.61 -46.02
CA GLY D 366 -0.48 2.26 -46.66
C GLY D 366 0.60 2.66 -45.69
N TYR D 367 1.35 3.70 -46.04
CA TYR D 367 2.45 4.18 -45.21
C TYR D 367 1.97 4.91 -43.98
N HIS D 368 0.68 5.24 -43.95
CA HIS D 368 0.10 5.95 -42.81
C HIS D 368 -0.02 5.02 -41.60
N SER D 369 0.01 3.72 -41.87
CA SER D 369 -0.07 2.72 -40.81
C SER D 369 1.31 2.17 -40.44
N ILE D 370 2.23 2.21 -41.40
CA ILE D 370 3.61 1.79 -41.14
C ILE D 370 4.29 2.82 -40.24
N GLU D 371 3.90 4.09 -40.41
CA GLU D 371 4.40 5.19 -39.60
C GLU D 371 5.91 5.36 -39.66
N ASN D 372 6.42 5.61 -40.87
CA ASN D 372 7.84 5.89 -41.05
C ASN D 372 8.10 7.39 -41.15
N LYS D 373 9.32 7.80 -40.83
CA LYS D 373 9.66 9.22 -40.76
C LYS D 373 9.66 9.92 -42.12
N GLU D 374 9.94 9.16 -43.18
CA GLU D 374 9.99 9.73 -44.52
C GLU D 374 8.59 9.90 -45.11
N GLY D 375 7.59 9.37 -44.41
CA GLY D 375 6.21 9.48 -44.84
C GLY D 375 5.86 8.53 -45.97
N ASP D 376 5.10 9.03 -46.94
CA ASP D 376 4.65 8.22 -48.07
C ASP D 376 5.76 8.02 -49.11
N LEU D 377 6.19 6.77 -49.27
CA LEU D 377 7.20 6.44 -50.26
C LEU D 377 6.59 5.83 -51.52
N SER D 378 5.26 5.94 -51.64
CA SER D 378 4.55 5.33 -52.76
C SER D 378 4.61 6.19 -54.03
N SER D 379 5.69 6.95 -54.18
CA SER D 379 5.89 7.77 -55.35
C SER D 379 7.21 7.41 -56.02
N LEU D 380 7.99 6.56 -55.34
CA LEU D 380 9.29 6.15 -55.84
C LEU D 380 9.18 5.10 -56.95
N GLY D 381 7.99 4.52 -57.08
CA GLY D 381 7.76 3.51 -58.11
C GLY D 381 6.49 2.71 -57.90
N PRO D 382 6.28 1.68 -58.73
CA PRO D 382 5.10 0.81 -58.65
C PRO D 382 5.22 -0.23 -57.53
N GLN D 383 6.45 -0.59 -57.18
CA GLN D 383 6.69 -1.59 -56.14
C GLN D 383 6.53 -1.01 -54.74
N PHE D 384 6.39 0.31 -54.65
CA PHE D 384 6.27 0.98 -53.36
C PHE D 384 4.82 1.24 -52.97
N SER D 385 3.89 0.84 -53.83
CA SER D 385 2.47 0.94 -53.53
C SER D 385 2.06 -0.28 -52.69
N ILE D 386 1.94 -0.08 -51.38
CA ILE D 386 1.76 -1.21 -50.46
C ILE D 386 0.47 -1.19 -49.64
N SER D 387 -0.56 -0.50 -50.13
CA SER D 387 -1.83 -0.47 -49.44
C SER D 387 -2.81 -1.46 -50.08
N HIS D 388 -3.90 -1.75 -49.38
CA HIS D 388 -4.91 -2.66 -49.91
C HIS D 388 -5.62 -2.06 -51.12
N GLU D 389 -5.78 -0.75 -51.12
CA GLU D 389 -6.36 -0.05 -52.26
C GLU D 389 -5.44 -0.13 -53.47
N ASP D 390 -4.14 -0.14 -53.22
CA ASP D 390 -3.15 -0.27 -54.28
C ASP D 390 -3.22 -1.65 -54.92
N PHE D 391 -3.51 -2.65 -54.10
CA PHE D 391 -3.64 -4.03 -54.58
C PHE D 391 -4.88 -4.19 -55.46
N VAL D 392 -5.99 -3.60 -55.02
CA VAL D 392 -7.24 -3.67 -55.75
C VAL D 392 -7.16 -2.92 -57.08
N LYS D 393 -6.54 -1.75 -57.06
CA LYS D 393 -6.42 -0.91 -58.24
C LYS D 393 -5.40 -1.42 -59.25
N ASN D 394 -4.18 -1.65 -58.77
CA ASN D 394 -3.05 -1.93 -59.67
C ASN D 394 -2.77 -3.41 -59.91
N VAL D 395 -3.00 -4.24 -58.90
CA VAL D 395 -2.60 -5.64 -58.96
C VAL D 395 -3.76 -6.59 -59.28
N LEU D 396 -4.87 -6.40 -58.58
CA LEU D 396 -6.03 -7.28 -58.70
C LEU D 396 -6.60 -7.48 -60.12
N PRO D 397 -6.62 -6.42 -60.97
CA PRO D 397 -7.11 -6.70 -62.32
C PRO D 397 -6.11 -7.43 -63.21
N SER D 398 -5.00 -7.89 -62.64
CA SER D 398 -3.97 -8.56 -63.44
C SER D 398 -3.54 -9.91 -62.87
N VAL D 399 -4.31 -10.43 -61.92
CA VAL D 399 -3.98 -11.72 -61.30
C VAL D 399 -4.79 -12.87 -61.91
N SER D 400 -4.08 -13.90 -62.36
CA SER D 400 -4.70 -15.08 -62.94
C SER D 400 -5.13 -16.08 -61.86
N GLU D 401 -5.76 -17.17 -62.28
CA GLU D 401 -6.24 -18.17 -61.33
C GLU D 401 -5.17 -19.14 -60.88
N THR D 402 -3.93 -18.92 -61.32
CA THR D 402 -2.82 -19.79 -60.94
C THR D 402 -1.96 -19.14 -59.86
N ASP D 403 -2.40 -17.99 -59.37
CA ASP D 403 -1.69 -17.29 -58.30
C ASP D 403 -2.31 -17.60 -56.94
N THR D 404 -1.58 -17.29 -55.87
CA THR D 404 -2.06 -17.51 -54.52
C THR D 404 -2.15 -16.19 -53.75
N VAL D 405 -3.27 -15.99 -53.07
CA VAL D 405 -3.48 -14.79 -52.29
C VAL D 405 -3.73 -15.11 -50.82
N LEU D 406 -2.92 -14.53 -49.95
CA LEU D 406 -3.01 -14.79 -48.52
C LEU D 406 -3.53 -13.58 -47.75
N LEU D 407 -4.50 -13.82 -46.87
CA LEU D 407 -5.06 -12.76 -46.04
C LEU D 407 -4.77 -13.03 -44.56
N ILE D 408 -4.24 -12.03 -43.87
CA ILE D 408 -3.92 -12.15 -42.45
C ILE D 408 -4.65 -11.08 -41.65
N PHE D 409 -5.51 -11.51 -40.73
CA PHE D 409 -6.32 -10.57 -39.96
C PHE D 409 -6.76 -11.13 -38.60
N THR D 410 -7.52 -10.32 -37.88
CA THR D 410 -8.07 -10.72 -36.58
C THR D 410 -9.58 -10.65 -36.68
N LEU D 411 -10.27 -11.15 -35.65
CA LEU D 411 -11.73 -11.09 -35.61
C LEU D 411 -12.21 -9.73 -35.12
N ASP D 412 -11.27 -8.88 -34.71
CA ASP D 412 -11.59 -7.54 -34.26
C ASP D 412 -11.51 -6.55 -35.42
N ASP D 413 -11.10 -7.05 -36.59
CA ASP D 413 -11.00 -6.22 -37.79
C ASP D 413 -12.35 -6.14 -38.48
N ASP D 414 -12.45 -5.25 -39.47
CA ASP D 414 -13.69 -5.08 -40.23
C ASP D 414 -13.95 -6.31 -41.09
N LEU D 415 -14.71 -7.26 -40.54
CA LEU D 415 -15.01 -8.51 -41.22
C LEU D 415 -15.82 -8.30 -42.50
N ASN D 416 -16.52 -7.17 -42.58
CA ASN D 416 -17.29 -6.83 -43.77
C ASN D 416 -16.37 -6.46 -44.93
N GLN D 417 -15.35 -5.64 -44.65
CA GLN D 417 -14.35 -5.27 -45.64
C GLN D 417 -13.60 -6.51 -46.13
N ILE D 418 -13.27 -7.38 -45.19
CA ILE D 418 -12.55 -8.61 -45.48
C ILE D 418 -13.37 -9.51 -46.41
N GLU D 419 -14.60 -9.79 -46.03
CA GLU D 419 -15.47 -10.69 -46.78
C GLU D 419 -15.72 -10.20 -48.20
N LYS D 420 -15.81 -8.88 -48.36
CA LYS D 420 -15.99 -8.29 -49.69
C LYS D 420 -14.72 -8.41 -50.52
N LEU D 421 -13.58 -8.21 -49.87
CA LEU D 421 -12.28 -8.34 -50.54
C LEU D 421 -12.04 -9.78 -50.94
N VAL D 422 -12.49 -10.71 -50.10
CA VAL D 422 -12.40 -12.14 -50.39
C VAL D 422 -13.12 -12.48 -51.68
N ALA D 423 -14.34 -11.97 -51.81
CA ALA D 423 -15.15 -12.19 -53.01
C ALA D 423 -14.54 -11.51 -54.23
N LEU D 424 -13.88 -10.38 -54.01
CA LEU D 424 -13.25 -9.63 -55.10
C LEU D 424 -12.05 -10.38 -55.65
N VAL D 425 -11.28 -11.00 -54.77
CA VAL D 425 -10.11 -11.77 -55.16
C VAL D 425 -10.53 -13.10 -55.76
N LYS D 426 -11.63 -13.65 -55.24
CA LYS D 426 -12.13 -14.96 -55.68
C LYS D 426 -12.69 -14.91 -57.10
N GLU D 427 -12.77 -13.71 -57.66
CA GLU D 427 -13.22 -13.54 -59.04
C GLU D 427 -12.03 -13.53 -60.01
N LYS D 428 -10.84 -13.68 -59.47
CA LYS D 428 -9.62 -13.70 -60.29
C LYS D 428 -8.76 -14.92 -59.98
N THR D 429 -9.03 -15.58 -58.85
CA THR D 429 -8.31 -16.79 -58.47
C THR D 429 -9.07 -17.59 -57.42
N SER D 430 -8.79 -18.89 -57.37
CA SER D 430 -9.45 -19.77 -56.40
C SER D 430 -8.51 -20.10 -55.25
N ASN D 431 -7.22 -19.96 -55.49
CA ASN D 431 -6.21 -20.29 -54.49
C ASN D 431 -6.02 -19.16 -53.48
N ILE D 432 -7.02 -18.95 -52.63
CA ILE D 432 -6.90 -17.94 -51.58
C ILE D 432 -6.77 -18.60 -50.20
N GLN D 433 -5.80 -18.13 -49.42
CA GLN D 433 -5.55 -18.67 -48.09
C GLN D 433 -5.78 -17.60 -47.03
N VAL D 434 -5.96 -18.03 -45.79
CA VAL D 434 -6.23 -17.10 -44.70
C VAL D 434 -5.52 -17.48 -43.40
N ILE D 435 -4.79 -16.51 -42.83
CA ILE D 435 -4.27 -16.63 -41.47
C ILE D 435 -5.16 -15.78 -40.56
N CYS D 436 -5.93 -16.44 -39.71
CA CYS D 436 -6.89 -15.72 -38.88
C CYS D 436 -6.64 -15.91 -37.39
N HIS D 437 -6.24 -14.83 -36.72
CA HIS D 437 -6.02 -14.86 -35.29
C HIS D 437 -7.32 -14.56 -34.55
N ALA D 438 -7.51 -15.21 -33.41
CA ALA D 438 -8.74 -15.04 -32.64
C ALA D 438 -8.49 -15.10 -31.13
N THR D 439 -9.30 -14.38 -30.38
CA THR D 439 -9.23 -14.40 -28.92
C THR D 439 -10.41 -15.19 -28.36
N ALA D 440 -10.13 -16.09 -27.44
CA ALA D 440 -11.19 -16.87 -26.80
C ALA D 440 -12.12 -15.94 -26.00
N GLY D 441 -13.43 -16.09 -26.22
CA GLY D 441 -13.97 -17.07 -27.14
C GLY D 441 -14.68 -16.44 -28.33
N GLN D 442 -13.91 -15.92 -29.27
CA GLN D 442 -14.44 -15.43 -30.53
C GLN D 442 -14.43 -16.56 -31.54
N TYR D 443 -15.41 -16.55 -32.44
CA TYR D 443 -15.50 -17.60 -33.46
C TYR D 443 -15.76 -17.02 -34.84
N LEU D 444 -15.07 -17.57 -35.84
CA LEU D 444 -15.21 -17.11 -37.22
C LEU D 444 -16.63 -17.32 -37.71
N PRO D 445 -17.29 -16.22 -38.13
CA PRO D 445 -18.68 -16.23 -38.59
C PRO D 445 -18.91 -17.19 -39.75
N ASN D 446 -20.15 -17.67 -39.88
CA ASN D 446 -20.49 -18.65 -40.91
C ASN D 446 -20.32 -18.12 -42.33
N SER D 447 -20.52 -16.83 -42.52
CA SER D 447 -20.39 -16.20 -43.82
C SER D 447 -18.95 -16.25 -44.34
N LEU D 448 -17.99 -16.13 -43.45
CA LEU D 448 -16.58 -16.19 -43.81
C LEU D 448 -16.12 -17.64 -44.01
N LYS D 449 -16.61 -18.52 -43.15
CA LYS D 449 -16.18 -19.92 -43.14
C LYS D 449 -16.59 -20.66 -44.42
N LYS D 450 -17.70 -20.24 -45.02
CA LYS D 450 -18.20 -20.91 -46.22
C LYS D 450 -17.53 -20.40 -47.49
N THR D 451 -16.93 -19.21 -47.40
CA THR D 451 -16.31 -18.58 -48.56
C THR D 451 -14.82 -18.91 -48.68
N ILE D 452 -14.23 -19.35 -47.57
CA ILE D 452 -12.80 -19.64 -47.55
C ILE D 452 -12.53 -21.12 -47.32
N PRO D 453 -11.80 -21.76 -48.25
CA PRO D 453 -11.41 -23.16 -48.13
C PRO D 453 -10.44 -23.41 -46.97
N SER D 454 -9.16 -23.14 -47.19
CA SER D 454 -8.14 -23.36 -46.18
C SER D 454 -7.99 -22.14 -45.27
N ILE D 455 -8.14 -22.34 -43.97
CA ILE D 455 -8.05 -21.27 -42.99
C ILE D 455 -7.14 -21.64 -41.82
N ILE D 456 -5.96 -21.02 -41.77
CA ILE D 456 -5.06 -21.23 -40.64
C ILE D 456 -5.57 -20.44 -39.43
N GLY D 457 -6.46 -21.06 -38.66
CA GLY D 457 -7.05 -20.42 -37.51
C GLY D 457 -6.19 -20.52 -36.27
N LEU D 458 -6.11 -19.42 -35.53
CA LEU D 458 -5.32 -19.37 -34.31
C LEU D 458 -6.15 -18.77 -33.18
N THR D 459 -6.35 -19.56 -32.13
CA THR D 459 -7.12 -19.10 -30.98
C THR D 459 -6.20 -18.83 -29.79
N TRP D 460 -6.18 -17.59 -29.33
CA TRP D 460 -5.27 -17.18 -28.27
C TRP D 460 -5.97 -17.13 -26.91
N PRO D 461 -5.32 -17.69 -25.89
CA PRO D 461 -5.82 -17.58 -24.51
C PRO D 461 -5.88 -16.11 -24.11
N ILE D 462 -6.95 -15.72 -23.42
CA ILE D 462 -7.12 -14.33 -23.03
C ILE D 462 -6.16 -13.95 -21.89
N LEU D 463 -5.68 -12.70 -21.91
CA LEU D 463 -4.69 -12.25 -20.96
C LEU D 463 -5.25 -11.27 -19.93
N PHE D 464 -5.14 -11.62 -18.66
CA PHE D 464 -5.50 -10.71 -17.58
C PHE D 464 -4.26 -10.02 -17.04
N LEU D 465 -3.52 -9.35 -17.94
CA LEU D 465 -2.26 -8.71 -17.56
C LEU D 465 -2.34 -7.20 -17.68
N GLU D 466 -3.36 -6.62 -17.05
CA GLU D 466 -3.53 -5.16 -16.99
C GLU D 466 -3.52 -4.50 -18.36
N TYR D 467 -2.85 -3.35 -18.43
CA TYR D 467 -2.77 -2.56 -19.66
C TYR D 467 -1.84 -3.21 -20.68
N GLU D 468 -0.86 -3.94 -20.20
CA GLU D 468 0.14 -4.56 -21.08
C GLU D 468 -0.38 -5.83 -21.74
N GLY D 469 -1.49 -6.36 -21.22
CA GLY D 469 -2.08 -7.58 -21.76
C GLY D 469 -2.47 -7.43 -23.22
N ALA D 470 -2.95 -6.25 -23.59
CA ALA D 470 -3.37 -5.98 -24.95
C ALA D 470 -2.18 -5.96 -25.91
N PHE D 471 -1.01 -5.61 -25.39
CA PHE D 471 0.19 -5.49 -26.21
C PHE D 471 0.95 -6.81 -26.33
N ILE D 472 0.99 -7.57 -25.24
CA ILE D 472 1.55 -8.91 -25.27
C ILE D 472 0.76 -9.77 -26.24
N GLN D 473 -0.56 -9.57 -26.22
CA GLN D 473 -1.46 -10.23 -27.17
C GLN D 473 -1.07 -9.87 -28.60
N LYS D 474 -0.85 -8.58 -28.84
CA LYS D 474 -0.48 -8.10 -30.17
C LYS D 474 0.88 -8.65 -30.61
N PHE D 475 1.79 -8.78 -29.65
CA PHE D 475 3.11 -9.33 -29.93
C PHE D 475 3.00 -10.82 -30.26
N GLN D 476 2.06 -11.50 -29.61
CA GLN D 476 1.82 -12.91 -29.88
C GLN D 476 1.37 -13.13 -31.32
N ARG D 477 0.44 -12.30 -31.78
CA ARG D 477 -0.05 -12.37 -33.16
C ARG D 477 1.09 -12.13 -34.16
N GLU D 478 1.88 -11.09 -33.90
CA GLU D 478 2.96 -10.70 -34.81
C GLU D 478 4.02 -11.78 -34.95
N LEU D 479 4.46 -12.34 -33.82
CA LEU D 479 5.49 -13.37 -33.84
C LEU D 479 4.96 -14.66 -34.47
N SER D 480 3.70 -14.98 -34.20
CA SER D 480 3.05 -16.15 -34.78
C SER D 480 2.95 -16.00 -36.29
N THR D 481 2.51 -14.82 -36.72
CA THR D 481 2.38 -14.51 -38.14
C THR D 481 3.75 -14.57 -38.82
N LYS D 482 4.75 -14.05 -38.13
CA LYS D 482 6.12 -14.08 -38.65
C LYS D 482 6.61 -15.51 -38.82
N TRP D 483 6.39 -16.34 -37.81
CA TRP D 483 6.80 -17.74 -37.84
C TRP D 483 6.19 -18.51 -39.00
N ILE D 484 4.89 -18.29 -39.25
CA ILE D 484 4.21 -18.95 -40.35
C ILE D 484 4.81 -18.51 -41.68
N LEU D 485 4.89 -17.21 -41.88
CA LEU D 485 5.44 -16.65 -43.11
C LEU D 485 6.90 -17.02 -43.29
N ASP D 486 7.65 -17.09 -42.20
CA ASP D 486 9.03 -17.54 -42.24
C ASP D 486 9.11 -18.97 -42.75
N THR D 487 8.30 -19.84 -42.14
CA THR D 487 8.29 -21.26 -42.50
C THR D 487 7.76 -21.49 -43.91
N VAL D 488 6.67 -20.80 -44.25
CA VAL D 488 6.04 -20.95 -45.56
C VAL D 488 6.96 -20.54 -46.70
N THR D 489 7.47 -19.31 -46.63
CA THR D 489 8.34 -18.79 -47.69
C THR D 489 9.62 -19.60 -47.82
N SER D 490 10.20 -19.98 -46.68
CA SER D 490 11.42 -20.78 -46.67
C SER D 490 11.16 -22.17 -47.23
N GLY D 491 10.11 -22.81 -46.73
CA GLY D 491 9.76 -24.16 -47.14
C GLY D 491 9.38 -24.25 -48.60
N ALA D 492 8.67 -23.25 -49.09
CA ALA D 492 8.21 -23.23 -50.48
C ALA D 492 9.39 -23.22 -51.46
N TYR D 493 10.38 -22.38 -51.19
CA TYR D 493 11.55 -22.28 -52.05
C TYR D 493 12.48 -23.49 -51.87
N THR D 494 12.38 -24.16 -50.74
CA THR D 494 13.15 -25.38 -50.50
C THR D 494 12.55 -26.51 -51.32
N LEU D 495 11.22 -26.55 -51.39
CA LEU D 495 10.51 -27.49 -52.24
C LEU D 495 10.74 -27.14 -53.71
N ARG D 496 11.06 -25.88 -53.96
CA ARG D 496 11.32 -25.40 -55.31
C ARG D 496 12.71 -25.82 -55.77
N GLY D 497 13.50 -26.31 -54.82
CA GLY D 497 14.83 -26.84 -55.13
C GLY D 497 15.92 -25.80 -55.11
N LYS D 498 15.67 -24.68 -54.44
CA LYS D 498 16.65 -23.61 -54.35
C LYS D 498 17.46 -23.69 -53.06
N ILE D 499 17.77 -24.92 -52.65
CA ILE D 499 18.62 -25.18 -51.50
C ILE D 499 19.46 -26.42 -51.78
N PHE D 500 20.76 -26.35 -51.47
CA PHE D 500 21.65 -27.49 -51.69
C PHE D 500 21.40 -28.58 -50.66
N ARG D 501 21.77 -28.31 -49.41
CA ARG D 501 21.52 -29.23 -48.31
C ARG D 501 20.84 -28.48 -47.17
N ASN D 502 21.66 -27.82 -46.36
CA ASN D 502 21.17 -27.03 -45.24
C ASN D 502 21.60 -25.58 -45.42
N PHE D 503 22.32 -25.31 -46.50
CA PHE D 503 22.85 -23.98 -46.76
C PHE D 503 22.65 -23.54 -48.21
N MET D 504 22.82 -22.24 -48.45
CA MET D 504 22.67 -21.68 -49.79
C MET D 504 23.92 -21.90 -50.62
N VAL D 505 23.73 -22.15 -51.91
CA VAL D 505 24.85 -22.32 -52.83
C VAL D 505 24.88 -21.19 -53.87
N ASP D 506 23.71 -20.63 -54.15
CA ASP D 506 23.60 -19.52 -55.08
C ASP D 506 22.95 -18.32 -54.40
N PHE D 507 23.67 -17.20 -54.36
CA PHE D 507 23.14 -15.95 -53.88
C PHE D 507 23.97 -14.76 -54.35
N LYS D 508 23.30 -13.62 -54.56
CA LYS D 508 23.98 -12.40 -54.98
C LYS D 508 24.85 -11.85 -53.86
N ILE D 509 26.13 -11.63 -54.17
CA ILE D 509 27.05 -11.05 -53.20
C ILE D 509 26.86 -9.54 -53.12
N ASN D 510 26.02 -9.09 -52.19
CA ASN D 510 25.65 -7.69 -52.10
C ASN D 510 26.39 -6.89 -51.02
N ASN D 511 27.12 -7.59 -50.16
CA ASN D 511 27.93 -6.92 -49.14
C ASN D 511 29.12 -7.75 -48.64
N SER D 512 29.81 -7.22 -47.64
CA SER D 512 31.01 -7.87 -47.12
C SER D 512 30.69 -9.16 -46.40
N LYS D 513 29.51 -9.23 -45.81
CA LYS D 513 29.11 -10.42 -45.08
C LYS D 513 28.82 -11.57 -46.04
N LEU D 514 28.16 -11.25 -47.15
CA LEU D 514 27.83 -12.24 -48.16
C LEU D 514 29.08 -12.69 -48.91
N PHE D 515 30.10 -11.84 -48.91
CA PHE D 515 31.37 -12.17 -49.53
C PHE D 515 32.10 -13.23 -48.71
N HIS D 516 32.11 -13.02 -47.40
CA HIS D 516 32.71 -13.98 -46.47
C HIS D 516 31.92 -15.28 -46.44
N ARG D 517 30.62 -15.18 -46.68
CA ARG D 517 29.76 -16.36 -46.72
C ARG D 517 30.07 -17.18 -47.96
N ALA D 518 30.32 -16.51 -49.07
CA ALA D 518 30.70 -17.17 -50.31
C ALA D 518 32.01 -17.92 -50.11
N THR D 519 32.93 -17.31 -49.37
CA THR D 519 34.19 -17.95 -49.02
C THR D 519 33.95 -19.20 -48.18
N SER D 520 33.01 -19.10 -47.24
CA SER D 520 32.67 -20.21 -46.36
C SER D 520 32.06 -21.38 -47.13
N VAL D 521 31.22 -21.06 -48.11
CA VAL D 521 30.58 -22.09 -48.93
C VAL D 521 31.62 -22.81 -49.80
N LEU D 522 32.52 -22.04 -50.39
CA LEU D 522 33.62 -22.61 -51.17
C LEU D 522 34.49 -23.52 -50.31
N GLN D 523 34.68 -23.12 -49.06
CA GLN D 523 35.48 -23.88 -48.11
C GLN D 523 34.68 -25.06 -47.55
N ARG D 524 33.36 -24.94 -47.58
CA ARG D 524 32.48 -25.99 -47.09
C ARG D 524 32.48 -27.20 -48.02
N LEU D 525 32.29 -26.95 -49.31
CA LEU D 525 32.18 -28.02 -50.29
C LEU D 525 33.53 -28.68 -50.59
N THR D 526 34.60 -27.88 -50.54
CA THR D 526 35.93 -28.40 -50.82
C THR D 526 36.89 -28.06 -49.68
N GLY D 527 37.59 -29.08 -49.18
CA GLY D 527 38.53 -28.89 -48.08
C GLY D 527 39.80 -28.18 -48.51
N GLN D 528 39.65 -26.95 -48.97
CA GLN D 528 40.80 -26.15 -49.41
C GLN D 528 41.12 -25.09 -48.36
N SER D 529 42.04 -24.19 -48.71
CA SER D 529 42.42 -23.11 -47.82
C SER D 529 41.62 -21.85 -48.14
N GLN D 530 41.55 -20.92 -47.18
CA GLN D 530 40.82 -19.67 -47.40
C GLN D 530 41.44 -18.85 -48.52
N GLN D 531 42.77 -18.77 -48.54
CA GLN D 531 43.48 -18.02 -49.57
C GLN D 531 43.12 -18.56 -50.95
N ARG D 532 43.23 -19.88 -51.12
CA ARG D 532 42.83 -20.53 -52.35
C ARG D 532 41.36 -20.20 -52.63
N CYS D 533 40.49 -20.54 -51.67
CA CYS D 533 39.05 -20.34 -51.84
C CYS D 533 38.63 -18.88 -52.16
N THR D 534 39.30 -17.94 -51.49
CA THR D 534 39.08 -16.52 -51.74
C THR D 534 39.41 -16.15 -53.18
N GLU D 535 40.40 -16.81 -53.75
CA GLU D 535 40.76 -16.60 -55.13
C GLU D 535 39.75 -17.25 -56.11
N VAL D 536 39.31 -18.49 -55.85
CA VAL D 536 38.48 -19.23 -56.80
C VAL D 536 37.30 -18.42 -57.32
N LEU D 537 36.88 -17.43 -56.53
CA LEU D 537 35.94 -16.41 -56.98
C LEU D 537 36.59 -15.48 -58.02
N LEU D 538 37.35 -16.05 -58.96
CA LEU D 538 38.07 -15.27 -59.97
C LEU D 538 37.09 -14.49 -60.82
N GLN D 539 36.03 -15.18 -61.25
CA GLN D 539 35.06 -14.63 -62.20
C GLN D 539 34.03 -13.70 -61.55
N SER D 540 34.41 -13.13 -60.40
CA SER D 540 33.55 -12.23 -59.62
C SER D 540 32.97 -11.08 -60.43
N ILE D 556 37.06 -4.67 -51.32
CA ILE D 556 35.89 -5.52 -51.19
C ILE D 556 34.68 -4.83 -51.82
N ALA D 557 34.56 -3.53 -51.56
CA ALA D 557 33.46 -2.73 -52.09
C ALA D 557 33.45 -2.71 -53.62
N GLY D 558 34.64 -2.83 -54.22
CA GLY D 558 34.76 -2.92 -55.66
C GLY D 558 34.41 -4.30 -56.18
N HIS D 559 34.71 -5.31 -55.38
CA HIS D 559 34.37 -6.69 -55.72
C HIS D 559 32.87 -6.92 -55.66
N VAL D 560 32.24 -6.42 -54.59
CA VAL D 560 30.81 -6.56 -54.40
C VAL D 560 30.02 -5.87 -55.51
N GLU D 561 30.42 -4.65 -55.85
CA GLU D 561 29.74 -3.87 -56.89
C GLU D 561 29.88 -4.54 -58.25
N ALA D 562 30.91 -5.36 -58.40
CA ALA D 562 31.13 -6.12 -59.62
C ALA D 562 30.49 -7.49 -59.54
N ALA D 563 30.22 -7.95 -58.32
CA ALA D 563 29.60 -9.25 -58.10
C ALA D 563 28.08 -9.16 -58.20
N ALA D 564 27.55 -7.97 -58.00
CA ALA D 564 26.10 -7.75 -58.10
C ALA D 564 25.69 -7.52 -59.54
N SER D 565 26.66 -7.15 -60.37
CA SER D 565 26.41 -6.92 -61.79
C SER D 565 26.23 -8.25 -62.52
N GLN D 566 27.12 -9.20 -62.24
CA GLN D 566 27.09 -10.51 -62.87
C GLN D 566 26.32 -11.50 -62.01
N ASP D 567 25.54 -12.37 -62.66
CA ASP D 567 24.75 -13.37 -61.96
C ASP D 567 25.55 -14.66 -61.78
N LYS D 568 24.99 -15.59 -61.00
CA LYS D 568 25.58 -16.91 -60.74
C LYS D 568 27.10 -16.94 -60.50
N VAL D 569 27.61 -15.90 -59.84
CA VAL D 569 29.04 -15.79 -59.59
C VAL D 569 29.56 -16.85 -58.62
N LEU D 570 28.65 -17.47 -57.88
CA LEU D 570 29.02 -18.50 -56.92
C LEU D 570 28.92 -19.94 -57.47
N PRO D 571 27.82 -20.29 -58.17
CA PRO D 571 27.77 -21.62 -58.76
C PRO D 571 28.90 -21.90 -59.76
N VAL D 572 29.33 -20.86 -60.48
CA VAL D 572 30.43 -20.99 -61.42
C VAL D 572 31.74 -21.23 -60.67
N ALA D 573 31.85 -20.65 -59.48
CA ALA D 573 33.07 -20.76 -58.68
C ALA D 573 33.24 -22.13 -58.04
N ILE D 574 32.16 -22.66 -57.47
CA ILE D 574 32.23 -23.93 -56.74
C ILE D 574 32.52 -25.14 -57.64
N VAL D 575 31.93 -25.15 -58.83
CA VAL D 575 32.15 -26.26 -59.76
C VAL D 575 33.60 -26.27 -60.25
N SER D 576 34.21 -25.08 -60.32
CA SER D 576 35.60 -24.94 -60.74
C SER D 576 36.56 -25.55 -59.71
N LEU D 577 36.41 -25.14 -58.46
CA LEU D 577 37.29 -25.59 -57.38
C LEU D 577 37.26 -27.10 -57.17
N LEU D 578 36.08 -27.69 -57.37
CA LEU D 578 35.89 -29.12 -57.13
C LEU D 578 36.77 -30.00 -58.03
N ARG D 579 36.80 -29.69 -59.32
CA ARG D 579 37.56 -30.49 -60.27
C ARG D 579 38.78 -29.76 -60.85
N SER D 580 39.02 -28.54 -60.35
CA SER D 580 40.14 -27.72 -60.80
C SER D 580 40.13 -27.53 -62.31
N CYS D 581 39.20 -26.73 -62.81
CA CYS D 581 39.05 -26.52 -64.24
C CYS D 581 38.99 -25.04 -64.60
N THR D 582 38.81 -24.76 -65.89
CA THR D 582 38.72 -23.39 -66.38
C THR D 582 37.39 -22.77 -66.00
N ILE D 583 37.41 -21.47 -65.68
CA ILE D 583 36.20 -20.75 -65.29
C ILE D 583 35.18 -20.72 -66.43
N GLN D 584 35.67 -20.59 -67.66
CA GLN D 584 34.80 -20.55 -68.82
C GLN D 584 34.22 -21.95 -69.08
N ASP D 585 35.04 -22.98 -68.89
CA ASP D 585 34.60 -24.35 -69.02
C ASP D 585 33.56 -24.68 -67.97
N SER D 586 33.76 -24.17 -66.76
CA SER D 586 32.85 -24.41 -65.65
C SER D 586 31.54 -23.67 -65.85
N ARG D 587 31.60 -22.55 -66.56
CA ARG D 587 30.42 -21.73 -66.82
C ARG D 587 29.56 -22.33 -67.94
N SER D 588 30.23 -22.99 -68.88
CA SER D 588 29.53 -23.60 -70.01
C SER D 588 28.74 -24.83 -69.57
N ARG D 589 29.28 -25.57 -68.61
CA ARG D 589 28.61 -26.76 -68.09
C ARG D 589 27.31 -26.42 -67.38
N ILE D 590 27.27 -25.25 -66.77
CA ILE D 590 26.08 -24.79 -66.05
C ILE D 590 24.99 -24.37 -67.03
N ASN D 591 25.37 -23.67 -68.10
CA ASN D 591 24.43 -23.25 -69.13
C ASN D 591 23.81 -24.43 -69.87
N SER D 595 19.99 -28.10 -64.57
CA SER D 595 19.88 -27.87 -63.13
C SER D 595 21.23 -27.58 -62.51
N ILE D 596 21.30 -26.55 -61.68
CA ILE D 596 22.53 -26.17 -61.00
C ILE D 596 22.91 -27.22 -59.95
N ARG D 597 21.90 -27.75 -59.26
CA ARG D 597 22.12 -28.78 -58.24
C ARG D 597 22.74 -30.04 -58.84
N SER D 598 22.37 -30.34 -60.08
CA SER D 598 22.88 -31.52 -60.76
C SER D 598 24.38 -31.39 -61.08
N ALA D 599 24.83 -30.14 -61.21
CA ALA D 599 26.24 -29.87 -61.51
C ALA D 599 27.12 -30.07 -60.27
N ILE D 600 26.52 -29.89 -59.09
CA ILE D 600 27.25 -30.02 -57.84
C ILE D 600 27.30 -31.47 -57.39
N GLU D 601 26.21 -32.20 -57.58
CA GLU D 601 26.13 -33.60 -57.21
C GLU D 601 27.07 -34.44 -58.06
N SER D 602 27.13 -34.14 -59.35
CA SER D 602 28.01 -34.87 -60.27
C SER D 602 29.47 -34.56 -59.98
N SER D 603 29.81 -33.28 -59.94
CA SER D 603 31.18 -32.85 -59.66
C SER D 603 31.47 -32.91 -58.17
#